data_4GNX
#
_entry.id   4GNX
#
_cell.length_a   78.100
_cell.length_b   91.400
_cell.length_c   114.600
_cell.angle_alpha   90.000
_cell.angle_beta   97.800
_cell.angle_gamma   90.000
#
_symmetry.space_group_name_H-M   'P 1 21 1'
#
loop_
_entity.id
_entity.type
_entity.pdbx_description
1 polymer 'Putative uncharacterized protein'
2 polymer 'Putative uncharacterized protein'
3 polymer 'Putative uncharacterized protein'
4 polymer 'DNA (25-MER)'
5 non-polymer 'ZINC ION'
#
loop_
_entity_poly.entity_id
_entity_poly.type
_entity_poly.pdbx_seq_one_letter_code
_entity_poly.pdbx_strand_id
1 'polypeptide(L)'
;MEKPTPLINSSMLGQYVGQTVRIVGKVHKVTGNTLLMQTSDLGNVEIAMTPDSDVSSSTFVEVTGKVSDAGSSFQANQIR
EFTTVDCGHDVDLTLVENVVQISAAFPNLFSDST
;
A,X
2 'polypeptide(L)'
;GKKAGNNTLRPVTIRQILNAEQPHPDAEFILDGAELGQLTFVAVVRNISRNATNVAYSVEDGTGQIEVRQWLDSSSDDSS
KASEIRNNVYVRVLGTLKSFQNRRSISSGHMRPVIDYNEVMFHRLEAVHAHLQVTR
;
B,Y
3 'polypeptide(L)'
;MPIYPIEGLSPYQNRWTIKARVTSKSDIRHWSNQRGEGKLFSVNLLDDSGEIKATGFNDAVDRFYPLLQENHVYLISKAR
VNIAKKQFSNLQNEYEITFENSTEIEECTDATDVPEVKYEFVRINELESVEANQQCDVIGILDSYGELSEIVSKASQRPV
QKRELTLVDQGNRSVKLTLWGKTAETFPTNAGVDEKPVLAFKGVKVGDFGGRSLSMFSSSTMLINPDITESHVLRGWYDN
DGAHAQFQPYTNGGVGGGAMGGGGAGANMAERRTIVQVKDENLGMSEKPDYFNVRATVVYIKQENLYYTACASEGCNKKV
NLDHENNWRCEKCDRSYATPEYRYILSTNVADATGQMWLSGFNEDATQLIGMSAGELHKLREESESEFSAALHRAANRMY
MFNCRAKMDTFNDTARVRYTISRAAPVDFAKAGMELVDAIRAYM
;
C,Z
4 'polydeoxyribonucleotide'
;(DT)(DT)(DT)(DT)(DT)(DT)(DT)(DT)(DT)(DT)(DT)(DT)(DT)(DT)(DT)(DT)(DT)(DT)(DT)(DT)
(DT)(DT)(DT)(DT)(DT)(DT)(DT)(DT)(DT)(DT)(DT)(DT)(DT)(DT)(DT)(DT)(DT)(DT)(DT)(DT)
(DT)(DT)(DT)(DT)(DT)(DT)(DT)(DT)(DT)(DT)(DT)(DT)(DT)(DT)(DT)(DT)(DT)(DT)(DT)(DT)
(DT)(DT)
;
K,L
#
# COMPACT_ATOMS: atom_id res chain seq x y z
N MET A 1 17.14 8.87 4.77
CA MET A 1 16.05 7.85 4.77
C MET A 1 15.49 7.71 3.37
N GLU A 2 15.04 8.84 2.84
CA GLU A 2 14.38 8.87 1.54
C GLU A 2 13.02 8.21 1.64
N LYS A 3 12.01 9.06 1.74
CA LYS A 3 10.62 8.67 1.65
C LYS A 3 10.32 8.29 0.22
N PRO A 4 9.63 7.18 0.02
CA PRO A 4 9.14 6.84 -1.30
C PRO A 4 8.39 8.02 -1.89
N THR A 5 8.49 8.18 -3.20
CA THR A 5 7.76 9.18 -3.93
C THR A 5 6.77 8.53 -4.91
N PRO A 6 5.51 8.29 -4.47
CA PRO A 6 4.49 7.66 -5.30
C PRO A 6 4.43 8.19 -6.74
N LEU A 7 4.25 7.27 -7.69
CA LEU A 7 3.95 7.61 -9.10
C LEU A 7 2.48 7.73 -9.18
N ILE A 8 1.97 8.92 -9.45
CA ILE A 8 0.53 9.10 -9.37
C ILE A 8 -0.07 9.72 -10.63
N ASN A 9 -1.38 9.62 -10.74
CA ASN A 9 -2.12 10.34 -11.76
C ASN A 9 -2.91 11.45 -11.08
N SER A 10 -3.71 12.19 -11.83
CA SER A 10 -4.35 13.39 -11.31
C SER A 10 -5.39 13.09 -10.22
N SER A 11 -5.96 11.89 -10.27
CA SER A 11 -7.05 11.57 -9.37
C SER A 11 -6.52 11.20 -7.99
N MET A 12 -5.24 10.93 -7.89
CA MET A 12 -4.64 10.58 -6.62
C MET A 12 -4.11 11.79 -5.86
N LEU A 13 -4.18 12.97 -6.47
CA LEU A 13 -3.68 14.17 -5.80
C LEU A 13 -4.23 14.34 -4.39
N GLY A 14 -5.55 14.25 -4.24
CA GLY A 14 -6.19 14.37 -2.93
C GLY A 14 -5.54 13.56 -1.82
N GLN A 15 -4.99 12.39 -2.16
CA GLN A 15 -4.38 11.50 -1.17
C GLN A 15 -2.97 11.92 -0.73
N TYR A 16 -2.44 12.97 -1.35
CA TYR A 16 -1.09 13.41 -1.00
C TYR A 16 -0.95 14.91 -0.76
N VAL A 17 -1.96 15.55 -0.21
CA VAL A 17 -1.78 16.96 0.07
C VAL A 17 -0.58 17.17 1.02
N GLY A 18 0.31 18.06 0.62
CA GLY A 18 1.53 18.35 1.37
C GLY A 18 2.67 17.37 1.19
N GLN A 19 2.52 16.44 0.26
CA GLN A 19 3.54 15.41 0.07
C GLN A 19 4.16 15.50 -1.31
N THR A 20 5.36 14.94 -1.41
CA THR A 20 6.11 15.00 -2.64
C THR A 20 5.70 13.85 -3.50
N VAL A 21 5.20 14.12 -4.69
CA VAL A 21 4.85 13.05 -5.59
C VAL A 21 5.67 13.09 -6.88
N ARG A 22 5.39 12.12 -7.74
CA ARG A 22 6.01 12.05 -9.05
C ARG A 22 4.90 11.84 -10.04
N ILE A 23 4.89 12.60 -11.14
CA ILE A 23 3.79 12.51 -12.11
C ILE A 23 4.28 12.74 -13.54
N VAL A 24 3.73 11.97 -14.48
CA VAL A 24 4.10 12.04 -15.89
C VAL A 24 2.96 12.53 -16.75
N GLY A 25 3.25 13.38 -17.71
CA GLY A 25 2.20 13.84 -18.58
C GLY A 25 2.70 14.51 -19.82
N LYS A 26 1.79 14.65 -20.77
CA LYS A 26 2.02 15.33 -22.05
C LYS A 26 1.81 16.82 -21.84
N VAL A 27 2.75 17.63 -22.31
CA VAL A 27 2.68 19.07 -22.17
C VAL A 27 1.61 19.63 -23.09
N HIS A 28 0.63 20.30 -22.50
CA HIS A 28 -0.47 20.90 -23.23
C HIS A 28 -0.14 22.33 -23.57
N LYS A 29 0.14 23.11 -22.54
CA LYS A 29 0.45 24.52 -22.69
C LYS A 29 1.50 24.92 -21.65
N VAL A 30 2.26 25.97 -21.94
CA VAL A 30 3.14 26.56 -20.94
C VAL A 30 2.86 28.07 -20.89
N THR A 31 2.42 28.54 -19.73
CA THR A 31 2.02 29.93 -19.55
C THR A 31 2.86 30.51 -18.43
N GLY A 32 3.93 31.19 -18.82
CA GLY A 32 4.92 31.71 -17.88
C GLY A 32 5.61 30.58 -17.13
N ASN A 33 5.51 30.60 -15.82
CA ASN A 33 6.05 29.54 -14.98
C ASN A 33 4.99 28.52 -14.60
N THR A 34 3.87 28.50 -15.29
CA THR A 34 2.88 27.49 -15.05
C THR A 34 2.86 26.55 -16.23
N LEU A 35 2.79 25.25 -15.94
CA LEU A 35 2.70 24.23 -16.97
C LEU A 35 1.36 23.55 -16.84
N LEU A 36 0.69 23.34 -17.97
CA LEU A 36 -0.49 22.49 -17.96
C LEU A 36 -0.16 21.12 -18.56
N MET A 37 -0.43 20.09 -17.76
CA MET A 37 -0.07 18.73 -18.10
C MET A 37 -1.28 17.79 -18.17
N GLN A 38 -1.30 16.93 -19.19
CA GLN A 38 -2.27 15.83 -19.27
C GLN A 38 -1.67 14.54 -18.72
N THR A 39 -2.41 13.89 -17.82
CA THR A 39 -1.97 12.66 -17.17
C THR A 39 -2.53 11.41 -17.84
N SER A 40 -1.89 10.25 -17.58
CA SER A 40 -2.40 8.94 -17.97
C SER A 40 -3.85 8.78 -17.56
N ASP A 41 -4.17 9.42 -16.45
CA ASP A 41 -5.51 9.55 -15.91
C ASP A 41 -6.50 10.15 -16.90
N LEU A 42 -5.97 10.86 -17.90
CA LEU A 42 -6.72 11.75 -18.80
C LEU A 42 -7.11 13.07 -18.18
N GLY A 43 -6.73 13.26 -16.93
CA GLY A 43 -6.98 14.52 -16.25
C GLY A 43 -5.82 15.50 -16.32
N ASN A 44 -6.13 16.79 -16.26
CA ASN A 44 -5.12 17.84 -16.41
C ASN A 44 -4.70 18.33 -15.04
N VAL A 45 -3.48 18.90 -14.96
CA VAL A 45 -2.84 19.26 -13.70
C VAL A 45 -2.02 20.53 -13.90
N GLU A 46 -2.16 21.48 -12.96
CA GLU A 46 -1.47 22.77 -13.04
C GLU A 46 -0.16 22.64 -12.26
N ILE A 47 0.98 22.87 -12.92
CA ILE A 47 2.28 22.77 -12.23
C ILE A 47 3.00 24.12 -12.19
N ALA A 48 3.44 24.51 -11.00
CA ALA A 48 4.19 25.75 -10.82
C ALA A 48 5.65 25.40 -11.00
N MET A 49 6.26 26.01 -12.00
CA MET A 49 7.58 25.65 -12.46
C MET A 49 8.68 26.52 -11.85
N THR A 50 9.83 25.90 -11.59
CA THR A 50 11.09 26.57 -11.25
C THR A 50 11.47 27.59 -12.33
N PRO A 51 12.07 28.73 -11.92
CA PRO A 51 12.60 29.73 -12.84
C PRO A 51 13.38 29.15 -14.04
N ASP A 52 14.34 28.27 -13.77
CA ASP A 52 15.04 27.60 -14.87
C ASP A 52 14.35 26.30 -15.26
N SER A 53 13.61 26.34 -16.36
CA SER A 53 12.99 25.16 -16.96
C SER A 53 12.68 25.45 -18.43
N ASP A 54 13.18 24.60 -19.32
CA ASP A 54 12.93 24.74 -20.77
C ASP A 54 11.89 23.72 -21.26
N VAL A 55 10.96 23.40 -20.36
CA VAL A 55 9.82 22.52 -20.61
C VAL A 55 9.12 22.83 -21.94
N SER A 56 9.01 24.12 -22.27
CA SER A 56 8.38 24.54 -23.52
C SER A 56 8.70 23.65 -24.73
N SER A 57 9.96 23.26 -24.89
CA SER A 57 10.39 22.52 -26.07
C SER A 57 10.46 21.00 -25.86
N SER A 58 9.47 20.46 -25.14
CA SER A 58 9.45 19.02 -24.83
C SER A 58 8.03 18.45 -24.68
N THR A 59 7.85 17.19 -25.05
CA THR A 59 6.50 16.67 -25.25
C THR A 59 5.96 16.03 -23.97
N PHE A 60 6.66 15.02 -23.46
CA PHE A 60 6.27 14.42 -22.20
C PHE A 60 7.28 14.74 -21.16
N VAL A 61 6.81 14.90 -19.94
CA VAL A 61 7.67 15.34 -18.87
C VAL A 61 7.39 14.55 -17.59
N GLU A 62 8.42 14.37 -16.76
CA GLU A 62 8.20 13.75 -15.42
C GLU A 62 8.54 14.75 -14.35
N VAL A 63 7.55 15.11 -13.54
CA VAL A 63 7.76 16.11 -12.48
C VAL A 63 7.83 15.47 -11.13
N THR A 64 8.85 15.81 -10.36
CA THR A 64 8.82 15.53 -8.95
C THR A 64 8.40 16.82 -8.30
N GLY A 65 7.29 16.76 -7.56
CA GLY A 65 6.76 17.98 -6.97
C GLY A 65 5.95 17.74 -5.73
N LYS A 66 5.61 18.82 -5.06
CA LYS A 66 4.87 18.75 -3.82
C LYS A 66 3.45 19.22 -4.10
N VAL A 67 2.47 18.41 -3.70
CA VAL A 67 1.06 18.71 -3.92
C VAL A 67 0.58 19.89 -3.04
N SER A 68 -0.03 20.91 -3.65
CA SER A 68 -0.47 22.11 -2.91
C SER A 68 -1.89 22.01 -2.41
N ASP A 69 -2.12 22.47 -1.18
CA ASP A 69 -3.46 22.51 -0.56
C ASP A 69 -4.42 23.60 -1.07
N ALA A 70 -4.99 23.31 -2.25
CA ALA A 70 -6.19 23.98 -2.77
C ALA A 70 -7.03 22.93 -3.54
N GLY A 71 -6.34 22.17 -4.40
CA GLY A 71 -6.94 21.03 -5.14
C GLY A 71 -5.89 20.17 -5.83
N SER A 72 -5.58 20.54 -7.08
CA SER A 72 -4.63 19.82 -7.92
C SER A 72 -3.58 20.76 -8.57
N SER A 73 -2.88 21.49 -7.72
CA SER A 73 -1.82 22.42 -8.11
C SER A 73 -0.56 21.80 -7.55
N PHE A 74 0.58 22.46 -7.73
CA PHE A 74 1.83 21.74 -7.67
C PHE A 74 3.13 22.52 -7.69
N GLN A 75 3.97 22.39 -6.66
CA GLN A 75 5.23 23.12 -6.64
C GLN A 75 6.33 22.19 -7.15
N ALA A 76 6.75 22.38 -8.40
CA ALA A 76 7.82 21.55 -8.99
C ALA A 76 9.12 21.67 -8.21
N ASN A 77 9.71 20.53 -7.84
CA ASN A 77 11.04 20.47 -7.28
C ASN A 77 12.01 20.20 -8.43
N GLN A 78 11.83 19.07 -9.12
CA GLN A 78 12.67 18.68 -10.25
C GLN A 78 11.86 18.28 -11.45
N ILE A 79 12.50 18.23 -12.62
CA ILE A 79 11.77 17.91 -13.83
C ILE A 79 12.65 17.11 -14.83
N ARG A 80 12.04 16.07 -15.41
CA ARG A 80 12.69 15.15 -16.35
C ARG A 80 12.07 15.16 -17.78
N GLU A 81 12.86 15.29 -18.82
CA GLU A 81 12.36 15.25 -20.21
C GLU A 81 12.15 13.82 -20.75
N PHE A 82 11.41 13.65 -21.85
CA PHE A 82 11.35 12.37 -22.62
C PHE A 82 11.28 12.46 -24.16
N THR A 83 10.06 12.28 -24.68
CA THR A 83 9.70 12.05 -26.10
C THR A 83 10.70 12.21 -27.26
N THR A 84 10.48 13.30 -27.99
CA THR A 84 11.14 13.63 -29.26
C THR A 84 10.88 15.13 -29.54
N VAL A 85 11.52 15.66 -30.58
CA VAL A 85 11.26 17.03 -31.09
C VAL A 85 11.12 17.07 -32.62
N ASP A 90 7.68 9.79 -27.62
CA ASP A 90 6.81 8.63 -27.84
C ASP A 90 6.59 7.84 -26.56
N VAL A 91 6.33 8.55 -25.45
CA VAL A 91 5.85 7.96 -24.18
C VAL A 91 4.48 7.33 -24.39
N ASP A 92 4.27 6.12 -23.86
CA ASP A 92 2.97 5.45 -23.99
C ASP A 92 2.15 5.62 -22.73
N LEU A 93 1.20 6.54 -22.77
CA LEU A 93 0.38 6.91 -21.61
C LEU A 93 -0.49 5.79 -21.03
N THR A 94 -1.03 4.93 -21.88
CA THR A 94 -1.79 3.78 -21.43
C THR A 94 -0.89 2.84 -20.62
N LEU A 95 0.32 2.61 -21.11
CA LEU A 95 1.27 1.84 -20.34
C LEU A 95 1.42 2.49 -18.99
N VAL A 96 1.56 3.80 -18.98
CA VAL A 96 1.81 4.52 -17.75
C VAL A 96 0.65 4.35 -16.76
N GLU A 97 -0.59 4.37 -17.27
CA GLU A 97 -1.73 4.32 -16.38
C GLU A 97 -1.68 3.02 -15.60
N ASN A 98 -1.32 1.96 -16.33
CA ASN A 98 -1.29 0.64 -15.79
C ASN A 98 -0.20 0.45 -14.75
N VAL A 99 0.94 1.06 -15.00
CA VAL A 99 2.03 0.99 -14.07
C VAL A 99 1.63 1.74 -12.80
N VAL A 100 0.93 2.85 -12.95
CA VAL A 100 0.46 3.59 -11.77
C VAL A 100 -0.41 2.67 -10.91
N GLN A 101 -1.46 2.15 -11.51
CA GLN A 101 -2.36 1.29 -10.82
C GLN A 101 -1.66 0.10 -10.18
N ILE A 102 -0.76 -0.55 -10.93
CA ILE A 102 -0.08 -1.77 -10.46
C ILE A 102 0.87 -1.44 -9.32
N SER A 103 1.59 -0.34 -9.46
CA SER A 103 2.49 0.12 -8.41
C SER A 103 1.73 0.42 -7.11
N ALA A 104 0.53 0.98 -7.22
CA ALA A 104 -0.29 1.20 -6.04
C ALA A 104 -0.63 -0.13 -5.36
N ALA A 105 -0.72 -1.21 -6.13
CA ALA A 105 -1.11 -2.50 -5.60
C ALA A 105 0.03 -3.32 -5.05
N PHE A 106 1.25 -2.80 -5.08
CA PHE A 106 2.42 -3.55 -4.56
C PHE A 106 3.30 -2.72 -3.65
N PRO A 107 2.72 -2.23 -2.53
CA PRO A 107 3.45 -1.30 -1.68
C PRO A 107 4.74 -1.93 -1.13
N ASN A 108 4.80 -3.25 -1.04
CA ASN A 108 6.03 -3.93 -0.62
C ASN A 108 7.23 -3.67 -1.55
N LEU A 109 6.93 -3.33 -2.81
CA LEU A 109 7.95 -3.02 -3.81
C LEU A 109 8.15 -1.52 -4.04
N PHE A 110 7.09 -0.73 -3.91
CA PHE A 110 7.16 0.69 -4.28
C PHE A 110 7.03 1.67 -3.11
N SER A 111 6.92 1.14 -1.89
CA SER A 111 6.66 1.98 -0.75
C SER A 111 7.21 1.44 0.55
N ASP A 112 6.96 2.16 1.65
CA ASP A 112 7.37 1.75 3.01
C ASP A 112 6.55 0.62 3.63
N ASN B 7 22.10 -19.18 -11.15
CA ASN B 7 22.78 -17.85 -11.19
C ASN B 7 22.11 -16.87 -12.17
N THR B 8 21.66 -15.73 -11.68
CA THR B 8 20.59 -15.01 -12.34
C THR B 8 20.79 -13.52 -12.34
N LEU B 9 19.93 -12.82 -13.09
CA LEU B 9 19.94 -11.38 -13.20
C LEU B 9 18.55 -10.85 -12.89
N ARG B 10 18.38 -10.40 -11.65
CA ARG B 10 17.05 -10.09 -11.12
C ARG B 10 16.65 -8.63 -11.23
N PRO B 11 15.52 -8.38 -11.90
CA PRO B 11 15.07 -7.01 -11.92
C PRO B 11 14.45 -6.66 -10.53
N VAL B 12 14.84 -5.53 -9.97
CA VAL B 12 14.49 -5.20 -8.60
C VAL B 12 14.32 -3.71 -8.48
N THR B 13 13.58 -3.32 -7.45
CA THR B 13 13.48 -1.91 -7.07
C THR B 13 14.45 -1.65 -5.95
N ILE B 14 14.83 -0.40 -5.80
CA ILE B 14 15.76 -0.07 -4.76
C ILE B 14 15.18 -0.51 -3.41
N ARG B 15 13.85 -0.40 -3.25
CA ARG B 15 13.23 -0.84 -2.00
C ARG B 15 13.49 -2.31 -1.66
N GLN B 16 13.36 -3.18 -2.69
CA GLN B 16 13.67 -4.59 -2.52
C GLN B 16 15.13 -4.77 -2.18
N ILE B 17 16.01 -4.05 -2.87
CA ILE B 17 17.41 -4.08 -2.46
C ILE B 17 17.52 -3.77 -0.96
N LEU B 18 16.86 -2.71 -0.51
CA LEU B 18 16.91 -2.31 0.89
C LEU B 18 16.25 -3.30 1.86
N ASN B 19 15.29 -4.08 1.36
CA ASN B 19 14.62 -5.01 2.24
C ASN B 19 15.19 -6.40 2.20
N ALA B 20 16.19 -6.62 1.35
CA ALA B 20 16.83 -7.92 1.24
C ALA B 20 17.49 -8.27 2.57
N GLU B 21 17.42 -9.53 2.95
CA GLU B 21 17.91 -9.96 4.23
C GLU B 21 19.31 -10.48 4.04
N GLN B 22 20.19 -10.11 4.96
CA GLN B 22 21.48 -10.73 5.01
C GLN B 22 21.55 -11.54 6.28
N PRO B 23 21.51 -12.88 6.16
CA PRO B 23 21.50 -13.81 7.28
C PRO B 23 22.68 -13.56 8.18
N HIS B 24 22.79 -12.30 8.58
CA HIS B 24 23.76 -11.84 9.55
C HIS B 24 25.19 -11.86 9.01
N PRO B 25 26.02 -12.85 9.40
CA PRO B 25 27.49 -12.70 9.32
C PRO B 25 28.01 -11.75 8.23
N ASP B 26 27.93 -12.20 6.98
CA ASP B 26 28.55 -11.54 5.82
C ASP B 26 28.21 -12.37 4.57
N ALA B 27 27.07 -13.04 4.63
CA ALA B 27 26.67 -14.03 3.62
C ALA B 27 26.11 -13.44 2.32
N GLU B 28 25.59 -14.33 1.48
CA GLU B 28 24.81 -13.96 0.31
C GLU B 28 23.55 -13.26 0.80
N PHE B 29 23.04 -12.33 0.01
CA PHE B 29 21.73 -11.72 0.29
C PHE B 29 20.59 -12.59 -0.19
N ILE B 30 19.43 -12.40 0.45
CA ILE B 30 18.27 -13.18 0.10
C ILE B 30 17.08 -12.27 -0.11
N LEU B 31 16.47 -12.35 -1.29
CA LEU B 31 15.24 -11.63 -1.55
C LEU B 31 14.19 -12.62 -2.01
N ASP B 32 13.02 -12.52 -1.39
CA ASP B 32 11.89 -13.43 -1.62
C ASP B 32 12.33 -14.89 -1.59
N GLY B 33 13.13 -15.26 -0.60
CA GLY B 33 13.59 -16.64 -0.47
C GLY B 33 14.42 -17.12 -1.65
N ALA B 34 15.18 -16.21 -2.24
CA ALA B 34 16.08 -16.56 -3.34
C ALA B 34 17.33 -15.73 -3.26
N GLU B 35 18.45 -16.36 -3.62
CA GLU B 35 19.73 -15.71 -3.66
C GLU B 35 19.64 -14.46 -4.54
N LEU B 36 20.22 -13.36 -4.04
CA LEU B 36 20.24 -12.09 -4.75
C LEU B 36 21.67 -11.71 -5.11
N GLY B 37 22.09 -12.15 -6.28
CA GLY B 37 23.44 -11.90 -6.76
C GLY B 37 23.46 -10.69 -7.66
N GLN B 38 23.58 -10.94 -8.97
CA GLN B 38 23.51 -9.88 -9.94
C GLN B 38 22.08 -9.39 -10.01
N LEU B 39 21.92 -8.10 -10.27
CA LEU B 39 20.61 -7.48 -10.31
C LEU B 39 20.63 -6.28 -11.25
N THR B 40 19.45 -5.83 -11.65
CA THR B 40 19.35 -4.67 -12.50
C THR B 40 18.17 -3.76 -12.17
N PHE B 41 18.33 -2.48 -12.43
CA PHE B 41 17.28 -1.52 -12.16
C PHE B 41 17.49 -0.19 -12.86
N VAL B 42 16.44 0.63 -12.85
CA VAL B 42 16.46 1.91 -13.55
C VAL B 42 16.20 2.98 -12.51
N ALA B 43 16.90 4.09 -12.60
CA ALA B 43 16.88 5.09 -11.53
C ALA B 43 17.41 6.41 -12.08
N VAL B 44 17.28 7.45 -11.25
CA VAL B 44 17.75 8.79 -11.60
C VAL B 44 18.97 9.17 -10.77
N VAL B 45 20.01 9.63 -11.46
CA VAL B 45 21.22 10.06 -10.84
C VAL B 45 20.92 11.38 -10.17
N ARG B 46 21.29 11.49 -8.91
CA ARG B 46 21.04 12.69 -8.15
C ARG B 46 22.32 13.39 -7.70
N ASN B 47 23.38 12.60 -7.50
CA ASN B 47 24.72 13.13 -7.22
C ASN B 47 25.86 12.25 -7.83
N ILE B 48 26.98 12.89 -8.16
CA ILE B 48 28.11 12.19 -8.73
C ILE B 48 29.40 12.62 -8.05
N SER B 49 30.02 11.68 -7.35
CA SER B 49 31.27 11.94 -6.67
C SER B 49 32.37 11.13 -7.35
N ARG B 50 33.44 11.80 -7.75
CA ARG B 50 34.50 11.14 -8.50
C ARG B 50 35.75 10.94 -7.67
N ASN B 51 36.25 9.71 -7.65
CA ASN B 51 37.47 9.36 -6.93
C ASN B 51 38.58 8.94 -7.87
N ALA B 52 39.75 8.65 -7.32
CA ALA B 52 40.82 8.06 -8.12
C ALA B 52 40.44 6.64 -8.55
N THR B 53 39.83 5.90 -7.64
CA THR B 53 39.54 4.48 -7.88
C THR B 53 38.19 4.22 -8.52
N ASN B 54 37.20 5.05 -8.18
CA ASN B 54 35.80 4.80 -8.56
C ASN B 54 35.00 6.06 -8.82
N VAL B 55 33.85 5.90 -9.48
CA VAL B 55 32.84 6.95 -9.58
C VAL B 55 31.63 6.54 -8.75
N ALA B 56 31.27 7.38 -7.80
CA ALA B 56 30.08 7.12 -6.97
C ALA B 56 28.90 7.98 -7.39
N TYR B 57 27.77 7.32 -7.67
CA TYR B 57 26.50 7.98 -8.03
C TYR B 57 25.51 7.78 -6.92
N SER B 58 24.75 8.83 -6.61
CA SER B 58 23.64 8.67 -5.71
C SER B 58 22.45 8.49 -6.59
N VAL B 59 21.68 7.47 -6.31
CA VAL B 59 20.70 7.04 -7.26
C VAL B 59 19.38 6.73 -6.57
N GLU B 60 18.29 7.10 -7.26
CA GLU B 60 16.98 7.13 -6.66
C GLU B 60 15.90 6.84 -7.73
N ASP B 61 14.95 5.95 -7.40
CA ASP B 61 13.88 5.49 -8.31
C ASP B 61 12.48 5.62 -7.71
N GLY B 62 12.26 6.63 -6.87
CA GLY B 62 10.96 6.84 -6.28
C GLY B 62 10.58 5.85 -5.21
N THR B 63 11.41 4.82 -5.00
CA THR B 63 11.10 3.83 -3.99
C THR B 63 12.10 3.82 -2.83
N GLY B 64 13.28 4.36 -3.09
CA GLY B 64 14.34 4.51 -2.09
C GLY B 64 15.57 5.03 -2.80
N GLN B 65 16.67 5.24 -2.07
CA GLN B 65 17.91 5.77 -2.61
C GLN B 65 19.08 4.84 -2.30
N ILE B 66 20.03 4.70 -3.22
CA ILE B 66 21.19 3.87 -2.95
C ILE B 66 22.39 4.39 -3.71
N GLU B 67 23.59 4.05 -3.22
CA GLU B 67 24.84 4.36 -3.90
C GLU B 67 25.18 3.26 -4.84
N VAL B 68 25.56 3.65 -6.05
CA VAL B 68 26.20 2.72 -6.97
C VAL B 68 27.58 3.23 -7.39
N ARG B 69 28.61 2.45 -7.08
CA ARG B 69 29.93 2.84 -7.49
C ARG B 69 30.44 1.93 -8.57
N GLN B 70 30.97 2.55 -9.62
CA GLN B 70 31.53 1.81 -10.74
C GLN B 70 33.00 2.11 -10.84
N TRP B 71 33.75 1.13 -11.30
CA TRP B 71 35.20 1.14 -11.12
C TRP B 71 35.94 1.56 -12.36
N LEU B 72 36.99 2.32 -12.16
CA LEU B 72 37.80 2.84 -13.24
C LEU B 72 39.04 1.99 -13.34
N ASP B 73 39.54 1.81 -14.56
CA ASP B 73 40.79 1.06 -14.80
C ASP B 73 41.67 1.73 -15.86
N ALA B 82 32.04 8.35 -19.04
CA ALA B 82 30.76 8.50 -18.34
C ALA B 82 30.17 9.92 -18.42
N SER B 83 30.89 10.84 -19.09
CA SER B 83 30.48 12.26 -19.24
C SER B 83 29.08 12.43 -19.88
N GLU B 84 28.58 11.37 -20.50
CA GLU B 84 27.22 11.32 -21.01
C GLU B 84 26.21 11.29 -19.86
N ILE B 85 26.56 10.57 -18.79
CA ILE B 85 25.76 10.53 -17.55
C ILE B 85 25.91 11.80 -16.72
N ARG B 86 24.77 12.40 -16.38
CA ARG B 86 24.73 13.58 -15.56
C ARG B 86 23.57 13.50 -14.57
N ASN B 87 23.52 14.45 -13.65
CA ASN B 87 22.45 14.50 -12.67
C ASN B 87 21.07 14.61 -13.31
N ASN B 88 20.07 14.08 -12.63
CA ASN B 88 18.70 14.24 -13.06
C ASN B 88 18.41 13.52 -14.40
N VAL B 89 19.02 12.35 -14.56
CA VAL B 89 18.96 11.55 -15.80
C VAL B 89 18.63 10.09 -15.46
N TYR B 90 17.71 9.48 -16.19
CA TYR B 90 17.46 8.07 -16.00
C TYR B 90 18.57 7.17 -16.53
N VAL B 91 18.85 6.10 -15.80
CA VAL B 91 19.87 5.15 -16.20
C VAL B 91 19.48 3.71 -15.87
N ARG B 92 19.99 2.80 -16.70
CA ARG B 92 19.85 1.35 -16.47
C ARG B 92 21.11 0.95 -15.71
N VAL B 93 20.93 0.30 -14.56
CA VAL B 93 22.07 -0.12 -13.75
C VAL B 93 22.17 -1.62 -13.75
N LEU B 94 23.35 -2.15 -14.04
CA LEU B 94 23.63 -3.56 -13.85
C LEU B 94 24.73 -3.70 -12.80
N GLY B 95 24.57 -4.58 -11.82
CA GLY B 95 25.55 -4.61 -10.72
C GLY B 95 25.43 -5.77 -9.76
N THR B 96 26.28 -5.80 -8.73
CA THR B 96 26.16 -6.79 -7.66
C THR B 96 25.87 -6.04 -6.36
N LEU B 97 24.98 -6.60 -5.55
CA LEU B 97 24.69 -6.04 -4.22
C LEU B 97 25.81 -6.31 -3.21
N LYS B 98 26.26 -5.27 -2.52
CA LYS B 98 27.38 -5.41 -1.59
C LYS B 98 27.15 -4.70 -0.28
N SER B 99 27.77 -5.23 0.76
CA SER B 99 27.72 -4.63 2.05
C SER B 99 29.11 -4.34 2.60
N PHE B 100 29.24 -3.14 3.14
CA PHE B 100 30.42 -2.70 3.86
C PHE B 100 29.86 -2.03 5.08
N GLN B 101 30.33 -2.44 6.25
CA GLN B 101 30.10 -1.69 7.46
C GLN B 101 28.63 -1.28 7.60
N ASN B 102 27.72 -2.25 7.52
CA ASN B 102 26.28 -1.98 7.67
C ASN B 102 25.63 -1.13 6.56
N ARG B 103 26.41 -0.75 5.54
CA ARG B 103 25.85 -0.02 4.39
C ARG B 103 25.72 -0.90 3.15
N ARG B 104 24.66 -0.66 2.39
CA ARG B 104 24.43 -1.41 1.18
C ARG B 104 24.62 -0.51 -0.01
N SER B 105 25.30 -1.03 -1.00
CA SER B 105 25.45 -0.30 -2.25
C SER B 105 25.64 -1.26 -3.38
N ILE B 106 25.37 -0.79 -4.58
CA ILE B 106 25.58 -1.57 -5.75
C ILE B 106 26.98 -1.39 -6.24
N SER B 107 27.68 -2.50 -6.46
CA SER B 107 28.94 -2.47 -7.19
C SER B 107 28.63 -2.76 -8.65
N SER B 108 28.93 -1.80 -9.52
CA SER B 108 28.46 -1.83 -10.91
C SER B 108 29.58 -1.83 -11.92
N GLY B 109 29.32 -2.46 -13.06
CA GLY B 109 30.23 -2.38 -14.19
C GLY B 109 29.58 -1.56 -15.27
N HIS B 110 28.30 -1.80 -15.49
CA HIS B 110 27.64 -1.16 -16.60
C HIS B 110 26.55 -0.24 -16.16
N MET B 111 26.49 0.92 -16.80
CA MET B 111 25.52 1.92 -16.44
C MET B 111 25.23 2.77 -17.65
N ARG B 112 24.01 2.68 -18.16
CA ARG B 112 23.68 3.35 -19.41
C ARG B 112 22.44 4.28 -19.35
N PRO B 113 22.56 5.47 -19.94
CA PRO B 113 21.42 6.34 -20.13
C PRO B 113 20.27 5.60 -20.76
N VAL B 114 19.18 5.50 -20.01
CA VAL B 114 17.93 4.96 -20.51
C VAL B 114 17.51 5.39 -21.94
N ILE B 115 17.02 4.40 -22.69
CA ILE B 115 16.70 4.52 -24.12
C ILE B 115 15.55 5.52 -24.37
N ASP B 116 14.39 5.17 -23.82
CA ASP B 116 13.20 6.01 -23.79
C ASP B 116 12.54 5.81 -22.42
N TYR B 117 11.56 6.66 -22.11
CA TYR B 117 10.88 6.60 -20.83
C TYR B 117 10.10 5.31 -20.63
N ASN B 118 9.58 4.74 -21.71
CA ASN B 118 8.89 3.48 -21.62
C ASN B 118 9.72 2.40 -20.95
N GLU B 119 11.04 2.46 -21.06
CA GLU B 119 11.86 1.48 -20.39
C GLU B 119 11.71 1.56 -18.87
N VAL B 120 11.68 2.78 -18.34
CA VAL B 120 11.44 3.02 -16.92
C VAL B 120 10.13 2.32 -16.49
N MET B 121 9.11 2.46 -17.32
CA MET B 121 7.84 1.83 -17.02
C MET B 121 7.96 0.32 -17.12
N PHE B 122 8.56 -0.16 -18.19
CA PHE B 122 8.78 -1.60 -18.40
C PHE B 122 9.49 -2.20 -17.22
N HIS B 123 10.48 -1.48 -16.71
CA HIS B 123 11.21 -1.99 -15.58
C HIS B 123 10.43 -2.23 -14.27
N ARG B 124 9.50 -1.34 -13.94
CA ARG B 124 8.71 -1.55 -12.74
C ARG B 124 7.92 -2.84 -12.85
N LEU B 125 7.38 -3.08 -14.05
CA LEU B 125 6.56 -4.26 -14.30
C LEU B 125 7.40 -5.51 -14.25
N GLU B 126 8.66 -5.38 -14.64
CA GLU B 126 9.49 -6.56 -14.72
C GLU B 126 9.79 -7.02 -13.31
N ALA B 127 10.00 -6.05 -12.41
CA ALA B 127 10.21 -6.31 -10.98
C ALA B 127 8.98 -6.93 -10.34
N VAL B 128 7.81 -6.40 -10.68
CA VAL B 128 6.57 -7.00 -10.18
C VAL B 128 6.51 -8.44 -10.69
N HIS B 129 6.60 -8.59 -12.00
CA HIS B 129 6.49 -9.91 -12.61
C HIS B 129 7.48 -10.88 -12.02
N ALA B 130 8.73 -10.47 -11.88
CA ALA B 130 9.73 -11.35 -11.29
C ALA B 130 9.31 -11.77 -9.89
N HIS B 131 9.03 -10.79 -9.01
CA HIS B 131 8.57 -11.02 -7.63
C HIS B 131 7.42 -11.95 -7.56
N LEU B 132 6.48 -11.80 -8.48
CA LEU B 132 5.35 -12.69 -8.53
C LEU B 132 5.72 -14.11 -8.86
N GLN B 133 6.74 -14.29 -9.67
CA GLN B 133 7.09 -15.63 -10.13
C GLN B 133 7.91 -16.43 -9.12
N VAL B 134 8.68 -15.72 -8.28
CA VAL B 134 9.43 -16.37 -7.20
C VAL B 134 8.52 -16.65 -6.03
N THR B 135 7.38 -15.98 -6.00
CA THR B 135 6.51 -15.90 -4.83
C THR B 135 5.24 -16.72 -4.99
N ARG B 136 4.72 -16.74 -6.21
CA ARG B 136 3.41 -17.27 -6.56
C ARG B 136 2.32 -16.39 -5.95
N ILE C 3 -34.26 -14.55 -8.56
CA ILE C 3 -33.14 -14.72 -9.53
C ILE C 3 -32.25 -13.49 -9.57
N TYR C 4 -30.96 -13.73 -9.76
CA TYR C 4 -29.94 -12.68 -9.88
C TYR C 4 -29.32 -12.66 -11.28
N PRO C 5 -28.99 -11.45 -11.80
CA PRO C 5 -28.03 -11.34 -12.90
C PRO C 5 -26.69 -11.81 -12.40
N ILE C 6 -25.85 -12.34 -13.29
CA ILE C 6 -24.49 -12.79 -12.94
C ILE C 6 -23.64 -11.68 -12.33
N GLU C 7 -23.68 -10.50 -12.95
CA GLU C 7 -22.96 -9.33 -12.46
C GLU C 7 -23.36 -8.90 -11.05
N GLY C 8 -24.47 -9.44 -10.60
CA GLY C 8 -24.99 -9.15 -9.30
C GLY C 8 -24.40 -9.98 -8.20
N LEU C 9 -23.72 -11.07 -8.53
CA LEU C 9 -23.19 -12.02 -7.54
C LEU C 9 -21.99 -11.56 -6.73
N SER C 10 -21.94 -11.98 -5.48
CA SER C 10 -20.90 -11.55 -4.54
C SER C 10 -20.86 -12.52 -3.37
N PRO C 11 -19.76 -12.52 -2.61
CA PRO C 11 -19.72 -13.32 -1.37
C PRO C 11 -20.75 -12.85 -0.32
N TYR C 12 -21.19 -11.59 -0.43
CA TYR C 12 -22.04 -10.94 0.61
C TYR C 12 -23.52 -11.34 0.61
N GLN C 13 -23.95 -12.06 -0.43
CA GLN C 13 -25.32 -12.50 -0.55
C GLN C 13 -25.30 -13.99 -0.83
N ASN C 14 -26.09 -14.74 -0.05
CA ASN C 14 -26.08 -16.20 -0.12
C ASN C 14 -27.34 -16.82 -0.71
N ARG C 15 -28.45 -16.11 -0.61
CA ARG C 15 -29.70 -16.54 -1.23
C ARG C 15 -29.72 -16.05 -2.67
N TRP C 16 -29.32 -16.89 -3.63
CA TRP C 16 -29.40 -16.52 -5.05
C TRP C 16 -29.57 -17.67 -6.00
N THR C 17 -30.17 -17.37 -7.14
CA THR C 17 -30.27 -18.28 -8.29
C THR C 17 -29.94 -17.55 -9.60
N ILE C 18 -29.17 -18.18 -10.47
CA ILE C 18 -28.90 -17.56 -11.76
C ILE C 18 -29.48 -18.38 -12.91
N LYS C 19 -29.85 -17.70 -13.99
CA LYS C 19 -30.26 -18.34 -15.23
C LYS C 19 -29.19 -18.05 -16.28
N ALA C 20 -28.42 -19.07 -16.66
CA ALA C 20 -27.27 -18.86 -17.55
C ALA C 20 -27.05 -19.99 -18.56
N ARG C 21 -26.48 -19.68 -19.73
CA ARG C 21 -26.10 -20.77 -20.64
C ARG C 21 -24.63 -21.08 -20.58
N VAL C 22 -24.32 -22.37 -20.64
CA VAL C 22 -22.94 -22.85 -20.64
C VAL C 22 -22.34 -22.55 -22.00
N THR C 23 -21.33 -21.70 -22.03
CA THR C 23 -20.65 -21.38 -23.27
C THR C 23 -19.48 -22.30 -23.54
N SER C 24 -18.81 -22.78 -22.48
CA SER C 24 -17.75 -23.76 -22.64
C SER C 24 -17.53 -24.58 -21.38
N LYS C 25 -16.93 -25.74 -21.56
CA LYS C 25 -16.79 -26.71 -20.50
C LYS C 25 -15.42 -27.36 -20.63
N SER C 26 -14.73 -27.50 -19.51
CA SER C 26 -13.40 -28.08 -19.54
C SER C 26 -13.55 -29.59 -19.60
N ASP C 27 -12.47 -30.26 -19.98
CA ASP C 27 -12.35 -31.69 -19.67
C ASP C 27 -12.26 -31.89 -18.16
N ILE C 28 -12.23 -33.15 -17.75
CA ILE C 28 -12.02 -33.45 -16.34
C ILE C 28 -10.52 -33.50 -16.07
N ARG C 29 -10.08 -32.68 -15.15
CA ARG C 29 -8.67 -32.60 -14.84
C ARG C 29 -8.35 -33.43 -13.59
N HIS C 30 -7.28 -34.23 -13.67
CA HIS C 30 -6.70 -35.01 -12.56
C HIS C 30 -5.37 -34.48 -12.11
N TRP C 31 -5.02 -34.72 -10.86
CA TRP C 31 -3.69 -34.36 -10.39
C TRP C 31 -3.20 -35.20 -9.26
N SER C 32 -1.96 -34.92 -8.86
CA SER C 32 -1.36 -35.37 -7.61
C SER C 32 -0.24 -34.42 -7.20
N ASN C 33 0.03 -34.35 -5.89
CA ASN C 33 1.18 -33.59 -5.38
C ASN C 33 1.65 -34.03 -3.99
N GLN C 34 1.48 -33.16 -3.00
CA GLN C 34 2.00 -33.40 -1.63
C GLN C 34 0.86 -33.59 -0.63
N ARG C 35 0.01 -32.56 -0.51
CA ARG C 35 -1.17 -32.61 0.35
C ARG C 35 -2.39 -33.16 -0.38
N GLY C 36 -2.37 -33.06 -1.72
CA GLY C 36 -3.53 -33.40 -2.54
C GLY C 36 -3.31 -34.34 -3.71
N GLU C 37 -4.39 -34.54 -4.47
CA GLU C 37 -4.49 -35.49 -5.58
C GLU C 37 -5.99 -35.73 -5.80
N GLY C 38 -6.55 -35.19 -6.88
CA GLY C 38 -7.99 -35.28 -7.09
C GLY C 38 -8.47 -34.93 -8.48
N LYS C 39 -9.71 -34.46 -8.56
CA LYS C 39 -10.30 -34.10 -9.85
C LYS C 39 -11.20 -32.86 -9.83
N LEU C 40 -11.34 -32.26 -11.01
CA LEU C 40 -12.14 -31.07 -11.16
C LEU C 40 -12.52 -30.79 -12.61
N PHE C 41 -13.44 -29.87 -12.79
CA PHE C 41 -13.78 -29.42 -14.11
C PHE C 41 -14.35 -28.03 -13.95
N SER C 42 -14.53 -27.35 -15.06
CA SER C 42 -15.11 -26.05 -15.00
C SER C 42 -15.91 -25.74 -16.22
N VAL C 43 -16.76 -24.75 -16.05
CA VAL C 43 -17.70 -24.35 -17.05
C VAL C 43 -17.70 -22.83 -17.09
N ASN C 44 -17.90 -22.26 -18.27
CA ASN C 44 -18.09 -20.84 -18.36
C ASN C 44 -19.57 -20.55 -18.58
N LEU C 45 -20.05 -19.46 -17.99
CA LEU C 45 -21.48 -19.13 -18.00
C LEU C 45 -21.74 -17.70 -18.45
N LEU C 46 -22.83 -17.51 -19.17
CA LEU C 46 -23.17 -16.25 -19.78
C LEU C 46 -24.64 -15.85 -19.59
N ASP C 47 -24.87 -14.58 -19.31
CA ASP C 47 -26.20 -14.00 -19.42
C ASP C 47 -26.15 -12.54 -19.89
N ASP C 48 -27.32 -11.88 -19.88
CA ASP C 48 -27.46 -10.45 -20.21
C ASP C 48 -26.45 -9.58 -19.48
N SER C 49 -26.17 -9.90 -18.23
CA SER C 49 -25.31 -9.05 -17.41
C SER C 49 -23.83 -9.33 -17.61
N GLY C 50 -23.50 -10.56 -17.99
CA GLY C 50 -22.10 -10.90 -18.19
C GLY C 50 -21.75 -12.35 -18.04
N GLU C 51 -20.47 -12.61 -17.81
CA GLU C 51 -19.94 -13.95 -17.78
C GLU C 51 -19.37 -14.33 -16.41
N ILE C 52 -19.39 -15.62 -16.08
CA ILE C 52 -18.71 -16.08 -14.89
C ILE C 52 -18.25 -17.52 -15.06
N LYS C 53 -17.13 -17.83 -14.41
CA LYS C 53 -16.62 -19.18 -14.33
C LYS C 53 -17.15 -19.93 -13.12
N ALA C 54 -17.55 -21.18 -13.33
CA ALA C 54 -17.88 -22.06 -12.24
C ALA C 54 -17.05 -23.35 -12.29
N THR C 55 -16.67 -23.86 -11.14
CA THR C 55 -15.82 -25.05 -11.05
C THR C 55 -16.37 -26.05 -10.06
N GLY C 56 -16.25 -27.33 -10.40
CA GLY C 56 -16.60 -28.37 -9.48
C GLY C 56 -15.38 -29.20 -9.15
N PHE C 57 -15.23 -29.54 -7.88
CA PHE C 57 -14.15 -30.39 -7.41
C PHE C 57 -14.64 -31.76 -6.93
N ASN C 58 -13.79 -32.77 -7.09
CA ASN C 58 -14.05 -34.14 -6.68
C ASN C 58 -15.49 -34.66 -6.85
N ASP C 59 -16.27 -34.71 -5.78
CA ASP C 59 -17.64 -35.23 -5.85
C ASP C 59 -18.60 -34.39 -6.72
N ALA C 60 -18.36 -33.09 -6.78
CA ALA C 60 -19.15 -32.22 -7.65
C ALA C 60 -19.04 -32.59 -9.14
N VAL C 61 -17.93 -33.21 -9.53
CA VAL C 61 -17.75 -33.64 -10.92
C VAL C 61 -18.74 -34.74 -11.24
N ASP C 62 -18.82 -35.73 -10.36
CA ASP C 62 -19.71 -36.85 -10.53
C ASP C 62 -21.14 -36.36 -10.64
N ARG C 63 -21.47 -35.38 -9.80
CA ARG C 63 -22.81 -34.87 -9.72
C ARG C 63 -23.20 -33.99 -10.92
N PHE C 64 -22.29 -33.15 -11.39
CA PHE C 64 -22.67 -32.14 -12.37
C PHE C 64 -22.04 -32.21 -13.75
N TYR C 65 -20.89 -32.87 -13.87
CA TYR C 65 -20.23 -32.93 -15.17
C TYR C 65 -21.18 -33.49 -16.24
N PRO C 66 -21.80 -34.65 -15.95
CA PRO C 66 -22.74 -35.18 -16.93
C PRO C 66 -23.89 -34.22 -17.17
N LEU C 67 -24.32 -33.55 -16.11
CA LEU C 67 -25.51 -32.71 -16.14
C LEU C 67 -25.42 -31.44 -16.99
N LEU C 68 -24.22 -30.89 -17.15
CA LEU C 68 -24.09 -29.60 -17.81
C LEU C 68 -23.52 -29.75 -19.22
N GLN C 69 -24.24 -29.21 -20.21
CA GLN C 69 -23.85 -29.39 -21.61
C GLN C 69 -23.83 -28.07 -22.35
N GLU C 70 -22.80 -27.86 -23.18
CA GLU C 70 -22.62 -26.57 -23.85
C GLU C 70 -23.82 -26.06 -24.64
N ASN C 71 -24.04 -24.76 -24.54
CA ASN C 71 -25.07 -24.05 -25.25
C ASN C 71 -26.47 -24.27 -24.68
N HIS C 72 -26.57 -25.17 -23.70
CA HIS C 72 -27.81 -25.38 -22.96
C HIS C 72 -27.88 -24.41 -21.80
N VAL C 73 -29.10 -24.17 -21.31
CA VAL C 73 -29.39 -23.09 -20.34
C VAL C 73 -29.88 -23.66 -19.01
N TYR C 74 -29.32 -23.16 -17.90
CA TYR C 74 -29.60 -23.76 -16.61
C TYR C 74 -29.94 -22.78 -15.50
N LEU C 75 -30.72 -23.28 -14.53
CA LEU C 75 -30.97 -22.63 -13.27
C LEU C 75 -29.95 -23.20 -12.31
N ILE C 76 -29.04 -22.34 -11.85
CA ILE C 76 -28.02 -22.74 -10.90
C ILE C 76 -28.22 -21.96 -9.61
N SER C 77 -28.00 -22.64 -8.49
CA SER C 77 -28.41 -22.13 -7.19
C SER C 77 -27.62 -22.73 -6.05
N LYS C 78 -27.32 -21.91 -5.05
CA LYS C 78 -26.74 -22.34 -3.77
C LYS C 78 -25.34 -22.93 -3.92
N ALA C 79 -24.46 -22.07 -4.42
CA ALA C 79 -23.03 -22.34 -4.65
C ALA C 79 -22.19 -21.16 -4.10
N ARG C 80 -20.91 -21.39 -3.84
CA ARG C 80 -20.05 -20.35 -3.27
C ARG C 80 -19.55 -19.40 -4.34
N VAL C 81 -19.52 -18.11 -4.00
CA VAL C 81 -18.86 -17.11 -4.82
C VAL C 81 -17.48 -16.88 -4.24
N ASN C 82 -16.49 -17.10 -5.08
CA ASN C 82 -15.10 -17.03 -4.70
C ASN C 82 -14.35 -16.00 -5.47
N ILE C 83 -13.18 -15.64 -4.96
CA ILE C 83 -12.23 -14.80 -5.68
C ILE C 83 -11.74 -15.53 -6.92
N ALA C 84 -11.79 -14.88 -8.08
CA ALA C 84 -11.39 -15.52 -9.32
C ALA C 84 -9.90 -15.83 -9.30
N LYS C 85 -9.51 -17.00 -9.79
CA LYS C 85 -8.08 -17.25 -10.05
C LYS C 85 -7.82 -17.03 -11.53
N LYS C 86 -7.45 -15.81 -11.89
CA LYS C 86 -7.34 -15.40 -13.30
C LYS C 86 -6.22 -16.08 -14.09
N GLN C 87 -5.26 -16.67 -13.38
CA GLN C 87 -4.21 -17.47 -14.04
C GLN C 87 -4.81 -18.65 -14.80
N PHE C 88 -6.02 -19.03 -14.42
CA PHE C 88 -6.68 -20.21 -14.95
C PHE C 88 -7.96 -19.82 -15.70
N SER C 89 -8.01 -18.62 -16.27
CA SER C 89 -9.26 -18.15 -16.86
C SER C 89 -9.04 -17.02 -17.85
N ASN C 90 -9.90 -16.97 -18.85
CA ASN C 90 -9.87 -15.92 -19.85
C ASN C 90 -10.75 -14.71 -19.47
N LEU C 91 -11.72 -14.95 -18.62
CA LEU C 91 -12.66 -13.92 -18.16
C LEU C 91 -12.03 -12.83 -17.27
N GLN C 92 -12.62 -11.63 -17.28
CA GLN C 92 -12.12 -10.52 -16.42
C GLN C 92 -12.76 -10.48 -15.03
N ASN C 93 -13.79 -11.27 -14.79
CA ASN C 93 -14.54 -11.21 -13.56
C ASN C 93 -13.69 -11.33 -12.31
N GLU C 94 -13.92 -10.42 -11.39
CA GLU C 94 -13.40 -10.43 -10.03
C GLU C 94 -13.79 -11.70 -9.25
N TYR C 95 -14.99 -12.22 -9.48
CA TYR C 95 -15.42 -13.44 -8.80
C TYR C 95 -15.52 -14.68 -9.71
N GLU C 96 -15.56 -15.86 -9.08
CA GLU C 96 -16.04 -17.08 -9.73
C GLU C 96 -16.88 -17.96 -8.78
N ILE C 97 -17.50 -18.99 -9.33
CA ILE C 97 -18.38 -19.87 -8.56
C ILE C 97 -17.78 -21.24 -8.33
N THR C 98 -17.91 -21.76 -7.11
CA THR C 98 -17.52 -23.14 -6.84
C THR C 98 -18.75 -23.94 -6.41
N PHE C 99 -18.96 -25.06 -7.08
CA PHE C 99 -20.06 -25.93 -6.75
C PHE C 99 -19.76 -26.69 -5.46
N GLU C 100 -20.65 -26.50 -4.50
CA GLU C 100 -20.66 -27.28 -3.26
C GLU C 100 -21.71 -28.39 -3.38
N ASN C 101 -21.78 -29.26 -2.38
CA ASN C 101 -22.74 -30.36 -2.40
C ASN C 101 -24.21 -29.93 -2.34
N SER C 102 -24.49 -28.78 -1.73
CA SER C 102 -25.84 -28.24 -1.69
C SER C 102 -26.32 -27.65 -3.03
N THR C 103 -25.45 -27.67 -4.04
CA THR C 103 -25.72 -26.94 -5.28
C THR C 103 -26.86 -27.56 -6.12
N GLU C 104 -27.80 -26.71 -6.48
CA GLU C 104 -28.96 -27.07 -7.29
C GLU C 104 -28.75 -26.62 -8.73
N ILE C 105 -28.80 -27.59 -9.66
CA ILE C 105 -28.81 -27.31 -11.09
C ILE C 105 -30.02 -28.02 -11.73
N GLU C 106 -30.85 -27.23 -12.41
CA GLU C 106 -31.97 -27.75 -13.18
C GLU C 106 -32.05 -26.98 -14.49
N GLU C 107 -32.20 -27.71 -15.60
CA GLU C 107 -32.23 -27.11 -16.95
C GLU C 107 -33.55 -26.38 -17.24
N CYS C 108 -33.44 -25.30 -18.03
CA CYS C 108 -34.57 -24.44 -18.40
C CYS C 108 -35.19 -24.80 -19.73
N THR C 109 -36.46 -24.41 -19.88
CA THR C 109 -37.21 -24.58 -21.12
C THR C 109 -37.24 -23.28 -21.92
N ASP C 110 -37.10 -22.14 -21.24
CA ASP C 110 -36.95 -20.84 -21.91
C ASP C 110 -35.49 -20.53 -22.16
N ALA C 111 -35.18 -20.22 -23.42
CA ALA C 111 -33.83 -19.80 -23.80
C ALA C 111 -33.81 -18.32 -24.23
N THR C 112 -34.99 -17.71 -24.36
CA THR C 112 -35.13 -16.36 -24.92
C THR C 112 -34.56 -15.21 -24.05
N ASP C 113 -34.66 -15.35 -22.72
CA ASP C 113 -34.09 -14.34 -21.82
C ASP C 113 -32.57 -14.30 -21.97
N VAL C 114 -31.97 -15.48 -22.10
CA VAL C 114 -30.51 -15.63 -22.14
C VAL C 114 -29.97 -15.39 -23.54
N PRO C 115 -28.94 -14.53 -23.65
CA PRO C 115 -28.29 -14.29 -24.94
C PRO C 115 -27.60 -15.55 -25.46
N GLU C 116 -27.43 -15.62 -26.78
CA GLU C 116 -26.74 -16.73 -27.40
C GLU C 116 -25.35 -16.29 -27.87
N VAL C 117 -24.41 -17.24 -27.88
CA VAL C 117 -23.04 -16.95 -28.27
C VAL C 117 -22.96 -16.28 -29.64
N LYS C 118 -22.37 -15.09 -29.66
CA LYS C 118 -22.19 -14.36 -30.90
C LYS C 118 -20.87 -14.66 -31.54
N TYR C 119 -20.82 -14.52 -32.85
CA TYR C 119 -19.64 -14.89 -33.55
C TYR C 119 -19.14 -13.72 -34.36
N GLU C 120 -17.82 -13.50 -34.29
CA GLU C 120 -17.17 -12.54 -35.17
C GLU C 120 -16.19 -13.31 -36.04
N PHE C 121 -16.70 -13.80 -37.15
CA PHE C 121 -15.95 -14.72 -37.99
C PHE C 121 -14.88 -14.06 -38.82
N VAL C 122 -13.73 -14.72 -38.87
CA VAL C 122 -12.64 -14.35 -39.73
C VAL C 122 -12.56 -15.41 -40.81
N ARG C 123 -12.64 -14.98 -42.08
CA ARG C 123 -12.50 -15.90 -43.20
C ARG C 123 -11.07 -16.42 -43.22
N ILE C 124 -10.89 -17.69 -43.58
CA ILE C 124 -9.58 -18.35 -43.62
C ILE C 124 -8.49 -17.53 -44.35
N ASN C 125 -8.85 -16.86 -45.45
CA ASN C 125 -7.90 -16.01 -46.17
C ASN C 125 -7.49 -14.73 -45.43
N GLU C 126 -8.25 -14.34 -44.41
CA GLU C 126 -8.00 -13.10 -43.68
C GLU C 126 -7.13 -13.30 -42.43
N LEU C 127 -6.95 -14.57 -42.05
CA LEU C 127 -6.22 -14.94 -40.83
C LEU C 127 -4.81 -14.40 -40.78
N GLU C 128 -4.21 -14.22 -41.94
CA GLU C 128 -2.83 -13.74 -41.98
C GLU C 128 -2.72 -12.30 -41.47
N SER C 129 -3.87 -11.64 -41.34
CA SER C 129 -3.92 -10.28 -40.77
C SER C 129 -4.09 -10.25 -39.23
N VAL C 130 -4.59 -11.35 -38.68
CA VAL C 130 -4.67 -11.56 -37.22
C VAL C 130 -3.28 -11.93 -36.70
N GLU C 131 -2.87 -11.35 -35.58
CA GLU C 131 -1.57 -11.66 -35.03
C GLU C 131 -1.59 -12.89 -34.13
N ALA C 132 -0.42 -13.53 -34.01
CA ALA C 132 -0.28 -14.77 -33.27
C ALA C 132 -0.69 -14.65 -31.79
N ASN C 133 -0.86 -15.81 -31.15
CA ASN C 133 -1.38 -15.91 -29.79
C ASN C 133 -2.60 -15.02 -29.47
N GLN C 134 -3.56 -14.99 -30.38
CA GLN C 134 -4.78 -14.22 -30.16
C GLN C 134 -6.07 -14.99 -30.44
N GLN C 135 -7.13 -14.60 -29.72
CA GLN C 135 -8.47 -15.20 -29.83
C GLN C 135 -9.10 -14.78 -31.13
N CYS C 136 -9.82 -15.71 -31.76
CA CYS C 136 -10.44 -15.48 -33.06
C CYS C 136 -11.58 -16.47 -33.30
N ASP C 137 -12.54 -16.08 -34.14
CA ASP C 137 -13.66 -16.96 -34.50
C ASP C 137 -13.57 -17.40 -35.95
N VAL C 138 -13.76 -18.70 -36.20
CA VAL C 138 -13.65 -19.25 -37.55
C VAL C 138 -14.75 -20.26 -37.87
N ILE C 139 -15.36 -20.12 -39.04
CA ILE C 139 -16.25 -21.13 -39.62
C ILE C 139 -15.74 -21.64 -40.98
N GLY C 140 -16.03 -22.91 -41.28
CA GLY C 140 -15.63 -23.50 -42.57
C GLY C 140 -16.00 -24.97 -42.67
N ILE C 141 -15.80 -25.53 -43.86
CA ILE C 141 -16.05 -26.94 -44.10
C ILE C 141 -14.85 -27.72 -43.61
N LEU C 142 -15.12 -28.80 -42.87
CA LEU C 142 -14.10 -29.80 -42.56
C LEU C 142 -13.81 -30.63 -43.81
N ASP C 143 -12.55 -30.65 -44.22
CA ASP C 143 -12.14 -31.42 -45.38
C ASP C 143 -11.78 -32.86 -44.98
N SER C 144 -10.87 -32.96 -44.03
CA SER C 144 -10.39 -34.23 -43.49
C SER C 144 -9.81 -33.95 -42.11
N TYR C 145 -9.43 -35.02 -41.41
CA TYR C 145 -8.78 -34.85 -40.13
C TYR C 145 -7.68 -35.86 -39.92
N GLY C 146 -6.64 -35.43 -39.21
CA GLY C 146 -5.50 -36.27 -38.94
C GLY C 146 -5.81 -37.42 -38.01
N GLU C 147 -4.83 -38.31 -37.86
CA GLU C 147 -4.87 -39.34 -36.85
C GLU C 147 -4.59 -38.67 -35.51
N LEU C 148 -5.00 -39.35 -34.44
CA LEU C 148 -4.70 -38.94 -33.10
C LEU C 148 -3.24 -39.24 -32.73
N SER C 149 -2.51 -38.21 -32.31
CA SER C 149 -1.13 -38.37 -31.85
C SER C 149 -1.01 -38.06 -30.36
N GLU C 150 -0.23 -38.90 -29.69
CA GLU C 150 0.03 -38.71 -28.27
C GLU C 150 1.47 -38.31 -28.05
N ILE C 151 1.64 -37.14 -27.45
CA ILE C 151 2.98 -36.63 -27.18
C ILE C 151 3.09 -36.07 -25.78
N VAL C 152 4.18 -36.44 -25.11
CA VAL C 152 4.62 -35.83 -23.85
C VAL C 152 5.25 -34.48 -24.17
N SER C 153 4.57 -33.41 -23.76
CA SER C 153 5.09 -32.07 -23.92
C SER C 153 6.32 -31.92 -23.06
N LYS C 154 7.40 -31.42 -23.66
CA LYS C 154 8.63 -31.12 -22.93
C LYS C 154 8.37 -30.07 -21.85
N ALA C 155 7.48 -29.13 -22.17
CA ALA C 155 7.02 -28.11 -21.23
C ALA C 155 6.55 -28.73 -19.90
N SER C 156 5.48 -29.50 -19.96
CA SER C 156 4.84 -30.05 -18.75
C SER C 156 5.57 -31.28 -18.24
N GLN C 157 5.58 -32.32 -19.08
CA GLN C 157 6.08 -33.68 -18.77
C GLN C 157 4.93 -34.62 -18.44
N ARG C 158 3.82 -34.47 -19.17
CA ARG C 158 2.63 -35.30 -19.05
C ARG C 158 2.02 -35.54 -20.44
N PRO C 159 1.64 -36.80 -20.77
CA PRO C 159 1.14 -37.15 -22.11
C PRO C 159 -0.01 -36.26 -22.56
N VAL C 160 -0.16 -36.06 -23.87
CA VAL C 160 -1.26 -35.25 -24.42
C VAL C 160 -1.87 -35.82 -25.70
N GLN C 161 -3.20 -35.94 -25.72
CA GLN C 161 -3.92 -36.32 -26.93
C GLN C 161 -4.08 -35.13 -27.88
N LYS C 162 -3.87 -35.38 -29.16
CA LYS C 162 -3.84 -34.31 -30.15
C LYS C 162 -4.44 -34.80 -31.46
N ARG C 163 -5.15 -33.94 -32.19
CA ARG C 163 -5.59 -34.26 -33.54
C ARG C 163 -5.75 -33.01 -34.41
N GLU C 164 -5.54 -33.17 -35.71
CA GLU C 164 -5.56 -32.05 -36.66
C GLU C 164 -6.66 -32.16 -37.69
N LEU C 165 -7.35 -31.04 -37.90
CA LEU C 165 -8.42 -30.93 -38.89
C LEU C 165 -8.00 -29.95 -39.97
N THR C 166 -8.44 -30.19 -41.19
CA THR C 166 -8.22 -29.25 -42.28
C THR C 166 -9.54 -28.52 -42.58
N LEU C 167 -9.52 -27.20 -42.47
CA LEU C 167 -10.71 -26.38 -42.69
C LEU C 167 -10.54 -25.55 -43.93
N VAL C 168 -11.66 -25.30 -44.62
CA VAL C 168 -11.68 -24.65 -45.92
C VAL C 168 -12.86 -23.68 -46.02
N ASP C 169 -12.65 -22.53 -46.66
CA ASP C 169 -13.76 -21.65 -47.01
C ASP C 169 -13.69 -21.07 -48.44
N GLN C 170 -14.69 -20.25 -48.78
CA GLN C 170 -14.82 -19.63 -50.11
C GLN C 170 -13.51 -18.99 -50.58
N GLY C 171 -12.66 -18.64 -49.63
CA GLY C 171 -11.35 -18.05 -49.94
C GLY C 171 -10.44 -18.97 -50.71
N ASN C 172 -10.82 -20.25 -50.80
CA ASN C 172 -10.02 -21.31 -51.45
C ASN C 172 -8.70 -21.60 -50.75
N ARG C 173 -8.62 -21.24 -49.48
CA ARG C 173 -7.43 -21.48 -48.67
C ARG C 173 -7.80 -22.42 -47.52
N SER C 174 -6.90 -23.36 -47.24
CA SER C 174 -7.09 -24.32 -46.15
C SER C 174 -6.11 -24.06 -45.02
N VAL C 175 -6.54 -24.36 -43.79
CA VAL C 175 -5.75 -24.11 -42.58
C VAL C 175 -5.85 -25.29 -41.63
N LYS C 176 -4.77 -25.60 -40.93
CA LYS C 176 -4.80 -26.68 -39.94
C LYS C 176 -5.30 -26.18 -38.57
N LEU C 177 -6.09 -27.02 -37.90
CA LEU C 177 -6.53 -26.72 -36.55
C LEU C 177 -6.33 -27.93 -35.64
N THR C 178 -5.70 -27.71 -34.48
CA THR C 178 -5.46 -28.79 -33.53
C THR C 178 -6.57 -28.90 -32.47
N LEU C 179 -7.06 -30.12 -32.24
CA LEU C 179 -7.89 -30.43 -31.07
C LEU C 179 -7.02 -31.07 -30.02
N TRP C 180 -7.31 -30.79 -28.76
CA TRP C 180 -6.59 -31.40 -27.66
C TRP C 180 -7.49 -32.29 -26.87
N GLY C 181 -6.87 -33.12 -26.02
CA GLY C 181 -7.57 -33.87 -24.98
C GLY C 181 -8.71 -34.77 -25.42
N LYS C 182 -9.78 -34.74 -24.64
CA LYS C 182 -10.92 -35.64 -24.82
C LYS C 182 -11.68 -35.33 -26.10
N THR C 183 -11.79 -34.05 -26.42
CA THR C 183 -12.42 -33.59 -27.67
C THR C 183 -11.70 -34.18 -28.87
N ALA C 184 -10.39 -34.38 -28.73
CA ALA C 184 -9.55 -34.94 -29.79
C ALA C 184 -9.89 -36.40 -30.01
N GLU C 185 -9.74 -37.22 -28.98
CA GLU C 185 -10.07 -38.64 -29.05
C GLU C 185 -11.44 -38.90 -29.66
N THR C 186 -12.47 -38.39 -29.00
CA THR C 186 -13.87 -38.70 -29.31
C THR C 186 -14.35 -38.10 -30.61
N PHE C 187 -13.43 -37.52 -31.38
CA PHE C 187 -13.84 -36.72 -32.54
C PHE C 187 -14.68 -37.48 -33.58
N PRO C 188 -14.23 -38.67 -34.00
CA PRO C 188 -15.06 -39.40 -34.98
C PRO C 188 -16.37 -40.00 -34.43
N THR C 189 -16.52 -40.04 -33.10
CA THR C 189 -17.80 -40.35 -32.43
C THR C 189 -18.97 -39.50 -32.96
N ASN C 190 -18.71 -38.21 -33.15
CA ASN C 190 -19.73 -37.24 -33.55
C ASN C 190 -20.35 -37.57 -34.89
N ALA C 191 -21.66 -37.35 -35.00
CA ALA C 191 -22.41 -37.67 -36.20
C ALA C 191 -22.05 -36.74 -37.35
N GLY C 192 -22.11 -37.28 -38.56
CA GLY C 192 -21.93 -36.53 -39.81
C GLY C 192 -20.53 -35.99 -40.05
N VAL C 193 -19.59 -36.47 -39.26
CA VAL C 193 -18.20 -36.01 -39.29
C VAL C 193 -17.44 -36.34 -40.58
N ASP C 194 -17.89 -37.37 -41.30
CA ASP C 194 -17.17 -37.81 -42.49
C ASP C 194 -17.73 -37.22 -43.76
N GLU C 195 -19.03 -36.93 -43.75
CA GLU C 195 -19.66 -36.27 -44.89
C GLU C 195 -19.55 -34.74 -44.80
N LYS C 196 -18.31 -34.26 -44.86
CA LYS C 196 -18.00 -32.84 -45.05
C LYS C 196 -18.85 -31.83 -44.27
N PRO C 197 -18.85 -31.93 -42.93
CA PRO C 197 -19.74 -31.07 -42.17
C PRO C 197 -19.22 -29.63 -42.13
N VAL C 198 -20.07 -28.71 -41.68
CA VAL C 198 -19.59 -27.39 -41.34
C VAL C 198 -19.23 -27.39 -39.86
N LEU C 199 -18.07 -26.83 -39.54
CA LEU C 199 -17.65 -26.66 -38.15
C LEU C 199 -17.47 -25.20 -37.82
N ALA C 200 -17.99 -24.80 -36.66
CA ALA C 200 -17.97 -23.41 -36.22
C ALA C 200 -17.17 -23.27 -34.92
N PHE C 201 -16.17 -22.41 -34.92
CA PHE C 201 -15.29 -22.26 -33.78
C PHE C 201 -15.37 -20.90 -33.09
N LYS C 202 -15.53 -20.94 -31.76
CA LYS C 202 -15.49 -19.73 -30.92
C LYS C 202 -14.23 -19.72 -30.06
N GLY C 203 -13.52 -18.61 -30.09
CA GLY C 203 -12.31 -18.41 -29.28
C GLY C 203 -11.24 -19.44 -29.55
N VAL C 204 -10.52 -19.24 -30.65
CA VAL C 204 -9.51 -20.18 -31.09
C VAL C 204 -8.16 -19.44 -31.14
N LYS C 205 -7.07 -20.12 -30.80
CA LYS C 205 -5.74 -19.51 -30.81
C LYS C 205 -5.14 -19.51 -32.20
N VAL C 206 -4.60 -18.36 -32.61
CA VAL C 206 -3.88 -18.24 -33.88
C VAL C 206 -2.38 -18.44 -33.68
N GLY C 207 -1.86 -19.55 -34.21
CA GLY C 207 -0.42 -19.79 -34.27
C GLY C 207 0.14 -19.45 -35.64
N ASP C 208 1.46 -19.30 -35.72
CA ASP C 208 2.09 -18.91 -36.98
C ASP C 208 2.85 -20.06 -37.66
N PHE C 209 2.71 -21.26 -37.11
CA PHE C 209 3.30 -22.46 -37.71
C PHE C 209 2.65 -22.73 -39.08
N GLY C 210 3.44 -22.57 -40.14
CA GLY C 210 2.95 -22.72 -41.50
C GLY C 210 2.21 -21.46 -41.91
N GLY C 211 2.84 -20.31 -41.65
CA GLY C 211 2.26 -19.00 -41.95
C GLY C 211 1.18 -18.64 -40.94
N ARG C 212 0.10 -19.43 -40.95
CA ARG C 212 -1.01 -19.31 -40.01
C ARG C 212 -1.63 -20.67 -39.75
N SER C 213 -1.85 -20.98 -38.47
CA SER C 213 -2.52 -22.21 -38.05
C SER C 213 -3.29 -22.00 -36.76
N LEU C 214 -4.19 -22.93 -36.45
CA LEU C 214 -5.13 -22.78 -35.34
C LEU C 214 -4.99 -23.85 -34.28
N SER C 215 -5.33 -23.46 -33.05
CA SER C 215 -5.33 -24.37 -31.92
C SER C 215 -6.44 -23.96 -30.96
N MET C 216 -7.01 -24.95 -30.27
CA MET C 216 -8.04 -24.68 -29.28
C MET C 216 -7.51 -24.40 -27.89
N PHE C 217 -8.23 -23.57 -27.16
CA PHE C 217 -8.06 -23.41 -25.72
C PHE C 217 -9.13 -24.19 -24.95
N SER C 218 -8.85 -24.46 -23.69
CA SER C 218 -9.80 -25.07 -22.76
C SER C 218 -11.19 -24.47 -22.97
N SER C 219 -11.20 -23.15 -23.14
CA SER C 219 -12.38 -22.33 -23.27
C SER C 219 -12.98 -22.32 -24.67
N SER C 220 -12.29 -22.92 -25.64
CA SER C 220 -12.72 -22.87 -27.02
C SER C 220 -13.91 -23.78 -27.23
N THR C 221 -14.64 -23.53 -28.32
CA THR C 221 -15.89 -24.20 -28.61
C THR C 221 -16.00 -24.54 -30.09
N MET C 222 -16.55 -25.73 -30.39
CA MET C 222 -16.89 -26.09 -31.76
C MET C 222 -18.27 -26.74 -31.91
N LEU C 223 -18.98 -26.37 -32.98
CA LEU C 223 -20.29 -26.91 -33.27
C LEU C 223 -20.26 -27.65 -34.59
N ILE C 224 -21.01 -28.73 -34.66
CA ILE C 224 -21.05 -29.53 -35.88
C ILE C 224 -22.38 -29.32 -36.62
N ASN C 225 -22.32 -28.59 -37.73
CA ASN C 225 -23.50 -28.25 -38.52
C ASN C 225 -24.56 -27.50 -37.70
N PRO C 226 -24.21 -26.31 -37.20
CA PRO C 226 -25.17 -25.50 -36.46
C PRO C 226 -26.19 -24.88 -37.40
N ASP C 227 -27.40 -24.64 -36.89
CA ASP C 227 -28.44 -24.05 -37.73
C ASP C 227 -28.25 -22.54 -37.78
N ILE C 228 -27.22 -22.13 -38.51
CA ILE C 228 -26.83 -20.72 -38.60
C ILE C 228 -26.58 -20.31 -40.06
N THR C 229 -27.08 -19.15 -40.44
CA THR C 229 -27.08 -18.71 -41.85
C THR C 229 -25.72 -18.86 -42.54
N GLU C 230 -24.65 -18.63 -41.79
CA GLU C 230 -23.29 -18.77 -42.33
C GLU C 230 -22.99 -20.19 -42.81
N SER C 231 -23.43 -21.18 -42.03
CA SER C 231 -23.14 -22.59 -42.34
C SER C 231 -23.91 -23.10 -43.56
N HIS C 232 -25.14 -22.62 -43.74
CA HIS C 232 -25.94 -22.99 -44.90
C HIS C 232 -25.34 -22.47 -46.18
N VAL C 233 -24.72 -21.28 -46.10
CA VAL C 233 -23.99 -20.68 -47.21
C VAL C 233 -22.82 -21.57 -47.65
N LEU C 234 -22.06 -22.08 -46.68
CA LEU C 234 -20.94 -23.01 -46.93
C LEU C 234 -21.41 -24.37 -47.42
N ARG C 235 -22.42 -24.93 -46.76
CA ARG C 235 -23.08 -26.15 -47.19
C ARG C 235 -23.50 -26.03 -48.66
N GLY C 236 -24.26 -24.97 -48.97
CA GLY C 236 -24.68 -24.70 -50.34
C GLY C 236 -23.52 -24.53 -51.28
N TRP C 237 -22.54 -23.73 -50.84
CA TRP C 237 -21.36 -23.45 -51.65
C TRP C 237 -20.53 -24.66 -51.93
N TYR C 238 -20.16 -25.39 -50.88
CA TYR C 238 -19.28 -26.54 -51.02
C TYR C 238 -19.88 -27.63 -51.91
N ASP C 239 -21.18 -27.87 -51.74
CA ASP C 239 -21.87 -28.95 -52.46
C ASP C 239 -22.06 -28.67 -53.96
N ASN C 240 -21.79 -27.44 -54.37
CA ASN C 240 -22.07 -27.00 -55.74
C ASN C 240 -20.83 -26.75 -56.61
N ASP C 241 -19.70 -26.41 -55.99
CA ASP C 241 -18.45 -26.16 -56.70
C ASP C 241 -17.23 -26.21 -55.75
N GLY C 242 -17.50 -26.34 -54.45
CA GLY C 242 -16.44 -26.42 -53.44
C GLY C 242 -15.65 -27.71 -53.55
N ALA C 243 -16.35 -28.84 -53.59
CA ALA C 243 -15.72 -30.14 -53.79
C ALA C 243 -15.37 -30.36 -55.28
N HIS C 244 -15.06 -29.26 -55.98
CA HIS C 244 -14.69 -29.28 -57.40
C HIS C 244 -13.34 -28.64 -57.64
N ALA C 245 -13.05 -27.55 -56.94
CA ALA C 245 -11.78 -26.83 -57.09
C ALA C 245 -10.75 -27.27 -56.06
N GLN C 246 -9.51 -26.81 -56.23
CA GLN C 246 -8.42 -27.17 -55.31
C GLN C 246 -8.03 -25.98 -54.42
N PHE C 247 -7.28 -26.26 -53.35
CA PHE C 247 -7.06 -25.27 -52.29
C PHE C 247 -5.59 -24.95 -51.98
N GLN C 248 -5.38 -24.10 -50.97
CA GLN C 248 -4.05 -23.61 -50.58
C GLN C 248 -3.68 -23.96 -49.14
N PRO C 249 -2.46 -24.49 -48.92
CA PRO C 249 -2.08 -25.02 -47.61
C PRO C 249 -1.69 -23.98 -46.56
N TYR C 250 -1.28 -22.78 -47.00
CA TYR C 250 -0.82 -21.69 -46.11
C TYR C 250 0.70 -21.74 -45.81
N THR C 251 1.25 -22.95 -45.67
CA THR C 251 2.62 -23.19 -45.16
C THR C 251 3.67 -22.12 -45.49
N ASN C 252 4.33 -21.64 -44.44
CA ASN C 252 5.47 -20.74 -44.52
C ASN C 252 6.65 -21.27 -43.69
N GLY C 262 4.07 -33.22 -40.76
CA GLY C 262 3.74 -33.54 -39.39
C GLY C 262 3.42 -32.35 -38.49
N GLY C 263 3.20 -32.65 -37.20
CA GLY C 263 2.30 -31.88 -36.35
C GLY C 263 2.52 -30.80 -35.33
N GLY C 264 2.26 -29.56 -35.73
CA GLY C 264 2.22 -28.44 -34.81
C GLY C 264 1.18 -27.35 -35.09
N ALA C 265 0.00 -27.74 -35.57
CA ALA C 265 -1.07 -26.77 -35.88
C ALA C 265 -1.42 -25.93 -34.67
N GLY C 266 -1.37 -24.61 -34.84
CA GLY C 266 -1.66 -23.66 -33.79
C GLY C 266 -0.44 -23.20 -33.03
N ALA C 267 0.66 -23.94 -33.17
CA ALA C 267 1.93 -23.64 -32.46
C ALA C 267 2.68 -22.44 -33.03
N ASN C 268 3.60 -21.90 -32.23
CA ASN C 268 4.52 -20.89 -32.70
C ASN C 268 5.90 -21.50 -32.87
N MET C 269 6.39 -21.40 -34.11
CA MET C 269 7.74 -21.83 -34.54
C MET C 269 8.83 -21.08 -33.78
N ALA C 270 8.99 -21.40 -32.51
CA ALA C 270 9.86 -20.62 -31.61
C ALA C 270 9.02 -19.88 -30.57
N GLU C 271 8.30 -20.64 -29.75
CA GLU C 271 7.58 -20.10 -28.59
C GLU C 271 8.52 -19.32 -27.66
N ARG C 272 8.02 -18.25 -27.04
CA ARG C 272 8.83 -17.53 -26.06
C ARG C 272 9.12 -18.41 -24.84
N ARG C 273 10.35 -18.35 -24.36
CA ARG C 273 10.79 -19.16 -23.24
C ARG C 273 11.66 -18.36 -22.30
N THR C 274 11.82 -18.81 -21.07
CA THR C 274 12.86 -18.24 -20.22
C THR C 274 14.07 -19.18 -20.26
N ILE C 275 15.23 -18.67 -19.87
CA ILE C 275 16.45 -19.45 -19.87
C ILE C 275 16.31 -20.74 -19.04
N VAL C 276 15.58 -20.66 -17.92
CA VAL C 276 15.40 -21.85 -17.12
C VAL C 276 14.57 -22.86 -17.90
N GLN C 277 13.55 -22.38 -18.61
CA GLN C 277 12.69 -23.27 -19.40
C GLN C 277 13.48 -23.97 -20.49
N VAL C 278 14.29 -23.19 -21.21
CA VAL C 278 15.11 -23.74 -22.28
C VAL C 278 15.96 -24.91 -21.80
N LYS C 279 16.68 -24.71 -20.68
CA LYS C 279 17.49 -25.79 -20.09
C LYS C 279 16.68 -26.93 -19.46
N ASP C 280 15.62 -26.61 -18.71
CA ASP C 280 14.76 -27.62 -18.05
C ASP C 280 14.07 -28.54 -19.04
N GLU C 281 13.75 -28.01 -20.22
CA GLU C 281 13.10 -28.78 -21.26
C GLU C 281 14.09 -29.50 -22.17
N ASN C 282 15.38 -29.38 -21.86
CA ASN C 282 16.44 -30.09 -22.59
C ASN C 282 16.38 -29.80 -24.08
N LEU C 283 16.05 -28.56 -24.41
CA LEU C 283 15.88 -28.16 -25.80
C LEU C 283 17.18 -28.31 -26.58
N GLY C 284 17.08 -29.01 -27.71
CA GLY C 284 18.19 -29.17 -28.64
C GLY C 284 19.14 -30.25 -28.21
N MET C 285 18.71 -31.06 -27.24
CA MET C 285 19.51 -32.17 -26.72
C MET C 285 19.25 -33.46 -27.49
N SER C 286 18.21 -33.51 -28.31
CA SER C 286 18.02 -34.66 -29.22
C SER C 286 18.35 -34.23 -30.64
N GLU C 287 18.31 -35.18 -31.58
CA GLU C 287 18.73 -34.98 -32.98
C GLU C 287 18.04 -33.80 -33.68
N LYS C 288 16.72 -33.75 -33.57
CA LYS C 288 15.89 -32.68 -34.12
C LYS C 288 16.02 -31.33 -33.38
N PRO C 289 16.57 -30.30 -34.09
CA PRO C 289 16.77 -28.99 -33.46
C PRO C 289 15.50 -28.41 -32.88
N ASP C 290 15.66 -27.52 -31.91
CA ASP C 290 14.54 -26.77 -31.34
C ASP C 290 14.72 -25.28 -31.62
N TYR C 291 13.63 -24.53 -31.55
CA TYR C 291 13.66 -23.12 -31.81
C TYR C 291 12.92 -22.40 -30.70
N PHE C 292 13.38 -21.21 -30.34
CA PHE C 292 12.77 -20.46 -29.26
C PHE C 292 13.11 -18.99 -29.33
N ASN C 293 12.32 -18.21 -28.61
CA ASN C 293 12.56 -16.78 -28.37
C ASN C 293 12.83 -16.53 -26.90
N VAL C 294 13.81 -15.68 -26.62
CA VAL C 294 14.12 -15.28 -25.24
C VAL C 294 14.41 -13.77 -25.14
N ARG C 295 13.71 -13.11 -24.22
CA ARG C 295 14.07 -11.75 -23.84
C ARG C 295 15.24 -11.90 -22.87
N ALA C 296 16.41 -11.38 -23.22
CA ALA C 296 17.57 -11.44 -22.31
C ALA C 296 18.47 -10.24 -22.45
N THR C 297 19.35 -10.05 -21.46
CA THR C 297 20.24 -8.92 -21.44
C THR C 297 21.63 -9.40 -21.72
N VAL C 298 22.34 -8.72 -22.62
CA VAL C 298 23.72 -9.06 -22.84
C VAL C 298 24.49 -8.63 -21.59
N VAL C 299 25.10 -9.61 -20.95
CA VAL C 299 25.93 -9.41 -19.76
C VAL C 299 27.44 -9.47 -20.08
N TYR C 300 27.83 -10.23 -21.11
CA TYR C 300 29.25 -10.37 -21.47
C TYR C 300 29.46 -10.79 -22.91
N ILE C 301 30.47 -10.18 -23.55
CA ILE C 301 30.97 -10.60 -24.86
C ILE C 301 32.41 -11.03 -24.70
N LYS C 302 32.72 -12.24 -25.17
CA LYS C 302 34.06 -12.81 -25.08
C LYS C 302 35.01 -12.07 -26.04
N GLN C 303 36.03 -11.43 -25.49
CA GLN C 303 36.97 -10.64 -26.30
C GLN C 303 37.81 -11.50 -27.24
N GLU C 304 38.51 -12.48 -26.68
CA GLU C 304 39.37 -13.35 -27.47
C GLU C 304 38.56 -14.12 -28.51
N ASN C 305 39.06 -14.09 -29.74
CA ASN C 305 38.46 -14.75 -30.89
C ASN C 305 37.05 -14.28 -31.25
N LEU C 306 36.82 -12.98 -31.12
CA LEU C 306 35.53 -12.37 -31.47
C LEU C 306 35.29 -12.48 -32.97
N TYR C 307 36.37 -12.33 -33.73
CA TYR C 307 36.28 -12.39 -35.17
C TYR C 307 37.44 -13.16 -35.78
N TYR C 308 37.19 -13.69 -36.98
CA TYR C 308 38.18 -14.43 -37.71
C TYR C 308 38.44 -13.71 -39.02
N THR C 309 39.59 -14.00 -39.61
CA THR C 309 39.96 -13.46 -40.92
C THR C 309 39.37 -14.34 -42.02
N ALA C 310 38.53 -13.75 -42.86
CA ALA C 310 37.73 -14.48 -43.86
C ALA C 310 38.04 -14.16 -45.32
N CYS C 311 37.60 -15.03 -46.23
CA CYS C 311 37.93 -14.97 -47.65
C CYS C 311 37.27 -13.79 -48.35
N ALA C 312 38.06 -13.10 -49.16
CA ALA C 312 37.58 -11.91 -49.88
C ALA C 312 36.78 -12.23 -51.17
N SER C 313 36.40 -13.49 -51.34
CA SER C 313 35.58 -13.88 -52.49
C SER C 313 34.15 -13.51 -52.25
N GLU C 314 33.51 -13.01 -53.31
CA GLU C 314 32.07 -12.79 -53.33
C GLU C 314 31.35 -14.09 -52.94
N GLY C 315 30.46 -14.00 -51.97
CA GLY C 315 29.66 -15.14 -51.55
C GLY C 315 30.35 -16.08 -50.58
N CYS C 316 31.69 -16.06 -50.57
CA CYS C 316 32.51 -16.98 -49.74
C CYS C 316 32.95 -16.37 -48.39
N ASN C 317 32.86 -17.20 -47.34
CA ASN C 317 33.14 -16.78 -45.96
C ASN C 317 34.14 -17.65 -45.20
N LYS C 318 34.63 -18.73 -45.82
CA LYS C 318 35.57 -19.65 -45.16
C LYS C 318 36.75 -18.88 -44.55
N LYS C 319 37.33 -19.41 -43.48
CA LYS C 319 38.52 -18.82 -42.86
C LYS C 319 39.75 -18.94 -43.77
N VAL C 320 40.52 -17.86 -43.85
CA VAL C 320 41.79 -17.82 -44.59
C VAL C 320 43.02 -17.84 -43.64
N ASN C 321 44.19 -18.18 -44.17
CA ASN C 321 45.43 -18.12 -43.39
C ASN C 321 46.57 -17.57 -44.21
N LEU C 322 47.56 -17.03 -43.49
CA LEU C 322 48.79 -16.56 -44.11
C LEU C 322 49.50 -17.68 -44.84
N ASP C 323 49.86 -17.44 -46.11
CA ASP C 323 50.63 -18.40 -46.91
C ASP C 323 52.14 -18.11 -46.77
N HIS C 324 52.97 -18.66 -47.67
CA HIS C 324 54.41 -18.47 -47.53
C HIS C 324 54.91 -17.13 -48.02
N GLU C 325 54.15 -16.50 -48.92
CA GLU C 325 54.42 -15.14 -49.39
C GLU C 325 53.67 -14.14 -48.54
N ASN C 326 53.32 -14.54 -47.31
CA ASN C 326 52.61 -13.70 -46.32
C ASN C 326 51.30 -13.11 -46.80
N ASN C 327 50.68 -13.79 -47.75
CA ASN C 327 49.37 -13.40 -48.22
C ASN C 327 48.33 -14.25 -47.54
N TRP C 328 47.09 -13.80 -47.58
CA TRP C 328 45.99 -14.58 -47.03
C TRP C 328 45.41 -15.55 -48.01
N ARG C 329 45.59 -16.85 -47.76
CA ARG C 329 45.09 -17.91 -48.65
C ARG C 329 43.75 -18.56 -48.24
N CYS C 330 42.81 -18.64 -49.20
CA CYS C 330 41.59 -19.45 -49.08
C CYS C 330 41.80 -20.81 -49.72
N GLU C 331 41.30 -21.86 -49.08
CA GLU C 331 41.36 -23.22 -49.64
C GLU C 331 40.33 -23.41 -50.74
N LYS C 332 39.05 -23.29 -50.37
CA LYS C 332 37.90 -23.51 -51.25
C LYS C 332 38.06 -22.79 -52.58
N CYS C 333 38.30 -21.49 -52.51
CA CYS C 333 38.43 -20.71 -53.73
C CYS C 333 39.88 -20.62 -54.23
N ASP C 334 40.79 -21.29 -53.52
CA ASP C 334 42.15 -21.57 -54.01
C ASP C 334 42.79 -20.32 -54.61
N ARG C 335 43.17 -19.38 -53.73
CA ARG C 335 43.71 -18.08 -54.12
C ARG C 335 44.17 -17.32 -52.87
N SER C 336 44.68 -16.10 -53.08
CA SER C 336 45.22 -15.27 -52.02
C SER C 336 44.95 -13.78 -52.24
N TYR C 337 44.74 -13.07 -51.13
CA TYR C 337 44.51 -11.64 -51.13
C TYR C 337 45.45 -10.98 -50.10
N ALA C 338 45.89 -9.76 -50.41
CA ALA C 338 46.65 -8.94 -49.44
C ALA C 338 45.84 -8.64 -48.18
N THR C 339 44.55 -8.37 -48.36
CA THR C 339 43.66 -7.98 -47.27
C THR C 339 42.66 -9.09 -46.99
N PRO C 340 42.48 -9.43 -45.69
CA PRO C 340 41.42 -10.35 -45.32
C PRO C 340 40.15 -9.59 -44.96
N GLU C 341 39.01 -10.27 -45.08
CA GLU C 341 37.75 -9.77 -44.58
C GLU C 341 37.63 -10.25 -43.14
N TYR C 342 36.98 -9.45 -42.29
CA TYR C 342 36.78 -9.86 -40.91
C TYR C 342 35.33 -10.15 -40.65
N ARG C 343 35.05 -11.34 -40.17
CA ARG C 343 33.70 -11.74 -39.85
C ARG C 343 33.60 -12.09 -38.37
N TYR C 344 32.42 -11.88 -37.80
CA TYR C 344 32.20 -12.20 -36.39
C TYR C 344 31.96 -13.68 -36.15
N ILE C 345 32.48 -14.15 -35.03
CA ILE C 345 32.12 -15.43 -34.42
C ILE C 345 31.79 -15.19 -32.96
N LEU C 346 30.75 -14.41 -32.74
CA LEU C 346 30.41 -13.87 -31.45
C LEU C 346 30.04 -14.93 -30.39
N SER C 347 30.69 -14.84 -29.23
CA SER C 347 30.31 -15.65 -28.10
C SER C 347 29.80 -14.76 -26.98
N THR C 348 28.49 -14.80 -26.70
CA THR C 348 27.91 -13.87 -25.74
C THR C 348 27.09 -14.50 -24.63
N ASN C 349 27.36 -14.09 -23.40
CA ASN C 349 26.61 -14.56 -22.24
C ASN C 349 25.42 -13.66 -21.89
N VAL C 350 24.22 -14.22 -21.94
CA VAL C 350 22.99 -13.47 -21.71
C VAL C 350 22.28 -13.99 -20.49
N ALA C 351 21.60 -13.10 -19.77
CA ALA C 351 20.90 -13.46 -18.53
C ALA C 351 19.51 -12.89 -18.48
N ASP C 352 18.64 -13.56 -17.73
CA ASP C 352 17.36 -13.00 -17.32
C ASP C 352 17.18 -13.33 -15.84
N ALA C 353 15.94 -13.32 -15.34
CA ALA C 353 15.71 -13.58 -13.90
C ALA C 353 15.73 -15.06 -13.54
N THR C 354 15.79 -15.94 -14.54
CA THR C 354 15.73 -17.38 -14.31
C THR C 354 17.09 -18.06 -14.50
N GLY C 355 18.06 -17.32 -15.00
CA GLY C 355 19.37 -17.91 -15.29
C GLY C 355 20.22 -17.17 -16.32
N GLN C 356 21.31 -17.80 -16.68
CA GLN C 356 22.26 -17.20 -17.59
C GLN C 356 22.62 -18.23 -18.69
N MET C 357 22.85 -17.77 -19.90
CA MET C 357 23.06 -18.69 -21.00
C MET C 357 23.97 -18.14 -22.09
N TRP C 358 24.77 -19.03 -22.67
CA TRP C 358 25.68 -18.67 -23.77
C TRP C 358 25.08 -18.79 -25.13
N LEU C 359 25.22 -17.72 -25.91
CA LEU C 359 24.73 -17.67 -27.29
C LEU C 359 25.85 -17.37 -28.28
N SER C 360 25.81 -17.98 -29.46
CA SER C 360 26.74 -17.57 -30.51
C SER C 360 26.04 -16.88 -31.65
N GLY C 361 26.72 -15.88 -32.20
CA GLY C 361 26.20 -15.03 -33.25
C GLY C 361 27.17 -14.85 -34.40
N PHE C 362 26.62 -14.62 -35.58
CA PHE C 362 27.42 -14.45 -36.77
C PHE C 362 27.33 -13.04 -37.30
N ASN C 363 28.02 -12.80 -38.42
CA ASN C 363 28.30 -11.47 -38.93
C ASN C 363 27.15 -10.45 -38.89
N GLU C 364 25.96 -10.84 -39.36
CA GLU C 364 24.84 -9.92 -39.43
C GLU C 364 24.39 -9.50 -38.03
N ASP C 365 23.97 -10.49 -37.24
CA ASP C 365 23.41 -10.24 -35.90
C ASP C 365 24.42 -9.71 -34.89
N ALA C 366 25.67 -10.14 -35.01
CA ALA C 366 26.70 -9.64 -34.12
C ALA C 366 27.06 -8.18 -34.38
N THR C 367 26.81 -7.71 -35.61
CA THR C 367 27.10 -6.32 -35.98
C THR C 367 26.24 -5.32 -35.22
N GLN C 368 24.95 -5.60 -35.15
CA GLN C 368 24.05 -4.74 -34.38
C GLN C 368 24.29 -4.90 -32.88
N LEU C 369 24.78 -6.05 -32.47
CA LEU C 369 25.08 -6.22 -31.07
C LEU C 369 26.26 -5.37 -30.63
N ILE C 370 27.06 -4.90 -31.59
CA ILE C 370 28.26 -4.11 -31.29
C ILE C 370 28.19 -2.73 -31.96
N GLY C 371 27.32 -2.59 -32.96
CA GLY C 371 27.08 -1.30 -33.61
C GLY C 371 28.19 -0.99 -34.57
N MET C 372 28.78 -2.05 -35.13
CA MET C 372 30.03 -1.95 -35.87
C MET C 372 30.29 -3.24 -36.61
N SER C 373 30.78 -3.15 -37.84
CA SER C 373 31.22 -4.33 -38.57
C SER C 373 32.51 -4.85 -37.94
N ALA C 374 32.83 -6.11 -38.19
CA ALA C 374 34.06 -6.71 -37.63
C ALA C 374 35.33 -6.01 -38.12
N GLY C 375 35.27 -5.46 -39.33
CA GLY C 375 36.36 -4.66 -39.89
C GLY C 375 36.58 -3.40 -39.07
N GLU C 376 35.48 -2.71 -38.75
CA GLU C 376 35.53 -1.46 -38.00
C GLU C 376 36.07 -1.69 -36.58
N LEU C 377 35.70 -2.82 -36.00
CA LEU C 377 36.15 -3.19 -34.68
C LEU C 377 37.66 -3.41 -34.67
N HIS C 378 38.12 -4.16 -35.67
CA HIS C 378 39.52 -4.53 -35.86
C HIS C 378 40.40 -3.32 -35.90
N LYS C 379 40.03 -2.34 -36.73
CA LYS C 379 40.76 -1.10 -36.85
C LYS C 379 40.83 -0.36 -35.51
N LEU C 380 39.72 -0.38 -34.78
CA LEU C 380 39.60 0.28 -33.49
C LEU C 380 40.54 -0.35 -32.50
N ARG C 381 40.72 -1.66 -32.60
CA ARG C 381 41.63 -2.34 -31.71
C ARG C 381 43.08 -1.99 -32.05
N GLU C 382 43.32 -1.62 -33.30
CA GLU C 382 44.68 -1.26 -33.76
C GLU C 382 45.16 0.11 -33.26
N GLU C 383 44.26 0.87 -32.64
CA GLU C 383 44.60 2.19 -32.12
C GLU C 383 44.71 2.25 -30.61
N SER C 384 43.79 1.57 -29.91
CA SER C 384 43.96 1.31 -28.49
C SER C 384 43.00 0.24 -28.00
N GLU C 385 43.49 -0.63 -27.13
CA GLU C 385 42.72 -1.70 -26.54
C GLU C 385 41.58 -1.12 -25.75
N SER C 386 41.87 0.02 -25.14
CA SER C 386 40.94 0.78 -24.31
C SER C 386 39.66 1.12 -25.06
N GLU C 387 39.79 1.69 -26.25
CA GLU C 387 38.61 2.07 -27.03
C GLU C 387 37.90 0.85 -27.61
N PHE C 388 38.67 -0.20 -27.82
CA PHE C 388 38.14 -1.47 -28.29
C PHE C 388 37.35 -2.20 -27.18
N SER C 389 37.85 -2.19 -25.95
CA SER C 389 37.09 -2.81 -24.87
C SER C 389 35.90 -1.94 -24.40
N ALA C 390 36.00 -0.62 -24.58
CA ALA C 390 34.86 0.28 -24.40
C ALA C 390 33.71 -0.10 -25.31
N ALA C 391 33.99 -0.35 -26.59
CA ALA C 391 32.97 -0.78 -27.55
C ALA C 391 32.23 -2.04 -27.08
N LEU C 392 32.97 -3.00 -26.53
CA LEU C 392 32.41 -4.25 -26.04
C LEU C 392 31.72 -4.06 -24.72
N HIS C 393 32.35 -3.28 -23.84
CA HIS C 393 31.79 -2.94 -22.54
C HIS C 393 30.49 -2.19 -22.73
N ARG C 394 30.42 -1.39 -23.79
CA ARG C 394 29.24 -0.58 -24.13
C ARG C 394 28.15 -1.44 -24.73
N ALA C 395 28.52 -2.59 -25.27
CA ALA C 395 27.58 -3.46 -25.96
C ALA C 395 26.79 -4.30 -24.98
N ALA C 396 27.34 -4.49 -23.80
CA ALA C 396 26.63 -5.23 -22.77
C ALA C 396 25.65 -4.26 -22.10
N ASN C 397 24.90 -4.77 -21.11
CA ASN C 397 23.84 -4.02 -20.43
C ASN C 397 22.77 -3.54 -21.41
N ARG C 398 22.48 -4.35 -22.43
CA ARG C 398 21.46 -4.04 -23.42
C ARG C 398 20.55 -5.22 -23.61
N MET C 399 19.28 -4.96 -23.89
CA MET C 399 18.24 -5.98 -23.86
C MET C 399 17.67 -6.33 -25.24
N TYR C 400 17.54 -7.63 -25.51
CA TYR C 400 17.09 -8.06 -26.85
C TYR C 400 16.08 -9.17 -26.82
N MET C 401 15.22 -9.19 -27.82
CA MET C 401 14.51 -10.41 -28.17
C MET C 401 15.44 -11.23 -29.04
N PHE C 402 15.72 -12.45 -28.61
CA PHE C 402 16.60 -13.33 -29.36
C PHE C 402 15.84 -14.50 -29.96
N ASN C 403 16.00 -14.69 -31.25
CA ASN C 403 15.44 -15.84 -31.91
C ASN C 403 16.54 -16.85 -32.12
N CYS C 404 16.34 -18.05 -31.60
CA CYS C 404 17.42 -19.02 -31.58
C CYS C 404 17.03 -20.41 -32.03
N ARG C 405 18.05 -21.12 -32.50
CA ARG C 405 18.00 -22.55 -32.69
C ARG C 405 18.93 -23.19 -31.66
N ALA C 406 18.64 -24.43 -31.29
CA ALA C 406 19.51 -25.21 -30.40
C ALA C 406 19.72 -26.58 -31.02
N LYS C 407 20.98 -26.96 -31.19
CA LYS C 407 21.35 -28.20 -31.86
C LYS C 407 22.50 -28.87 -31.17
N MET C 408 22.71 -30.15 -31.49
CA MET C 408 23.88 -30.88 -31.09
C MET C 408 25.01 -30.69 -32.10
N ASP C 409 26.20 -30.35 -31.59
CA ASP C 409 27.43 -30.41 -32.39
C ASP C 409 28.24 -31.58 -31.91
N THR C 410 29.02 -32.16 -32.82
CA THR C 410 29.90 -33.26 -32.47
C THR C 410 31.36 -32.84 -32.63
N PHE C 411 31.94 -32.39 -31.53
CA PHE C 411 33.36 -32.06 -31.41
C PHE C 411 34.14 -33.33 -31.07
N ASN C 412 34.78 -33.91 -32.09
CA ASN C 412 35.61 -35.13 -31.97
C ASN C 412 35.12 -36.12 -30.92
N ASP C 413 34.07 -36.85 -31.25
CA ASP C 413 33.42 -37.80 -30.33
C ASP C 413 32.51 -37.10 -29.30
N THR C 414 33.06 -36.22 -28.47
CA THR C 414 32.26 -35.47 -27.47
C THR C 414 31.15 -34.66 -28.14
N ALA C 415 30.11 -34.33 -27.38
CA ALA C 415 28.94 -33.69 -27.96
C ALA C 415 28.35 -32.58 -27.07
N ARG C 416 28.45 -31.34 -27.52
CA ARG C 416 27.89 -30.19 -26.81
C ARG C 416 26.67 -29.63 -27.51
N VAL C 417 25.69 -29.17 -26.73
CA VAL C 417 24.59 -28.37 -27.31
C VAL C 417 25.07 -26.96 -27.57
N ARG C 418 24.68 -26.39 -28.70
CA ARG C 418 24.94 -24.98 -28.93
C ARG C 418 23.68 -24.17 -29.24
N TYR C 419 23.71 -22.91 -28.81
CA TYR C 419 22.60 -22.01 -29.01
C TYR C 419 23.02 -20.91 -29.99
N THR C 420 22.33 -20.86 -31.12
CA THR C 420 22.68 -19.92 -32.16
C THR C 420 21.61 -18.84 -32.27
N ILE C 421 22.07 -17.62 -32.48
CA ILE C 421 21.17 -16.52 -32.72
C ILE C 421 20.90 -16.49 -34.22
N SER C 422 19.62 -16.53 -34.58
CA SER C 422 19.21 -16.34 -35.97
C SER C 422 18.73 -14.90 -36.21
N ARG C 423 17.98 -14.35 -35.27
CA ARG C 423 17.72 -12.90 -35.26
C ARG C 423 17.79 -12.38 -33.85
N ALA C 424 18.32 -11.17 -33.71
CA ALA C 424 18.21 -10.43 -32.45
C ALA C 424 17.56 -9.07 -32.72
N ALA C 425 16.45 -8.81 -32.08
CA ALA C 425 15.79 -7.51 -32.21
C ALA C 425 15.87 -6.80 -30.88
N PRO C 426 16.07 -5.47 -30.89
CA PRO C 426 16.09 -4.71 -29.64
C PRO C 426 14.68 -4.66 -29.05
N VAL C 427 14.56 -4.79 -27.74
CA VAL C 427 13.25 -4.81 -27.09
C VAL C 427 12.39 -3.57 -27.37
N ASP C 428 11.12 -3.80 -27.72
CA ASP C 428 10.13 -2.73 -27.80
C ASP C 428 9.44 -2.50 -26.44
N PHE C 429 9.95 -1.54 -25.70
CA PHE C 429 9.58 -1.38 -24.29
C PHE C 429 8.11 -1.20 -24.06
N ALA C 430 7.48 -0.35 -24.86
CA ALA C 430 6.04 -0.11 -24.79
C ALA C 430 5.22 -1.40 -24.89
N LYS C 431 5.53 -2.18 -25.92
CA LYS C 431 4.82 -3.40 -26.22
C LYS C 431 5.22 -4.55 -25.25
N ALA C 432 6.51 -4.75 -24.98
CA ALA C 432 6.92 -5.68 -23.90
C ALA C 432 6.22 -5.30 -22.58
N GLY C 433 6.03 -4.01 -22.37
CA GLY C 433 5.29 -3.50 -21.24
C GLY C 433 3.86 -3.99 -21.15
N MET C 434 3.09 -3.81 -22.22
CA MET C 434 1.69 -4.23 -22.19
C MET C 434 1.56 -5.74 -21.98
N GLU C 435 2.49 -6.50 -22.55
CA GLU C 435 2.56 -7.94 -22.29
C GLU C 435 2.63 -8.19 -20.82
N LEU C 436 3.61 -7.59 -20.17
CA LEU C 436 3.75 -7.70 -18.73
C LEU C 436 2.52 -7.27 -17.94
N VAL C 437 1.83 -6.21 -18.39
CA VAL C 437 0.58 -5.82 -17.75
C VAL C 437 -0.38 -7.00 -17.74
N ASP C 438 -0.63 -7.56 -18.92
CA ASP C 438 -1.51 -8.72 -19.04
C ASP C 438 -1.04 -9.78 -18.07
N ALA C 439 0.26 -10.05 -18.07
CA ALA C 439 0.79 -11.16 -17.29
C ALA C 439 0.49 -10.93 -15.81
N ILE C 440 0.77 -9.72 -15.34
CA ILE C 440 0.52 -9.31 -13.95
C ILE C 440 -0.96 -9.33 -13.50
N ARG C 441 -1.83 -8.73 -14.32
CA ARG C 441 -3.27 -8.71 -14.00
C ARG C 441 -3.82 -10.11 -13.69
N ALA C 442 -3.17 -11.14 -14.25
CA ALA C 442 -3.55 -12.54 -13.98
C ALA C 442 -3.25 -13.01 -12.56
N TYR C 443 -2.34 -12.33 -11.86
CA TYR C 443 -2.10 -12.54 -10.44
C TYR C 443 -2.93 -11.61 -9.55
N MET C 444 -3.66 -10.68 -10.17
CA MET C 444 -4.55 -9.78 -9.42
C MET C 444 -5.99 -9.85 -9.93
N MET D 1 -10.74 -15.73 -0.28
CA MET D 1 -9.84 -15.26 0.82
C MET D 1 -10.39 -13.97 1.48
N GLU D 2 -11.66 -13.72 1.26
CA GLU D 2 -12.18 -12.39 1.49
C GLU D 2 -11.08 -11.39 1.14
N LYS D 3 -11.10 -11.01 -0.14
CA LYS D 3 -10.30 -9.93 -0.65
C LYS D 3 -10.69 -8.70 0.12
N PRO D 4 -9.69 -7.95 0.60
CA PRO D 4 -9.95 -6.68 1.22
C PRO D 4 -10.87 -5.83 0.33
N THR D 5 -11.75 -5.05 0.96
CA THR D 5 -12.68 -4.16 0.28
C THR D 5 -12.39 -2.70 0.65
N PRO D 6 -11.47 -2.03 -0.08
CA PRO D 6 -11.08 -0.64 0.19
C PRO D 6 -12.23 0.29 0.54
N LEU D 7 -11.99 1.16 1.53
CA LEU D 7 -12.93 2.21 1.91
C LEU D 7 -12.52 3.41 1.11
N ILE D 8 -13.36 3.80 0.18
CA ILE D 8 -12.90 4.79 -0.80
C ILE D 8 -13.84 5.98 -0.90
N ASN D 9 -13.36 7.07 -1.47
CA ASN D 9 -14.19 8.20 -1.82
C ASN D 9 -14.36 8.21 -3.34
N SER D 10 -15.01 9.24 -3.86
CA SER D 10 -15.37 9.26 -5.27
C SER D 10 -14.18 9.34 -6.22
N SER D 11 -13.10 9.96 -5.76
CA SER D 11 -11.94 10.18 -6.61
C SER D 11 -11.14 8.89 -6.80
N MET D 12 -11.31 7.94 -5.91
CA MET D 12 -10.57 6.69 -5.99
C MET D 12 -11.22 5.67 -6.93
N LEU D 13 -12.42 5.98 -7.42
CA LEU D 13 -13.17 5.03 -8.25
C LEU D 13 -12.34 4.44 -9.38
N GLY D 14 -11.69 5.31 -10.15
CA GLY D 14 -10.82 4.91 -11.25
C GLY D 14 -9.80 3.84 -10.92
N GLN D 15 -9.31 3.83 -9.68
CA GLN D 15 -8.35 2.81 -9.24
C GLN D 15 -8.93 1.40 -8.98
N TYR D 16 -10.25 1.24 -9.08
CA TYR D 16 -10.85 -0.03 -8.78
C TYR D 16 -11.88 -0.50 -9.81
N VAL D 17 -11.75 -0.09 -11.07
CA VAL D 17 -12.70 -0.58 -12.06
C VAL D 17 -12.73 -2.10 -12.02
N GLY D 18 -13.95 -2.63 -11.93
CA GLY D 18 -14.21 -4.06 -11.82
C GLY D 18 -14.06 -4.66 -10.41
N GLN D 19 -13.75 -3.83 -9.43
CA GLN D 19 -13.50 -4.36 -8.10
C GLN D 19 -14.56 -3.94 -7.10
N THR D 20 -14.70 -4.76 -6.06
CA THR D 20 -15.66 -4.49 -4.99
C THR D 20 -15.09 -3.47 -4.01
N VAL D 21 -15.79 -2.36 -3.86
CA VAL D 21 -15.35 -1.37 -2.92
C VAL D 21 -16.40 -1.14 -1.85
N ARG D 22 -16.07 -0.26 -0.93
CA ARG D 22 -16.96 0.10 0.12
C ARG D 22 -16.92 1.62 0.19
N ILE D 23 -18.10 2.26 0.24
CA ILE D 23 -18.20 3.71 0.21
C ILE D 23 -19.38 4.28 1.01
N VAL D 24 -19.11 5.39 1.73
CA VAL D 24 -20.05 5.96 2.66
C VAL D 24 -20.41 7.34 2.19
N GLY D 25 -21.67 7.70 2.34
CA GLY D 25 -22.10 9.02 1.97
C GLY D 25 -23.50 9.39 2.38
N LYS D 26 -23.81 10.67 2.24
CA LYS D 26 -25.10 11.23 2.57
C LYS D 26 -26.02 11.09 1.36
N VAL D 27 -27.21 10.55 1.58
CA VAL D 27 -28.20 10.38 0.51
C VAL D 27 -28.74 11.74 0.05
N HIS D 28 -28.56 12.02 -1.25
CA HIS D 28 -28.97 13.27 -1.85
C HIS D 28 -30.33 13.11 -2.47
N LYS D 29 -30.46 12.12 -3.34
CA LYS D 29 -31.71 11.82 -4.04
C LYS D 29 -31.82 10.32 -4.29
N VAL D 30 -33.05 9.82 -4.43
CA VAL D 30 -33.25 8.44 -4.85
C VAL D 30 -34.22 8.48 -6.01
N THR D 31 -33.75 8.00 -7.16
CA THR D 31 -34.54 7.99 -8.38
C THR D 31 -34.68 6.57 -8.92
N GLY D 32 -35.83 5.95 -8.62
CA GLY D 32 -36.06 4.54 -8.87
C GLY D 32 -35.06 3.66 -8.12
N ASN D 33 -34.32 2.88 -8.88
CA ASN D 33 -33.27 2.02 -8.34
C ASN D 33 -31.88 2.65 -8.42
N THR D 34 -31.83 3.97 -8.63
CA THR D 34 -30.56 4.69 -8.61
C THR D 34 -30.50 5.60 -7.38
N LEU D 35 -29.35 5.57 -6.72
CA LEU D 35 -29.13 6.41 -5.57
C LEU D 35 -28.07 7.44 -5.90
N LEU D 36 -28.31 8.69 -5.53
CA LEU D 36 -27.26 9.68 -5.64
C LEU D 36 -26.66 9.99 -4.28
N MET D 37 -25.35 9.81 -4.16
CA MET D 37 -24.68 9.87 -2.89
C MET D 37 -23.53 10.89 -2.88
N GLN D 38 -23.45 11.66 -1.81
CA GLN D 38 -22.32 12.56 -1.58
C GLN D 38 -21.26 11.89 -0.67
N THR D 39 -20.01 11.92 -1.12
CA THR D 39 -18.90 11.32 -0.40
C THR D 39 -18.11 12.32 0.42
N SER D 40 -17.38 11.82 1.42
CA SER D 40 -16.39 12.59 2.20
C SER D 40 -15.47 13.40 1.29
N ASP D 41 -15.24 12.85 0.11
CA ASP D 41 -14.58 13.50 -1.01
C ASP D 41 -15.24 14.83 -1.39
N LEU D 42 -16.51 14.97 -1.03
CA LEU D 42 -17.39 16.03 -1.55
C LEU D 42 -17.90 15.77 -2.95
N GLY D 43 -17.47 14.67 -3.55
CA GLY D 43 -17.93 14.29 -4.87
C GLY D 43 -19.07 13.30 -4.83
N ASN D 44 -20.00 13.42 -5.79
CA ASN D 44 -21.18 12.58 -5.88
C ASN D 44 -20.95 11.29 -6.67
N VAL D 45 -21.76 10.28 -6.41
CA VAL D 45 -21.59 8.94 -7.01
C VAL D 45 -22.97 8.31 -7.29
N GLU D 46 -23.09 7.73 -8.48
CA GLU D 46 -24.35 7.14 -8.92
C GLU D 46 -24.28 5.66 -8.57
N ILE D 47 -25.21 5.20 -7.74
CA ILE D 47 -25.27 3.80 -7.31
C ILE D 47 -26.53 3.08 -7.81
N ALA D 48 -26.35 1.94 -8.46
CA ALA D 48 -27.49 1.17 -8.94
C ALA D 48 -27.87 0.23 -7.82
N MET D 49 -29.13 0.30 -7.42
CA MET D 49 -29.57 -0.32 -6.18
C MET D 49 -30.30 -1.63 -6.43
N THR D 50 -30.12 -2.57 -5.50
CA THR D 50 -30.88 -3.83 -5.42
C THR D 50 -32.39 -3.57 -5.29
N PRO D 51 -33.23 -4.33 -6.03
CA PRO D 51 -34.69 -4.25 -5.90
C PRO D 51 -35.18 -4.02 -4.47
N ASP D 52 -34.71 -4.81 -3.52
CA ASP D 52 -35.08 -4.56 -2.12
C ASP D 52 -34.07 -3.66 -1.40
N SER D 53 -34.43 -2.38 -1.28
CA SER D 53 -33.68 -1.40 -0.50
C SER D 53 -34.57 -0.22 -0.11
N ASP D 54 -34.62 0.08 1.19
CA ASP D 54 -35.45 1.18 1.70
C ASP D 54 -34.57 2.40 2.04
N VAL D 55 -33.48 2.52 1.27
CA VAL D 55 -32.56 3.64 1.36
C VAL D 55 -33.25 5.01 1.45
N SER D 56 -34.36 5.17 0.73
CA SER D 56 -35.15 6.40 0.74
C SER D 56 -35.31 7.05 2.13
N SER D 57 -35.57 6.26 3.16
CA SER D 57 -35.81 6.81 4.50
C SER D 57 -34.57 6.79 5.42
N SER D 58 -33.41 7.13 4.87
CA SER D 58 -32.15 7.09 5.63
C SER D 58 -31.12 8.11 5.15
N THR D 59 -30.33 8.64 6.09
CA THR D 59 -29.55 9.84 5.79
C THR D 59 -28.19 9.48 5.25
N PHE D 60 -27.42 8.71 6.02
CA PHE D 60 -26.13 8.26 5.53
C PHE D 60 -26.16 6.76 5.33
N VAL D 61 -25.38 6.29 4.38
CA VAL D 61 -25.43 4.90 4.03
C VAL D 61 -24.04 4.39 3.73
N GLU D 62 -23.81 3.10 3.94
CA GLU D 62 -22.55 2.45 3.52
C GLU D 62 -22.85 1.38 2.47
N VAL D 63 -22.25 1.52 1.30
CA VAL D 63 -22.51 0.57 0.24
C VAL D 63 -21.32 -0.30 0.03
N THR D 64 -21.54 -1.59 -0.07
CA THR D 64 -20.53 -2.44 -0.65
C THR D 64 -21.00 -2.74 -2.06
N GLY D 65 -20.21 -2.34 -3.04
CA GLY D 65 -20.57 -2.58 -4.43
C GLY D 65 -19.38 -2.67 -5.32
N LYS D 66 -19.65 -3.00 -6.57
CA LYS D 66 -18.61 -3.21 -7.56
C LYS D 66 -18.59 -2.02 -8.48
N VAL D 67 -17.40 -1.45 -8.71
CA VAL D 67 -17.23 -0.30 -9.62
C VAL D 67 -17.44 -0.69 -11.08
N SER D 68 -18.35 -0.01 -11.77
CA SER D 68 -18.73 -0.36 -13.14
C SER D 68 -17.84 0.23 -14.26
N ASP D 69 -17.95 -0.35 -15.46
CA ASP D 69 -17.24 0.08 -16.69
C ASP D 69 -17.49 1.53 -17.19
N ALA D 70 -18.68 2.07 -16.92
CA ALA D 70 -19.13 3.38 -17.49
C ALA D 70 -18.36 4.61 -16.98
N GLY D 71 -17.78 4.51 -15.78
CA GLY D 71 -16.97 5.58 -15.18
C GLY D 71 -17.08 5.53 -13.66
N SER D 72 -18.02 6.31 -13.13
CA SER D 72 -18.34 6.34 -11.70
C SER D 72 -19.80 5.93 -11.41
N SER D 73 -20.23 4.81 -12.00
CA SER D 73 -21.48 4.13 -11.66
C SER D 73 -21.09 2.91 -10.82
N PHE D 74 -22.08 2.13 -10.41
CA PHE D 74 -21.89 1.26 -9.26
C PHE D 74 -22.95 0.24 -9.04
N GLN D 75 -22.58 -1.04 -8.95
CA GLN D 75 -23.59 -2.10 -8.74
C GLN D 75 -23.58 -2.47 -7.27
N ALA D 76 -24.56 -1.98 -6.50
CA ALA D 76 -24.72 -2.32 -5.08
C ALA D 76 -24.89 -3.80 -4.88
N ASN D 77 -24.01 -4.38 -4.06
CA ASN D 77 -24.16 -5.73 -3.55
C ASN D 77 -24.99 -5.66 -2.25
N GLN D 78 -24.44 -5.01 -1.23
CA GLN D 78 -25.12 -4.84 0.05
C GLN D 78 -25.19 -3.40 0.48
N ILE D 79 -26.01 -3.12 1.47
CA ILE D 79 -26.15 -1.74 1.93
C ILE D 79 -26.40 -1.67 3.47
N ARG D 80 -25.63 -0.84 4.16
CA ARG D 80 -25.77 -0.56 5.61
C ARG D 80 -26.24 0.87 5.96
N GLU D 81 -27.27 0.96 6.81
CA GLU D 81 -27.85 2.22 7.25
C GLU D 81 -27.24 2.71 8.58
N PHE D 82 -27.30 4.03 8.86
CA PHE D 82 -26.96 4.62 10.20
C PHE D 82 -27.63 5.96 10.54
N THR D 83 -26.86 6.97 10.95
CA THR D 83 -27.37 8.29 11.37
C THR D 83 -28.48 8.14 12.43
N THR D 84 -29.54 8.92 12.21
CA THR D 84 -30.88 8.71 12.76
C THR D 84 -31.76 9.66 11.94
N VAL D 85 -33.03 9.76 12.32
CA VAL D 85 -33.96 10.71 11.70
C VAL D 85 -34.23 11.89 12.64
N ASP D 90 -26.08 11.22 12.99
CA ASP D 90 -25.31 12.18 12.21
C ASP D 90 -23.91 11.62 12.13
N VAL D 91 -23.58 11.09 10.96
CA VAL D 91 -22.24 10.61 10.65
C VAL D 91 -21.31 11.79 10.39
N ASP D 92 -20.06 11.66 10.82
CA ASP D 92 -19.10 12.73 10.61
C ASP D 92 -18.27 12.54 9.35
N LEU D 93 -18.70 13.16 8.26
CA LEU D 93 -18.03 13.02 6.96
C LEU D 93 -16.54 13.40 6.94
N THR D 94 -16.19 14.44 7.70
CA THR D 94 -14.78 14.86 7.81
C THR D 94 -13.96 13.74 8.42
N LEU D 95 -14.45 13.18 9.53
CA LEU D 95 -13.81 12.03 10.11
C LEU D 95 -13.67 10.93 9.06
N VAL D 96 -14.71 10.73 8.27
CA VAL D 96 -14.64 9.71 7.24
C VAL D 96 -13.53 10.01 6.22
N GLU D 97 -13.41 11.26 5.80
CA GLU D 97 -12.42 11.58 4.75
C GLU D 97 -11.05 11.19 5.22
N ASN D 98 -10.76 11.50 6.47
CA ASN D 98 -9.47 11.19 7.07
C ASN D 98 -9.19 9.71 7.22
N VAL D 99 -10.21 8.96 7.59
CA VAL D 99 -10.06 7.52 7.70
C VAL D 99 -9.77 6.93 6.33
N VAL D 100 -10.40 7.46 5.29
CA VAL D 100 -10.13 6.99 3.94
C VAL D 100 -8.64 7.19 3.63
N GLN D 101 -8.18 8.43 3.77
CA GLN D 101 -6.81 8.79 3.48
C GLN D 101 -5.81 7.99 4.28
N ILE D 102 -6.07 7.86 5.57
CA ILE D 102 -5.20 7.12 6.48
C ILE D 102 -5.16 5.63 6.10
N SER D 103 -6.33 5.08 5.77
CA SER D 103 -6.42 3.65 5.46
C SER D 103 -5.63 3.36 4.19
N ALA D 104 -5.66 4.28 3.22
CA ALA D 104 -4.82 4.13 2.03
C ALA D 104 -3.34 4.11 2.42
N ALA D 105 -3.00 4.75 3.52
CA ALA D 105 -1.60 4.89 3.87
C ALA D 105 -1.03 3.72 4.67
N PHE D 106 -1.89 2.75 5.01
CA PHE D 106 -1.50 1.58 5.84
C PHE D 106 -2.01 0.26 5.23
N PRO D 107 -1.56 -0.07 3.99
CA PRO D 107 -2.00 -1.29 3.34
C PRO D 107 -1.68 -2.54 4.16
N ASN D 108 -0.69 -2.49 5.04
CA ASN D 108 -0.43 -3.62 5.94
C ASN D 108 -1.61 -3.93 6.87
N LEU D 109 -2.47 -2.96 7.14
CA LEU D 109 -3.61 -3.16 8.05
C LEU D 109 -4.93 -3.22 7.31
N PHE D 110 -5.02 -2.58 6.17
CA PHE D 110 -6.29 -2.57 5.48
C PHE D 110 -6.31 -3.33 4.16
N SER D 111 -5.23 -4.05 3.83
CA SER D 111 -5.11 -4.66 2.52
C SER D 111 -4.18 -5.84 2.44
N ASP D 112 -4.03 -6.39 1.23
CA ASP D 112 -3.14 -7.51 0.95
C ASP D 112 -1.67 -7.10 0.91
N ASN E 7 -0.32 -7.40 30.03
CA ASN E 7 -1.59 -8.02 29.59
C ASN E 7 -2.62 -6.98 29.12
N THR E 8 -3.05 -7.08 27.86
CA THR E 8 -3.57 -5.91 27.16
C THR E 8 -4.83 -6.17 26.36
N LEU E 9 -5.49 -5.09 25.94
CA LEU E 9 -6.61 -5.14 25.01
C LEU E 9 -6.31 -4.34 23.74
N ARG E 10 -5.99 -5.06 22.66
CA ARG E 10 -5.42 -4.47 21.47
C ARG E 10 -6.43 -4.25 20.37
N PRO E 11 -6.56 -3.00 19.90
CA PRO E 11 -7.47 -2.79 18.79
C PRO E 11 -6.78 -3.24 17.51
N VAL E 12 -7.47 -4.05 16.73
CA VAL E 12 -6.86 -4.65 15.56
C VAL E 12 -7.85 -4.71 14.41
N THR E 13 -7.32 -4.92 13.20
CA THR E 13 -8.15 -5.28 12.07
C THR E 13 -8.10 -6.78 11.91
N ILE E 14 -9.13 -7.32 11.26
CA ILE E 14 -9.10 -8.73 10.91
C ILE E 14 -7.82 -9.05 10.12
N ARG E 15 -7.35 -8.12 9.28
CA ARG E 15 -6.13 -8.39 8.52
C ARG E 15 -4.95 -8.68 9.43
N GLN E 16 -4.74 -7.80 10.40
CA GLN E 16 -3.75 -8.03 11.46
C GLN E 16 -3.92 -9.39 12.15
N ILE E 17 -5.16 -9.74 12.50
CA ILE E 17 -5.36 -11.03 13.10
C ILE E 17 -4.80 -12.11 12.15
N LEU E 18 -5.14 -12.04 10.87
CA LEU E 18 -4.66 -13.02 9.88
C LEU E 18 -3.17 -12.93 9.60
N ASN E 19 -2.53 -11.81 9.88
CA ASN E 19 -1.09 -11.76 9.67
C ASN E 19 -0.28 -11.99 10.92
N ALA E 20 -0.94 -12.21 12.05
CA ALA E 20 -0.27 -12.51 13.30
C ALA E 20 0.47 -13.83 13.16
N GLU E 21 1.67 -13.91 13.70
CA GLU E 21 2.50 -15.10 13.57
C GLU E 21 2.36 -16.00 14.76
N GLN E 22 2.33 -17.29 14.49
CA GLN E 22 2.44 -18.28 15.54
C GLN E 22 3.64 -19.19 15.35
N PRO E 23 4.75 -18.89 16.04
CA PRO E 23 5.99 -19.65 15.97
C PRO E 23 5.83 -21.05 16.54
N HIS E 24 5.03 -21.87 15.88
CA HIS E 24 4.77 -23.27 16.27
C HIS E 24 3.51 -23.46 17.04
N PRO E 25 2.98 -24.70 17.02
CA PRO E 25 1.60 -25.17 17.27
C PRO E 25 0.85 -24.61 18.49
N ASP E 26 1.58 -24.28 19.54
CA ASP E 26 0.97 -23.80 20.79
C ASP E 26 1.93 -22.81 21.43
N ALA E 27 1.85 -21.59 20.92
CA ALA E 27 2.56 -20.44 21.41
C ALA E 27 1.56 -19.30 21.30
N GLU E 28 1.62 -18.36 22.21
CA GLU E 28 0.85 -17.15 22.04
C GLU E 28 1.17 -16.58 20.66
N PHE E 29 0.16 -16.03 20.00
CA PHE E 29 0.34 -15.32 18.74
C PHE E 29 1.10 -14.03 18.95
N ILE E 30 1.79 -13.59 17.91
CA ILE E 30 2.57 -12.37 17.99
C ILE E 30 2.19 -11.40 16.87
N LEU E 31 1.83 -10.18 17.25
CA LEU E 31 1.59 -9.13 16.26
C LEU E 31 2.44 -7.89 16.54
N ASP E 32 3.18 -7.46 15.53
CA ASP E 32 4.12 -6.35 15.63
C ASP E 32 5.11 -6.53 16.79
N GLY E 33 5.67 -7.73 16.93
CA GLY E 33 6.59 -8.04 18.03
C GLY E 33 6.00 -7.89 19.43
N ALA E 34 4.71 -8.18 19.55
CA ALA E 34 4.03 -8.08 20.81
C ALA E 34 3.02 -9.20 20.94
N GLU E 35 2.92 -9.79 22.14
CA GLU E 35 1.93 -10.79 22.47
C GLU E 35 0.55 -10.28 22.11
N LEU E 36 -0.22 -11.12 21.42
CA LEU E 36 -1.59 -10.82 21.03
C LEU E 36 -2.53 -11.73 21.77
N GLY E 37 -3.00 -11.26 22.93
CA GLY E 37 -3.95 -11.99 23.77
C GLY E 37 -5.35 -11.54 23.45
N GLN E 38 -5.91 -10.74 24.35
CA GLN E 38 -7.24 -10.18 24.16
C GLN E 38 -7.19 -9.09 23.11
N LEU E 39 -8.25 -8.99 22.31
CA LEU E 39 -8.27 -8.01 21.25
C LEU E 39 -9.69 -7.57 21.02
N THR E 40 -9.85 -6.47 20.30
CA THR E 40 -11.16 -5.93 19.97
C THR E 40 -11.21 -5.40 18.56
N PHE E 41 -12.36 -5.51 17.92
CA PHE E 41 -12.55 -4.94 16.59
C PHE E 41 -14.01 -4.75 16.22
N VAL E 42 -14.23 -4.07 15.10
CA VAL E 42 -15.58 -3.74 14.66
C VAL E 42 -15.76 -4.35 13.29
N ALA E 43 -16.94 -4.92 13.03
CA ALA E 43 -17.14 -5.67 11.80
C ALA E 43 -18.61 -5.88 11.53
N VAL E 44 -18.91 -6.36 10.33
CA VAL E 44 -20.27 -6.65 9.92
C VAL E 44 -20.55 -8.15 9.91
N VAL E 45 -21.63 -8.55 10.57
CA VAL E 45 -22.06 -9.94 10.60
C VAL E 45 -22.54 -10.27 9.22
N ARG E 46 -22.08 -11.38 8.68
CA ARG E 46 -22.52 -11.84 7.34
C ARG E 46 -23.27 -13.17 7.36
N ASN E 47 -22.99 -13.99 8.37
CA ASN E 47 -23.71 -15.24 8.58
C ASN E 47 -23.75 -15.62 10.08
N ILE E 48 -24.82 -16.31 10.47
CA ILE E 48 -25.03 -16.75 11.85
C ILE E 48 -25.46 -18.21 11.89
N SER E 49 -24.58 -19.04 12.44
CA SER E 49 -24.82 -20.46 12.60
C SER E 49 -24.96 -20.76 14.08
N ARG E 50 -26.07 -21.37 14.48
CA ARG E 50 -26.34 -21.58 15.88
C ARG E 50 -26.23 -23.06 16.25
N ASN E 51 -25.45 -23.31 17.29
CA ASN E 51 -25.25 -24.67 17.80
C ASN E 51 -25.85 -24.83 19.19
N ALA E 52 -25.79 -26.04 19.71
CA ALA E 52 -26.15 -26.30 21.09
C ALA E 52 -25.16 -25.61 22.01
N THR E 53 -23.87 -25.71 21.69
CA THR E 53 -22.83 -25.19 22.57
C THR E 53 -22.51 -23.70 22.34
N ASN E 54 -22.58 -23.27 21.08
CA ASN E 54 -22.09 -21.95 20.70
C ASN E 54 -22.88 -21.28 19.58
N VAL E 55 -22.71 -19.97 19.44
CA VAL E 55 -23.17 -19.25 18.27
C VAL E 55 -21.97 -18.80 17.42
N ALA E 56 -21.95 -19.22 16.16
CA ALA E 56 -20.88 -18.85 15.24
C ALA E 56 -21.32 -17.77 14.26
N TYR E 57 -20.57 -16.67 14.25
CA TYR E 57 -20.80 -15.56 13.34
C TYR E 57 -19.70 -15.53 12.31
N SER E 58 -20.05 -15.29 11.06
CA SER E 58 -19.08 -15.00 10.04
C SER E 58 -19.03 -13.49 9.98
N VAL E 59 -17.82 -12.97 10.09
CA VAL E 59 -17.65 -11.57 10.34
C VAL E 59 -16.54 -10.98 9.45
N GLU E 60 -16.78 -9.75 9.01
CA GLU E 60 -15.99 -9.14 7.93
C GLU E 60 -15.98 -7.61 8.11
N ASP E 61 -14.80 -7.01 7.96
CA ASP E 61 -14.60 -5.57 8.17
C ASP E 61 -13.93 -4.89 6.97
N GLY E 62 -14.07 -5.45 5.79
CA GLY E 62 -13.51 -4.84 4.59
C GLY E 62 -12.02 -5.06 4.44
N THR E 63 -11.42 -5.74 5.42
CA THR E 63 -9.99 -6.04 5.38
C THR E 63 -9.73 -7.55 5.34
N GLY E 64 -10.69 -8.33 5.83
CA GLY E 64 -10.65 -9.79 5.76
C GLY E 64 -11.88 -10.34 6.44
N GLN E 65 -12.01 -11.66 6.50
CA GLN E 65 -13.15 -12.33 7.13
C GLN E 65 -12.70 -13.35 8.18
N ILE E 66 -13.39 -13.41 9.30
CA ILE E 66 -13.07 -14.40 10.33
C ILE E 66 -14.33 -14.88 11.05
N GLU E 67 -14.25 -16.07 11.64
CA GLU E 67 -15.31 -16.60 12.49
C GLU E 67 -15.13 -16.14 13.90
N VAL E 68 -16.21 -15.72 14.51
CA VAL E 68 -16.18 -15.49 15.95
C VAL E 68 -17.31 -16.30 16.59
N ARG E 69 -16.93 -17.21 17.48
CA ARG E 69 -17.92 -17.96 18.19
C ARG E 69 -17.97 -17.51 19.62
N GLN E 70 -19.19 -17.27 20.08
CA GLN E 70 -19.44 -16.92 21.46
C GLN E 70 -20.27 -18.02 22.10
N TRP E 71 -20.08 -18.20 23.39
CA TRP E 71 -20.49 -19.42 24.06
C TRP E 71 -21.72 -19.21 24.87
N LEU E 72 -22.57 -20.23 24.86
CA LEU E 72 -23.85 -20.19 25.57
C LEU E 72 -23.70 -20.99 26.85
N ASP E 73 -24.42 -20.56 27.90
CA ASP E 73 -24.41 -21.26 29.18
C ASP E 73 -25.81 -21.28 29.82
N ALA E 82 -28.41 -13.72 22.00
CA ALA E 82 -27.88 -12.67 21.14
C ALA E 82 -28.82 -12.25 19.97
N SER E 83 -30.14 -12.19 20.28
CA SER E 83 -31.19 -11.97 19.27
C SER E 83 -31.41 -10.51 18.83
N GLU E 84 -30.50 -9.62 19.23
CA GLU E 84 -30.47 -8.23 18.73
C GLU E 84 -29.36 -8.03 17.69
N ILE E 85 -28.66 -9.14 17.40
CA ILE E 85 -27.67 -9.19 16.33
C ILE E 85 -28.22 -9.96 15.16
N ARG E 86 -28.36 -9.29 14.02
CA ARG E 86 -28.79 -9.94 12.79
C ARG E 86 -27.70 -9.77 11.78
N ASN E 87 -27.83 -10.45 10.64
CA ASN E 87 -26.95 -10.20 9.49
C ASN E 87 -26.88 -8.74 9.10
N ASN E 88 -25.77 -8.38 8.45
CA ASN E 88 -25.63 -7.10 7.83
C ASN E 88 -25.73 -5.97 8.87
N VAL E 89 -25.06 -6.19 9.99
CA VAL E 89 -25.07 -5.26 11.11
C VAL E 89 -23.63 -5.11 11.64
N TYR E 90 -23.26 -3.89 12.04
CA TYR E 90 -21.98 -3.67 12.73
C TYR E 90 -21.98 -4.08 14.22
N VAL E 91 -20.88 -4.67 14.69
CA VAL E 91 -20.76 -5.05 16.09
C VAL E 91 -19.34 -4.85 16.55
N ARG E 92 -19.21 -4.51 17.83
CA ARG E 92 -17.94 -4.51 18.53
C ARG E 92 -17.69 -5.91 19.04
N VAL E 93 -16.57 -6.50 18.68
CA VAL E 93 -16.23 -7.83 19.17
C VAL E 93 -15.02 -7.78 20.08
N LEU E 94 -15.14 -8.44 21.23
CA LEU E 94 -14.09 -8.48 22.25
C LEU E 94 -13.83 -9.95 22.48
N GLY E 95 -12.60 -10.42 22.26
CA GLY E 95 -12.34 -11.85 22.30
C GLY E 95 -10.89 -12.28 22.43
N THR E 96 -10.65 -13.56 22.15
CA THR E 96 -9.31 -14.13 22.17
C THR E 96 -9.08 -14.89 20.88
N LEU E 97 -7.90 -14.75 20.30
CA LEU E 97 -7.60 -15.45 19.07
C LEU E 97 -7.28 -16.91 19.37
N LYS E 98 -7.75 -17.82 18.54
CA LYS E 98 -7.47 -19.22 18.75
C LYS E 98 -7.23 -19.92 17.43
N SER E 99 -6.40 -20.96 17.45
CA SER E 99 -6.11 -21.73 16.26
C SER E 99 -6.55 -23.16 16.44
N PHE E 100 -7.19 -23.73 15.43
CA PHE E 100 -7.67 -25.12 15.43
C PHE E 100 -7.24 -25.73 14.11
N GLN E 101 -6.32 -26.70 14.15
CA GLN E 101 -5.73 -27.29 12.94
C GLN E 101 -5.57 -26.27 11.81
N ASN E 102 -4.63 -25.35 11.99
CA ASN E 102 -4.30 -24.41 10.94
C ASN E 102 -5.35 -23.33 10.69
N ARG E 103 -6.55 -23.45 11.27
CA ARG E 103 -7.61 -22.44 11.11
C ARG E 103 -7.63 -21.44 12.27
N ARG E 104 -8.13 -20.22 12.02
CA ARG E 104 -8.11 -19.13 13.02
C ARG E 104 -9.49 -18.52 13.30
N SER E 105 -9.81 -18.38 14.58
CA SER E 105 -11.10 -17.81 14.92
C SER E 105 -11.05 -17.08 16.22
N ILE E 106 -12.10 -16.32 16.49
CA ILE E 106 -12.18 -15.59 17.74
C ILE E 106 -13.09 -16.35 18.69
N SER E 107 -12.64 -16.49 19.92
CA SER E 107 -13.47 -16.99 20.99
C SER E 107 -13.95 -15.76 21.74
N SER E 108 -15.25 -15.50 21.75
CA SER E 108 -15.71 -14.24 22.33
C SER E 108 -16.74 -14.43 23.40
N GLY E 109 -16.73 -13.52 24.37
CA GLY E 109 -17.78 -13.48 25.37
C GLY E 109 -18.72 -12.36 25.02
N HIS E 110 -18.14 -11.26 24.61
CA HIS E 110 -18.91 -10.06 24.42
C HIS E 110 -19.05 -9.68 22.98
N MET E 111 -20.27 -9.32 22.59
CA MET E 111 -20.51 -8.82 21.25
C MET E 111 -21.66 -7.87 21.28
N ARG E 112 -21.40 -6.61 20.92
CA ARG E 112 -22.41 -5.55 21.07
C ARG E 112 -22.68 -4.77 19.77
N PRO E 113 -23.97 -4.65 19.40
CA PRO E 113 -24.31 -3.82 18.25
C PRO E 113 -23.60 -2.48 18.36
N VAL E 114 -22.94 -2.07 17.29
CA VAL E 114 -22.28 -0.78 17.26
C VAL E 114 -23.21 0.40 17.52
N ILE E 115 -22.72 1.32 18.35
CA ILE E 115 -23.49 2.48 18.84
C ILE E 115 -23.94 3.39 17.67
N ASP E 116 -22.96 3.98 17.00
CA ASP E 116 -23.16 4.80 15.80
C ASP E 116 -22.03 4.45 14.85
N TYR E 117 -22.13 4.92 13.61
CA TYR E 117 -21.16 4.60 12.60
C TYR E 117 -19.81 5.21 12.91
N ASN E 118 -19.82 6.37 13.58
CA ASN E 118 -18.57 6.99 13.98
C ASN E 118 -17.67 6.07 14.79
N GLU E 119 -18.24 5.10 15.50
CA GLU E 119 -17.42 4.11 16.18
C GLU E 119 -16.57 3.28 15.21
N VAL E 120 -17.19 2.90 14.09
CA VAL E 120 -16.53 2.09 13.06
C VAL E 120 -15.32 2.84 12.57
N MET E 121 -15.47 4.13 12.36
CA MET E 121 -14.37 4.99 11.95
C MET E 121 -13.33 5.12 13.05
N PHE E 122 -13.78 5.44 14.27
CA PHE E 122 -12.91 5.51 15.43
C PHE E 122 -12.07 4.26 15.55
N HIS E 123 -12.68 3.11 15.31
CA HIS E 123 -11.95 1.87 15.43
C HIS E 123 -10.78 1.69 14.48
N ARG E 124 -10.94 2.01 13.20
CA ARG E 124 -9.79 1.89 12.30
C ARG E 124 -8.62 2.72 12.79
N LEU E 125 -8.93 3.89 13.31
CA LEU E 125 -7.90 4.82 13.74
C LEU E 125 -7.20 4.29 14.96
N GLU E 126 -7.96 3.63 15.81
CA GLU E 126 -7.41 3.13 17.05
C GLU E 126 -6.38 2.04 16.74
N ALA E 127 -6.70 1.21 15.74
CA ALA E 127 -5.81 0.17 15.25
C ALA E 127 -4.52 0.75 14.69
N VAL E 128 -4.67 1.81 13.91
CA VAL E 128 -3.51 2.47 13.32
C VAL E 128 -2.66 3.01 14.47
N HIS E 129 -3.29 3.81 15.32
CA HIS E 129 -2.60 4.41 16.45
C HIS E 129 -1.89 3.39 17.32
N ALA E 130 -2.56 2.28 17.61
CA ALA E 130 -1.93 1.27 18.44
C ALA E 130 -0.74 0.67 17.70
N HIS E 131 -0.93 0.28 16.44
CA HIS E 131 0.16 -0.26 15.58
C HIS E 131 1.36 0.64 15.50
N LEU E 132 1.12 1.94 15.39
CA LEU E 132 2.17 2.94 15.40
C LEU E 132 2.95 2.99 16.71
N GLN E 133 2.25 2.81 17.83
CA GLN E 133 2.87 2.94 19.13
C GLN E 133 3.71 1.76 19.56
N VAL E 134 3.37 0.56 19.09
CA VAL E 134 4.19 -0.63 19.31
C VAL E 134 5.37 -0.65 18.35
N THR E 135 5.24 0.10 17.26
CA THR E 135 6.15 0.00 16.13
C THR E 135 7.16 1.14 16.09
N ARG E 136 6.69 2.33 16.48
CA ARG E 136 7.40 3.61 16.29
C ARG E 136 7.50 3.99 14.81
N ILE F 3 19.21 31.87 -4.59
CA ILE F 3 18.37 31.74 -3.35
C ILE F 3 17.06 31.04 -3.64
N TYR F 4 16.61 30.24 -2.67
CA TYR F 4 15.35 29.51 -2.73
C TYR F 4 14.38 30.00 -1.67
N PRO F 5 13.06 29.93 -1.95
CA PRO F 5 12.06 30.04 -0.89
C PRO F 5 12.13 28.75 -0.10
N ILE F 6 11.80 28.79 1.20
CA ILE F 6 11.82 27.58 2.04
C ILE F 6 10.91 26.48 1.48
N GLU F 7 9.73 26.86 1.00
CA GLU F 7 8.76 25.93 0.45
C GLU F 7 9.27 25.25 -0.81
N GLY F 8 10.34 25.82 -1.36
CA GLY F 8 10.96 25.28 -2.54
C GLY F 8 11.92 24.14 -2.24
N LEU F 9 12.27 23.95 -0.97
CA LEU F 9 13.30 22.96 -0.58
C LEU F 9 12.85 21.50 -0.64
N SER F 10 13.80 20.63 -1.00
CA SER F 10 13.56 19.20 -1.17
C SER F 10 14.89 18.47 -1.15
N PRO F 11 14.87 17.14 -0.97
CA PRO F 11 16.10 16.34 -1.08
C PRO F 11 16.65 16.30 -2.51
N TYR F 12 15.84 16.66 -3.49
CA TYR F 12 16.20 16.47 -4.92
C TYR F 12 17.08 17.56 -5.48
N GLN F 13 17.32 18.61 -4.68
CA GLN F 13 18.10 19.76 -5.10
C GLN F 13 19.09 20.07 -4.01
N ASN F 14 20.35 20.15 -4.40
CA ASN F 14 21.44 20.30 -3.43
C ASN F 14 22.14 21.65 -3.46
N ARG F 15 22.06 22.34 -4.60
CA ARG F 15 22.57 23.70 -4.71
C ARG F 15 21.49 24.71 -4.27
N TRP F 16 21.51 25.11 -3.00
CA TRP F 16 20.53 26.09 -2.51
C TRP F 16 20.99 26.88 -1.32
N THR F 17 20.41 28.09 -1.22
CA THR F 17 20.59 29.03 -0.11
C THR F 17 19.24 29.60 0.31
N ILE F 18 19.02 29.74 1.61
CA ILE F 18 17.77 30.38 2.03
C ILE F 18 18.01 31.64 2.84
N LYS F 19 17.10 32.60 2.72
CA LYS F 19 17.13 33.80 3.54
C LYS F 19 15.97 33.67 4.53
N ALA F 20 16.28 33.43 5.80
CA ALA F 20 15.20 33.22 6.78
C ALA F 20 15.44 33.86 8.14
N ARG F 21 14.38 34.27 8.85
CA ARG F 21 14.65 34.66 10.25
C ARG F 21 14.38 33.54 11.25
N VAL F 22 15.21 33.47 12.29
CA VAL F 22 15.04 32.49 13.34
C VAL F 22 13.89 32.94 14.22
N THR F 23 12.81 32.18 14.23
CA THR F 23 11.68 32.53 15.08
C THR F 23 11.82 31.96 16.48
N SER F 24 12.46 30.80 16.62
CA SER F 24 12.69 30.22 17.93
C SER F 24 13.89 29.29 17.93
N LYS F 25 14.42 29.02 19.11
CA LYS F 25 15.65 28.26 19.21
C LYS F 25 15.56 27.41 20.44
N SER F 26 15.95 26.15 20.34
CA SER F 26 15.87 25.26 21.48
C SER F 26 17.05 25.51 22.37
N ASP F 27 16.97 25.00 23.59
CA ASP F 27 18.15 24.81 24.41
C ASP F 27 19.02 23.71 23.78
N ILE F 28 20.18 23.50 24.38
CA ILE F 28 21.03 22.45 23.92
C ILE F 28 20.61 21.19 24.65
N ARG F 29 20.24 20.17 23.88
CA ARG F 29 19.78 18.92 24.45
C ARG F 29 20.93 17.91 24.49
N HIS F 30 21.17 17.32 25.67
CA HIS F 30 22.24 16.34 25.83
C HIS F 30 21.78 14.92 25.87
N TRP F 31 22.68 14.02 25.52
CA TRP F 31 22.56 12.65 25.96
C TRP F 31 23.96 12.16 26.26
N SER F 32 24.07 10.94 26.77
CA SER F 32 25.37 10.35 26.95
C SER F 32 25.30 8.84 26.79
N ASN F 33 25.54 8.36 25.56
CA ASN F 33 25.60 6.91 25.30
C ASN F 33 26.99 6.27 25.57
N GLN F 34 27.13 4.97 25.26
CA GLN F 34 28.34 4.16 25.54
C GLN F 34 29.62 4.79 25.00
N ARG F 35 29.45 5.66 24.00
CA ARG F 35 30.56 6.23 23.25
C ARG F 35 30.61 7.75 23.35
N GLY F 36 29.45 8.37 23.37
CA GLY F 36 29.40 9.82 23.28
C GLY F 36 28.74 10.53 24.44
N GLU F 37 29.18 11.75 24.68
CA GLU F 37 28.42 12.71 25.46
C GLU F 37 27.88 13.68 24.41
N GLY F 38 26.86 13.22 23.68
CA GLY F 38 26.33 13.94 22.53
C GLY F 38 25.37 15.09 22.82
N LYS F 39 25.20 15.96 21.84
CA LYS F 39 24.33 17.10 22.01
C LYS F 39 23.73 17.55 20.70
N LEU F 40 22.58 18.23 20.79
CA LEU F 40 21.91 18.82 19.65
C LEU F 40 21.15 20.08 20.02
N PHE F 41 20.64 20.77 19.01
CA PHE F 41 19.76 21.88 19.26
C PHE F 41 18.98 22.09 18.00
N SER F 42 17.98 22.95 18.06
CA SER F 42 17.28 23.23 16.85
C SER F 42 16.73 24.61 16.85
N VAL F 43 16.36 25.03 15.64
CA VAL F 43 15.92 26.36 15.38
C VAL F 43 14.71 26.25 14.44
N ASN F 44 13.77 27.17 14.60
CA ASN F 44 12.69 27.33 13.63
C ASN F 44 12.90 28.55 12.75
N LEU F 45 12.62 28.37 11.46
CA LEU F 45 12.89 29.38 10.45
C LEU F 45 11.65 29.83 9.68
N LEU F 46 11.66 31.09 9.28
CA LEU F 46 10.50 31.68 8.64
C LEU F 46 10.86 32.55 7.44
N ASP F 47 10.09 32.41 6.36
CA ASP F 47 10.12 33.41 5.31
C ASP F 47 8.73 33.58 4.65
N ASP F 48 8.71 34.34 3.56
CA ASP F 48 7.51 34.58 2.75
C ASP F 48 6.80 33.29 2.36
N SER F 49 7.56 32.24 2.08
CA SER F 49 6.96 31.00 1.58
C SER F 49 6.47 30.10 2.72
N GLY F 50 7.09 30.22 3.89
CA GLY F 50 6.72 29.36 5.00
C GLY F 50 7.82 29.11 6.01
N GLU F 51 7.64 28.06 6.79
CA GLU F 51 8.49 27.78 7.93
C GLU F 51 9.19 26.46 7.76
N ILE F 52 10.38 26.33 8.35
CA ILE F 52 11.06 25.03 8.41
C ILE F 52 11.92 24.90 9.69
N LYS F 53 12.05 23.68 10.17
CA LYS F 53 12.90 23.36 11.30
C LYS F 53 14.29 22.92 10.84
N ALA F 54 15.29 23.42 11.54
CA ALA F 54 16.65 23.01 11.28
C ALA F 54 17.30 22.58 12.59
N THR F 55 18.10 21.52 12.54
CA THR F 55 18.73 20.95 13.72
C THR F 55 20.24 20.75 13.52
N GLY F 56 20.99 20.99 14.58
CA GLY F 56 22.41 20.72 14.55
C GLY F 56 22.80 19.68 15.56
N PHE F 57 23.65 18.74 15.17
CA PHE F 57 24.04 17.68 16.06
C PHE F 57 25.51 17.82 16.40
N ASN F 58 25.87 17.39 17.61
CA ASN F 58 27.25 17.39 18.12
C ASN F 58 28.11 18.59 17.76
N ASP F 59 29.04 18.41 16.83
CA ASP F 59 29.92 19.50 16.38
C ASP F 59 29.19 20.71 15.75
N ALA F 60 28.06 20.47 15.10
CA ALA F 60 27.27 21.56 14.56
C ALA F 60 26.77 22.53 15.63
N VAL F 61 26.67 22.05 16.88
CA VAL F 61 26.20 22.92 17.97
C VAL F 61 27.28 23.94 18.27
N ASP F 62 28.50 23.45 18.40
CA ASP F 62 29.65 24.31 18.70
C ASP F 62 29.77 25.37 17.63
N ARG F 63 29.54 24.97 16.39
CA ARG F 63 29.70 25.89 15.28
C ARG F 63 28.58 26.92 15.16
N PHE F 64 27.33 26.52 15.37
CA PHE F 64 26.23 27.39 15.04
C PHE F 64 25.35 27.86 16.18
N TYR F 65 25.35 27.16 17.32
CA TYR F 65 24.48 27.57 18.41
C TYR F 65 24.74 29.02 18.81
N PRO F 66 26.00 29.38 19.05
CA PRO F 66 26.28 30.78 19.38
C PRO F 66 25.86 31.69 18.24
N LEU F 67 26.04 31.21 17.01
CA LEU F 67 25.88 32.03 15.82
C LEU F 67 24.45 32.43 15.51
N LEU F 68 23.47 31.66 15.97
CA LEU F 68 22.09 31.89 15.54
C LEU F 68 21.24 32.46 16.67
N GLN F 69 20.63 33.62 16.45
CA GLN F 69 19.91 34.31 17.53
C GLN F 69 18.50 34.69 17.11
N GLU F 70 17.54 34.56 18.03
CA GLU F 70 16.15 34.77 17.64
C GLU F 70 15.84 36.14 17.04
N ASN F 71 15.00 36.11 16.00
CA ASN F 71 14.46 37.30 15.37
C ASN F 71 15.48 37.97 14.43
N HIS F 72 16.71 37.47 14.44
CA HIS F 72 17.72 37.83 13.47
C HIS F 72 17.55 37.06 12.19
N VAL F 73 18.16 37.57 11.10
CA VAL F 73 17.93 37.07 9.73
C VAL F 73 19.21 36.54 9.09
N TYR F 74 19.17 35.34 8.55
CA TYR F 74 20.39 34.68 8.09
C TYR F 74 20.32 34.13 6.67
N LEU F 75 21.47 34.13 6.01
CA LEU F 75 21.72 33.32 4.82
C LEU F 75 22.21 31.95 5.29
N ILE F 76 21.43 30.92 4.99
CA ILE F 76 21.79 29.54 5.30
C ILE F 76 21.95 28.75 4.00
N SER F 77 22.96 27.88 3.96
CA SER F 77 23.39 27.26 2.72
C SER F 77 24.13 25.94 2.94
N LYS F 78 23.88 24.99 2.03
CA LYS F 78 24.59 23.72 1.95
C LYS F 78 24.40 22.86 3.21
N ALA F 79 23.14 22.49 3.42
CA ALA F 79 22.68 21.63 4.51
C ALA F 79 21.73 20.54 3.98
N ARG F 80 21.52 19.47 4.73
CA ARG F 80 20.66 18.37 4.24
C ARG F 80 19.18 18.67 4.48
N VAL F 81 18.36 18.35 3.48
CA VAL F 81 16.92 18.37 3.65
C VAL F 81 16.49 16.95 4.00
N ASN F 82 15.85 16.81 5.14
CA ASN F 82 15.46 15.52 5.68
C ASN F 82 13.97 15.41 5.81
N ILE F 83 13.51 14.19 6.03
CA ILE F 83 12.12 13.94 6.37
C ILE F 83 11.90 14.51 7.76
N ALA F 84 10.82 15.26 7.93
CA ALA F 84 10.56 15.87 9.22
C ALA F 84 10.18 14.80 10.24
N LYS F 85 10.66 14.95 11.47
CA LYS F 85 10.15 14.13 12.57
C LYS F 85 9.13 14.92 13.34
N LYS F 86 7.86 14.77 12.97
CA LYS F 86 6.80 15.62 13.50
C LYS F 86 6.43 15.40 14.97
N GLN F 87 6.87 14.27 15.53
CA GLN F 87 6.72 14.02 16.96
C GLN F 87 7.52 15.03 17.80
N PHE F 88 8.50 15.68 17.16
CA PHE F 88 9.41 16.62 17.83
C PHE F 88 9.22 18.04 17.31
N SER F 89 8.03 18.37 16.81
CA SER F 89 7.86 19.63 16.11
C SER F 89 6.43 20.07 16.00
N ASN F 90 6.25 21.39 16.03
CA ASN F 90 4.93 21.99 15.90
C ASN F 90 4.53 22.28 14.46
N LEU F 91 5.52 22.37 13.58
CA LEU F 91 5.29 22.71 12.16
C LEU F 91 4.67 21.56 11.34
N GLN F 92 3.98 21.91 10.26
CA GLN F 92 3.38 20.89 9.39
C GLN F 92 4.27 20.42 8.23
N ASN F 93 5.39 21.09 8.03
CA ASN F 93 6.27 20.79 6.91
C ASN F 93 6.64 19.30 6.82
N GLU F 94 6.53 18.78 5.60
CA GLU F 94 7.01 17.47 5.22
C GLU F 94 8.51 17.29 5.42
N TYR F 95 9.29 18.35 5.21
CA TYR F 95 10.76 18.27 5.36
C TYR F 95 11.29 19.05 6.57
N GLU F 96 12.52 18.73 6.98
CA GLU F 96 13.32 19.64 7.84
C GLU F 96 14.81 19.69 7.40
N ILE F 97 15.59 20.58 8.02
CA ILE F 97 16.99 20.75 7.65
C ILE F 97 17.93 20.24 8.73
N THR F 98 18.99 19.57 8.35
CA THR F 98 20.01 19.22 9.32
C THR F 98 21.31 19.88 8.90
N PHE F 99 21.93 20.59 9.83
CA PHE F 99 23.21 21.19 9.58
C PHE F 99 24.31 20.13 9.55
N GLU F 100 25.04 20.13 8.44
CA GLU F 100 26.24 19.31 8.26
C GLU F 100 27.45 20.23 8.40
N ASN F 101 28.65 19.65 8.39
CA ASN F 101 29.85 20.45 8.57
C ASN F 101 30.12 21.44 7.44
N SER F 102 29.69 21.13 6.22
CA SER F 102 29.84 22.06 5.10
C SER F 102 28.92 23.28 5.16
N THR F 103 28.05 23.35 6.19
CA THR F 103 26.97 24.34 6.26
C THR F 103 27.49 25.77 6.48
N GLU F 104 27.04 26.66 5.61
CA GLU F 104 27.39 28.07 5.64
C GLU F 104 26.25 28.88 6.24
N ILE F 105 26.54 29.61 7.31
CA ILE F 105 25.57 30.56 7.86
C ILE F 105 26.25 31.93 7.98
N GLU F 106 25.65 32.94 7.36
CA GLU F 106 26.10 34.32 7.47
C GLU F 106 24.88 35.22 7.65
N GLU F 107 24.98 36.17 8.58
CA GLU F 107 23.87 37.09 8.89
C GLU F 107 23.66 38.18 7.84
N CYS F 108 22.40 38.55 7.64
CA CYS F 108 21.98 39.53 6.65
C CYS F 108 21.83 40.93 7.21
N THR F 109 21.97 41.92 6.34
CA THR F 109 21.78 43.33 6.69
C THR F 109 20.39 43.84 6.26
N ASP F 110 19.79 43.18 5.27
CA ASP F 110 18.39 43.44 4.88
C ASP F 110 17.43 42.52 5.63
N ALA F 111 16.43 43.12 6.28
CA ALA F 111 15.38 42.36 6.98
C ALA F 111 14.01 42.52 6.27
N THR F 112 13.95 43.47 5.33
CA THR F 112 12.70 43.86 4.68
C THR F 112 12.04 42.78 3.81
N ASP F 113 12.83 41.96 3.13
CA ASP F 113 12.29 40.84 2.36
C ASP F 113 11.57 39.87 3.29
N VAL F 114 12.18 39.59 4.43
CA VAL F 114 11.69 38.56 5.34
C VAL F 114 10.58 39.10 6.24
N PRO F 115 9.47 38.34 6.38
CA PRO F 115 8.38 38.71 7.27
C PRO F 115 8.82 38.66 8.71
N GLU F 116 8.17 39.45 9.55
CA GLU F 116 8.46 39.45 10.98
C GLU F 116 7.35 38.74 11.72
N VAL F 117 7.69 38.13 12.85
CA VAL F 117 6.70 37.40 13.64
C VAL F 117 5.48 38.28 14.01
N LYS F 118 4.29 37.80 13.65
CA LYS F 118 3.06 38.50 14.00
C LYS F 118 2.54 38.06 15.38
N TYR F 119 2.15 39.02 16.22
CA TYR F 119 1.62 38.71 17.56
C TYR F 119 0.11 38.88 17.65
N GLU F 120 -0.57 37.86 18.16
CA GLU F 120 -2.01 37.97 18.43
C GLU F 120 -2.24 37.86 19.92
N PHE F 121 -2.19 39.01 20.57
CA PHE F 121 -2.17 39.07 22.03
C PHE F 121 -3.50 38.83 22.70
N VAL F 122 -3.47 38.00 23.73
CA VAL F 122 -4.61 37.82 24.61
C VAL F 122 -4.31 38.58 25.91
N ARG F 123 -5.22 39.46 26.30
CA ARG F 123 -5.11 40.15 27.57
C ARG F 123 -5.30 39.15 28.68
N ILE F 124 -4.57 39.34 29.78
CA ILE F 124 -4.59 38.42 30.93
C ILE F 124 -6.01 38.07 31.42
N ASN F 125 -6.92 39.04 31.41
CA ASN F 125 -8.32 38.81 31.79
C ASN F 125 -9.14 37.99 30.80
N GLU F 126 -8.62 37.82 29.58
CA GLU F 126 -9.33 37.10 28.53
C GLU F 126 -8.94 35.62 28.45
N LEU F 127 -7.84 35.27 29.11
CA LEU F 127 -7.28 33.92 29.06
C LEU F 127 -8.25 32.81 29.46
N GLU F 128 -9.17 33.12 30.37
CA GLU F 128 -10.12 32.13 30.85
C GLU F 128 -11.05 31.67 29.74
N SER F 129 -11.06 32.40 28.61
CA SER F 129 -11.82 32.02 27.42
C SER F 129 -11.02 31.12 26.46
N VAL F 130 -9.68 31.15 26.56
CA VAL F 130 -8.82 30.21 25.83
C VAL F 130 -8.82 28.86 26.53
N GLU F 131 -8.93 27.77 25.77
CA GLU F 131 -8.95 26.44 26.36
C GLU F 131 -7.55 25.89 26.60
N ALA F 132 -7.45 24.98 27.57
CA ALA F 132 -6.20 24.38 28.00
C ALA F 132 -5.42 23.68 26.88
N ASN F 133 -4.15 23.41 27.17
CA ASN F 133 -3.20 22.85 26.20
C ASN F 133 -3.25 23.50 24.79
N GLN F 134 -3.31 24.83 24.75
CA GLN F 134 -3.31 25.54 23.47
C GLN F 134 -2.30 26.69 23.42
N GLN F 135 -1.83 26.97 22.20
CA GLN F 135 -0.90 28.07 21.91
C GLN F 135 -1.61 29.41 22.03
N CYS F 136 -0.91 30.40 22.58
CA CYS F 136 -1.46 31.73 22.79
C CYS F 136 -0.33 32.75 22.92
N ASP F 137 -0.63 34.02 22.63
CA ASP F 137 0.33 35.12 22.75
C ASP F 137 -0.06 36.05 23.88
N VAL F 138 0.90 36.43 24.71
CA VAL F 138 0.64 37.29 25.87
C VAL F 138 1.72 38.33 26.06
N ILE F 139 1.30 39.56 26.33
CA ILE F 139 2.23 40.63 26.76
C ILE F 139 1.76 41.21 28.10
N GLY F 140 2.70 41.74 28.88
CA GLY F 140 2.40 42.32 30.19
C GLY F 140 3.63 42.69 30.99
N ILE F 141 3.41 43.36 32.13
CA ILE F 141 4.49 43.77 33.02
C ILE F 141 4.87 42.59 33.89
N LEU F 142 6.18 42.33 34.00
CA LEU F 142 6.70 41.39 34.99
C LEU F 142 6.63 42.04 36.36
N ASP F 143 5.95 41.38 37.28
CA ASP F 143 5.81 41.89 38.63
C ASP F 143 6.96 41.40 39.51
N SER F 144 7.12 40.09 39.56
CA SER F 144 8.17 39.43 40.31
C SER F 144 8.37 38.07 39.70
N TYR F 145 9.40 37.36 40.14
CA TYR F 145 9.63 36.01 39.67
C TYR F 145 10.06 35.10 40.80
N GLY F 146 9.64 33.83 40.71
CA GLY F 146 9.95 32.83 41.71
C GLY F 146 11.42 32.44 41.74
N GLU F 147 11.78 31.68 42.76
CA GLU F 147 13.09 31.06 42.81
C GLU F 147 13.14 29.91 41.81
N LEU F 148 14.34 29.51 41.45
CA LEU F 148 14.52 28.37 40.58
C LEU F 148 14.33 27.11 41.40
N SER F 149 13.44 26.23 40.98
CA SER F 149 13.28 24.95 41.65
C SER F 149 13.51 23.78 40.69
N GLU F 150 14.31 22.82 41.12
CA GLU F 150 14.68 21.69 40.28
C GLU F 150 13.86 20.44 40.59
N ILE F 151 13.10 19.96 39.59
CA ILE F 151 12.28 18.76 39.78
C ILE F 151 12.61 17.62 38.83
N VAL F 152 12.61 16.41 39.40
CA VAL F 152 12.69 15.16 38.65
C VAL F 152 11.31 14.92 38.04
N SER F 153 11.25 14.98 36.70
CA SER F 153 10.00 14.84 35.95
C SER F 153 9.28 13.54 36.24
N LYS F 154 7.95 13.62 36.38
CA LYS F 154 7.10 12.45 36.61
C LYS F 154 7.31 11.35 35.56
N ALA F 155 7.50 11.76 34.30
CA ALA F 155 7.69 10.82 33.19
C ALA F 155 9.09 10.18 33.15
N SER F 156 10.07 10.96 32.70
CA SER F 156 11.42 10.45 32.38
C SER F 156 12.31 10.04 33.56
N GLN F 157 12.10 10.67 34.72
CA GLN F 157 13.02 10.58 35.87
C GLN F 157 14.25 11.49 35.66
N ARG F 158 14.08 12.54 34.86
CA ARG F 158 15.19 13.43 34.51
C ARG F 158 15.01 14.80 35.14
N PRO F 159 16.06 15.28 35.85
CA PRO F 159 16.08 16.61 36.46
C PRO F 159 15.83 17.74 35.44
N VAL F 160 15.11 18.79 35.84
CA VAL F 160 14.86 19.96 34.99
C VAL F 160 14.56 21.20 35.83
N GLN F 161 15.31 22.28 35.58
CA GLN F 161 15.12 23.57 36.26
C GLN F 161 13.84 24.25 35.78
N LYS F 162 13.29 25.07 36.67
CA LYS F 162 11.97 25.64 36.48
C LYS F 162 11.96 26.95 37.22
N ARG F 163 11.22 27.93 36.72
CA ARG F 163 11.02 29.18 37.46
C ARG F 163 9.69 29.79 37.09
N GLU F 164 9.12 30.57 38.01
CA GLU F 164 7.82 31.19 37.81
C GLU F 164 7.82 32.70 37.86
N LEU F 165 7.18 33.31 36.87
CA LEU F 165 7.04 34.76 36.79
C LEU F 165 5.61 35.18 37.03
N THR F 166 5.42 36.37 37.59
CA THR F 166 4.07 36.93 37.73
C THR F 166 3.88 38.07 36.72
N LEU F 167 2.84 37.92 35.89
CA LEU F 167 2.57 38.88 34.82
C LEU F 167 1.25 39.57 35.10
N VAL F 168 1.19 40.84 34.67
CA VAL F 168 0.08 41.71 35.00
C VAL F 168 -0.22 42.60 33.82
N ASP F 169 -1.50 42.85 33.54
CA ASP F 169 -1.91 43.89 32.58
C ASP F 169 -3.06 44.78 33.07
N GLN F 170 -3.47 45.72 32.22
CA GLN F 170 -4.52 46.68 32.51
C GLN F 170 -5.77 46.01 33.09
N GLY F 171 -5.93 44.73 32.82
CA GLY F 171 -7.08 43.97 33.29
C GLY F 171 -7.10 43.83 34.79
N ASN F 172 -6.00 44.22 35.44
CA ASN F 172 -5.81 44.11 36.90
C ASN F 172 -5.82 42.67 37.40
N ARG F 173 -5.49 41.75 36.51
CA ARG F 173 -5.39 40.35 36.87
C ARG F 173 -3.98 39.86 36.59
N SER F 174 -3.46 39.04 37.50
CA SER F 174 -2.12 38.48 37.37
C SER F 174 -2.18 36.98 37.12
N VAL F 175 -1.21 36.47 36.37
CA VAL F 175 -1.15 35.06 36.02
C VAL F 175 0.28 34.57 36.20
N LYS F 176 0.41 33.30 36.60
CA LYS F 176 1.72 32.65 36.70
C LYS F 176 2.20 32.08 35.34
N LEU F 177 3.49 32.25 35.06
CA LEU F 177 4.11 31.65 33.88
C LEU F 177 5.40 30.92 34.27
N THR F 178 5.52 29.69 33.81
CA THR F 178 6.72 28.86 34.07
C THR F 178 7.76 28.94 32.93
N LEU F 179 9.01 29.20 33.30
CA LEU F 179 10.13 29.03 32.39
C LEU F 179 10.78 27.68 32.66
N TRP F 180 11.29 27.05 31.61
CA TRP F 180 11.99 25.80 31.78
C TRP F 180 13.42 25.95 31.41
N GLY F 181 14.23 24.97 31.81
CA GLY F 181 15.59 24.81 31.30
C GLY F 181 16.52 25.99 31.47
N LYS F 182 17.31 26.23 30.43
CA LYS F 182 18.39 27.20 30.47
C LYS F 182 17.85 28.61 30.58
N THR F 183 16.73 28.86 29.89
CA THR F 183 16.06 30.16 29.93
C THR F 183 15.63 30.48 31.36
N ALA F 184 15.38 29.43 32.14
CA ALA F 184 14.97 29.59 33.54
C ALA F 184 16.15 30.06 34.37
N GLU F 185 17.21 29.25 34.42
CA GLU F 185 18.41 29.58 35.18
C GLU F 185 18.90 31.00 34.92
N THR F 186 19.25 31.27 33.67
CA THR F 186 19.89 32.52 33.28
C THR F 186 18.99 33.74 33.40
N PHE F 187 17.78 33.55 33.93
CA PHE F 187 16.77 34.61 33.87
C PHE F 187 17.22 35.96 34.45
N PRO F 188 17.78 35.96 35.66
CA PRO F 188 18.20 37.27 36.20
C PRO F 188 19.47 37.88 35.56
N THR F 189 20.17 37.10 34.73
CA THR F 189 21.26 37.59 33.86
C THR F 189 20.84 38.77 32.98
N ASN F 190 19.63 38.67 32.43
CA ASN F 190 19.09 39.65 31.50
C ASN F 190 18.98 41.04 32.13
N ALA F 191 19.27 42.06 31.34
CA ALA F 191 19.26 43.44 31.79
C ALA F 191 17.84 43.93 32.06
N GLY F 192 17.71 44.83 33.05
CA GLY F 192 16.45 45.51 33.36
C GLY F 192 15.35 44.62 33.92
N VAL F 193 15.74 43.40 34.31
CA VAL F 193 14.80 42.39 34.78
C VAL F 193 14.14 42.72 36.12
N ASP F 194 14.79 43.56 36.91
CA ASP F 194 14.23 43.86 38.22
C ASP F 194 13.37 45.10 38.26
N GLU F 195 13.68 46.05 37.39
CA GLU F 195 12.87 47.26 37.27
C GLU F 195 11.70 47.05 36.31
N LYS F 196 10.80 46.15 36.70
CA LYS F 196 9.46 46.03 36.10
C LYS F 196 9.39 46.10 34.57
N PRO F 197 10.12 45.21 33.88
CA PRO F 197 10.16 45.30 32.44
C PRO F 197 8.85 44.82 31.83
N VAL F 198 8.67 45.12 30.54
CA VAL F 198 7.64 44.47 29.76
C VAL F 198 8.22 43.21 29.13
N LEU F 199 7.44 42.13 29.24
CA LEU F 199 7.79 40.87 28.62
C LEU F 199 6.73 40.50 27.60
N ALA F 200 7.18 40.05 26.42
CA ALA F 200 6.28 39.70 25.31
C ALA F 200 6.48 38.24 24.91
N PHE F 201 5.39 37.47 24.93
CA PHE F 201 5.49 36.03 24.69
C PHE F 201 4.79 35.57 23.41
N LYS F 202 5.49 34.76 22.61
CA LYS F 202 4.90 34.11 21.45
C LYS F 202 4.78 32.60 21.66
N GLY F 203 3.59 32.07 21.43
CA GLY F 203 3.35 30.63 21.47
C GLY F 203 3.57 30.05 22.83
N VAL F 204 2.63 30.29 23.73
CA VAL F 204 2.75 29.89 25.12
C VAL F 204 1.62 28.91 25.43
N LYS F 205 1.91 27.85 26.18
CA LYS F 205 0.86 26.89 26.56
C LYS F 205 -0.05 27.40 27.68
N VAL F 206 -1.36 27.21 27.51
CA VAL F 206 -2.35 27.55 28.55
C VAL F 206 -2.71 26.33 29.39
N GLY F 207 -2.32 26.36 30.67
CA GLY F 207 -2.71 25.35 31.63
C GLY F 207 -3.85 25.87 32.47
N ASP F 208 -4.55 24.96 33.14
CA ASP F 208 -5.71 25.34 33.96
C ASP F 208 -5.45 25.30 35.48
N PHE F 209 -4.20 25.06 35.85
CA PHE F 209 -3.79 25.07 37.26
C PHE F 209 -3.96 26.47 37.83
N GLY F 210 -4.91 26.61 38.75
CA GLY F 210 -5.24 27.91 39.33
C GLY F 210 -6.12 28.69 38.38
N GLY F 211 -7.14 28.01 37.86
CA GLY F 211 -8.06 28.61 36.89
C GLY F 211 -7.43 28.72 35.52
N ARG F 212 -6.39 29.54 35.44
CA ARG F 212 -5.58 29.70 34.23
C ARG F 212 -4.13 30.02 34.58
N SER F 213 -3.21 29.32 33.92
CA SER F 213 -1.76 29.55 34.07
C SER F 213 -0.98 29.23 32.79
N LEU F 214 0.23 29.78 32.71
CA LEU F 214 1.02 29.70 31.48
C LEU F 214 2.32 28.92 31.62
N SER F 215 2.74 28.30 30.52
CA SER F 215 3.98 27.55 30.45
C SER F 215 4.56 27.67 29.06
N MET F 216 5.89 27.61 28.99
CA MET F 216 6.57 27.72 27.72
C MET F 216 6.79 26.38 27.04
N PHE F 217 6.75 26.37 25.70
CA PHE F 217 7.25 25.25 24.88
C PHE F 217 8.64 25.52 24.34
N SER F 218 9.34 24.45 23.96
CA SER F 218 10.63 24.55 23.30
C SER F 218 10.62 25.70 22.32
N SER F 219 9.51 25.79 21.61
CA SER F 219 9.29 26.73 20.52
C SER F 219 8.85 28.12 20.95
N SER F 220 8.55 28.30 22.24
CA SER F 220 8.08 29.59 22.75
C SER F 220 9.20 30.63 22.80
N THR F 221 8.79 31.89 22.89
CA THR F 221 9.68 33.01 22.74
C THR F 221 9.29 34.12 23.71
N MET F 222 10.29 34.79 24.28
CA MET F 222 10.04 35.98 25.10
C MET F 222 11.06 37.09 24.85
N LEU F 223 10.56 38.33 24.82
CA LEU F 223 11.37 39.52 24.59
C LEU F 223 11.29 40.44 25.80
N ILE F 224 12.41 41.10 26.10
CA ILE F 224 12.46 41.96 27.27
C ILE F 224 12.50 43.40 26.83
N ASN F 225 11.37 44.08 27.03
CA ASN F 225 11.19 45.47 26.61
C ASN F 225 11.39 45.67 25.10
N PRO F 226 10.56 45.02 24.28
CA PRO F 226 10.68 45.18 22.83
C PRO F 226 10.18 46.54 22.40
N ASP F 227 10.73 47.07 21.32
CA ASP F 227 10.29 48.38 20.83
C ASP F 227 8.99 48.23 20.03
N ILE F 228 7.91 47.93 20.73
CA ILE F 228 6.62 47.66 20.13
C ILE F 228 5.50 48.47 20.81
N THR F 229 4.62 49.06 20.00
CA THR F 229 3.61 50.00 20.53
C THR F 229 2.87 49.47 21.75
N GLU F 230 2.63 48.17 21.79
CA GLU F 230 1.91 47.57 22.91
C GLU F 230 2.67 47.70 24.22
N SER F 231 4.00 47.57 24.16
CA SER F 231 4.84 47.62 25.37
C SER F 231 4.97 49.03 25.97
N HIS F 232 5.04 50.04 25.10
CA HIS F 232 5.05 51.43 25.54
C HIS F 232 3.78 51.82 26.24
N VAL F 233 2.65 51.24 25.81
CA VAL F 233 1.34 51.42 26.46
C VAL F 233 1.35 50.89 27.90
N LEU F 234 1.94 49.70 28.08
CA LEU F 234 2.08 49.10 29.41
C LEU F 234 3.09 49.84 30.27
N ARG F 235 4.22 50.20 29.66
CA ARG F 235 5.24 51.01 30.34
C ARG F 235 4.62 52.31 30.85
N GLY F 236 3.95 53.04 29.96
CA GLY F 236 3.27 54.27 30.33
C GLY F 236 2.22 54.03 31.40
N TRP F 237 1.44 52.97 31.21
CA TRP F 237 0.35 52.64 32.13
C TRP F 237 0.84 52.30 33.49
N TYR F 238 1.75 51.33 33.56
CA TYR F 238 2.23 50.82 34.84
C TYR F 238 2.91 51.91 35.69
N ASP F 239 3.70 52.75 35.03
CA ASP F 239 4.48 53.78 35.70
C ASP F 239 3.61 54.92 36.27
N ASN F 240 2.34 54.96 35.87
CA ASN F 240 1.45 56.07 36.22
C ASN F 240 0.33 55.77 37.23
N ASP F 241 -0.08 54.50 37.31
CA ASP F 241 -1.12 54.06 38.24
C ASP F 241 -1.11 52.55 38.43
N GLY F 242 -0.30 51.86 37.63
CA GLY F 242 -0.18 50.40 37.67
C GLY F 242 0.46 49.91 38.96
N ALA F 243 1.59 50.51 39.31
CA ALA F 243 2.26 50.24 40.59
C ALA F 243 1.58 51.00 41.74
N HIS F 244 0.28 51.23 41.60
CA HIS F 244 -0.55 51.92 42.60
C HIS F 244 -1.70 51.08 43.07
N ALA F 245 -2.30 50.30 42.17
CA ALA F 245 -3.45 49.44 42.51
C ALA F 245 -3.04 47.99 42.76
N GLN F 246 -4.00 47.18 43.23
CA GLN F 246 -3.73 45.78 43.56
C GLN F 246 -4.42 44.85 42.56
N PHE F 247 -3.98 43.59 42.54
CA PHE F 247 -4.31 42.67 41.45
C PHE F 247 -4.98 41.37 41.88
N GLN F 248 -5.23 40.50 40.91
CA GLN F 248 -5.98 39.26 41.12
C GLN F 248 -5.16 38.00 40.76
N PRO F 249 -5.17 36.98 41.64
CA PRO F 249 -4.29 35.82 41.44
C PRO F 249 -4.76 34.79 40.40
N TYR F 250 -6.06 34.74 40.12
CA TYR F 250 -6.67 33.75 39.20
C TYR F 250 -7.09 32.44 39.87
N THR F 251 -6.33 31.99 40.86
CA THR F 251 -6.46 30.65 41.49
C THR F 251 -7.87 30.05 41.60
N ASN F 252 -7.99 28.82 41.11
CA ASN F 252 -9.22 28.02 41.21
C ASN F 252 -8.89 26.61 41.67
N GLY F 262 2.24 27.54 45.55
CA GLY F 262 3.34 27.07 44.71
C GLY F 262 2.93 26.32 43.45
N GLY F 263 3.91 25.71 42.79
CA GLY F 263 3.65 24.52 42.02
C GLY F 263 3.65 24.13 40.56
N GLY F 264 2.67 24.59 39.78
CA GLY F 264 2.40 23.94 38.50
C GLY F 264 1.90 24.74 37.31
N ALA F 265 2.45 25.94 37.12
CA ALA F 265 2.05 26.79 36.00
C ALA F 265 2.19 26.04 34.68
N GLY F 266 1.10 26.02 33.92
CA GLY F 266 1.03 25.33 32.63
C GLY F 266 0.43 23.94 32.69
N ALA F 267 0.44 23.34 33.89
CA ALA F 267 -0.03 21.96 34.10
C ALA F 267 -1.57 21.80 34.10
N ASN F 268 -2.01 20.54 33.95
CA ASN F 268 -3.45 20.18 33.98
C ASN F 268 -3.86 19.33 35.18
N MET F 269 -5.13 19.48 35.56
CA MET F 269 -5.72 18.79 36.72
C MET F 269 -6.31 17.43 36.33
N ALA F 270 -5.44 16.52 35.91
CA ALA F 270 -5.81 15.18 35.41
C ALA F 270 -5.54 15.07 33.92
N GLU F 271 -4.26 15.17 33.56
CA GLU F 271 -3.82 14.96 32.17
C GLU F 271 -4.26 13.58 31.68
N ARG F 272 -4.53 13.45 30.39
CA ARG F 272 -4.85 12.14 29.83
C ARG F 272 -3.62 11.25 29.88
N ARG F 273 -3.82 9.99 30.21
CA ARG F 273 -2.73 9.02 30.37
C ARG F 273 -3.14 7.68 29.79
N THR F 274 -2.19 6.81 29.53
CA THR F 274 -2.54 5.43 29.25
C THR F 274 -2.30 4.63 30.54
N ILE F 275 -2.89 3.45 30.62
CA ILE F 275 -2.73 2.58 31.78
C ILE F 275 -1.25 2.30 32.07
N VAL F 276 -0.46 2.11 31.01
CA VAL F 276 0.96 1.87 31.21
C VAL F 276 1.61 3.10 31.85
N GLN F 277 1.25 4.27 31.35
CA GLN F 277 1.80 5.51 31.88
C GLN F 277 1.47 5.67 33.35
N VAL F 278 0.21 5.45 33.72
CA VAL F 278 -0.24 5.56 35.11
C VAL F 278 0.64 4.72 36.03
N LYS F 279 0.83 3.46 35.67
CA LYS F 279 1.66 2.53 36.44
C LYS F 279 3.14 2.90 36.40
N ASP F 280 3.67 3.16 35.20
CA ASP F 280 5.10 3.52 35.03
C ASP F 280 5.49 4.78 35.80
N GLU F 281 4.56 5.71 35.94
CA GLU F 281 4.83 6.95 36.66
C GLU F 281 4.55 6.84 38.16
N ASN F 282 4.21 5.64 38.60
CA ASN F 282 3.96 5.37 40.01
C ASN F 282 2.96 6.34 40.60
N LEU F 283 1.93 6.67 39.82
CA LEU F 283 0.94 7.64 40.23
C LEU F 283 0.18 7.18 41.45
N GLY F 284 0.14 8.04 42.47
CA GLY F 284 -0.58 7.77 43.70
C GLY F 284 0.17 6.86 44.66
N MET F 285 1.47 6.70 44.41
CA MET F 285 2.33 5.86 45.26
C MET F 285 3.01 6.65 46.39
N SER F 286 2.93 7.98 46.32
CA SER F 286 3.34 8.83 47.43
C SER F 286 2.12 9.47 48.11
N GLU F 287 2.35 10.13 49.25
CA GLU F 287 1.30 10.70 50.11
C GLU F 287 0.26 11.57 49.37
N LYS F 288 0.75 12.49 48.54
CA LYS F 288 -0.11 13.37 47.74
C LYS F 288 -0.78 12.65 46.58
N PRO F 289 -2.13 12.58 46.58
CA PRO F 289 -2.87 11.91 45.50
C PRO F 289 -2.55 12.46 44.11
N ASP F 290 -2.77 11.62 43.10
CA ASP F 290 -2.63 12.02 41.71
C ASP F 290 -3.99 11.92 41.01
N TYR F 291 -4.15 12.68 39.93
CA TYR F 291 -5.39 12.67 39.16
C TYR F 291 -5.08 12.48 37.69
N PHE F 292 -5.96 11.77 36.99
CA PHE F 292 -5.75 11.45 35.59
C PHE F 292 -7.02 11.08 34.85
N ASN F 293 -6.94 11.18 33.53
CA ASN F 293 -7.99 10.72 32.62
C ASN F 293 -7.50 9.56 31.79
N VAL F 294 -8.33 8.53 31.66
CA VAL F 294 -8.00 7.37 30.84
C VAL F 294 -9.18 6.98 29.97
N ARG F 295 -8.94 6.81 28.66
CA ARG F 295 -9.90 6.16 27.77
C ARG F 295 -9.67 4.67 27.97
N ALA F 296 -10.69 3.94 28.39
CA ALA F 296 -10.59 2.48 28.57
C ALA F 296 -11.91 1.73 28.39
N THR F 297 -11.80 0.42 28.19
CA THR F 297 -12.95 -0.41 27.95
C THR F 297 -13.20 -1.27 29.18
N VAL F 298 -14.44 -1.27 29.68
CA VAL F 298 -14.82 -2.14 30.77
C VAL F 298 -14.77 -3.56 30.25
N VAL F 299 -13.92 -4.36 30.89
CA VAL F 299 -13.69 -5.75 30.50
C VAL F 299 -14.33 -6.73 31.50
N TYR F 300 -14.43 -6.29 32.75
CA TYR F 300 -14.98 -7.14 33.82
C TYR F 300 -15.53 -6.32 34.98
N ILE F 301 -16.67 -6.76 35.49
CA ILE F 301 -17.21 -6.24 36.73
C ILE F 301 -17.33 -7.40 37.70
N LYS F 302 -16.79 -7.23 38.89
CA LYS F 302 -16.77 -8.27 39.90
C LYS F 302 -18.18 -8.45 40.48
N GLN F 303 -18.72 -9.66 40.36
CA GLN F 303 -20.10 -9.97 40.78
C GLN F 303 -20.26 -9.96 42.30
N GLU F 304 -19.43 -10.72 42.99
CA GLU F 304 -19.49 -10.77 44.44
C GLU F 304 -19.18 -9.40 45.04
N ASN F 305 -20.04 -9.03 45.98
CA ASN F 305 -19.95 -7.76 46.70
C ASN F 305 -20.03 -6.51 45.84
N LEU F 306 -20.90 -6.54 44.84
CA LEU F 306 -21.09 -5.42 43.95
C LEU F 306 -21.73 -4.26 44.68
N TYR F 307 -22.63 -4.59 45.60
CA TYR F 307 -23.34 -3.61 46.41
C TYR F 307 -23.53 -4.07 47.85
N TYR F 308 -23.76 -3.14 48.75
CA TYR F 308 -23.92 -3.44 50.15
C TYR F 308 -25.21 -2.85 50.61
N THR F 309 -25.73 -3.42 51.70
CA THR F 309 -26.95 -2.95 52.34
C THR F 309 -26.63 -1.71 53.14
N ALA F 310 -27.27 -0.62 52.74
CA ALA F 310 -26.99 0.70 53.26
C ALA F 310 -28.10 1.25 54.17
N CYS F 311 -27.75 2.25 54.97
CA CYS F 311 -28.70 2.91 55.83
C CYS F 311 -29.86 3.55 55.07
N ALA F 312 -31.07 3.23 55.51
CA ALA F 312 -32.30 3.75 54.89
C ALA F 312 -32.55 5.24 55.16
N SER F 313 -31.66 5.87 55.92
CA SER F 313 -31.78 7.29 56.23
C SER F 313 -31.35 8.21 55.10
N GLU F 314 -31.97 9.38 55.14
CA GLU F 314 -31.69 10.51 54.29
C GLU F 314 -30.29 11.03 54.60
N GLY F 315 -29.43 11.02 53.57
CA GLY F 315 -28.07 11.54 53.69
C GLY F 315 -27.05 10.65 54.39
N CYS F 316 -27.46 9.43 54.77
CA CYS F 316 -26.57 8.46 55.44
C CYS F 316 -26.42 7.17 54.64
N ASN F 317 -25.17 6.71 54.54
CA ASN F 317 -24.79 5.61 53.65
C ASN F 317 -24.05 4.45 54.31
N LYS F 318 -23.75 4.58 55.60
CA LYS F 318 -23.09 3.53 56.37
C LYS F 318 -23.67 2.17 56.01
N LYS F 319 -22.85 1.14 56.11
CA LYS F 319 -23.37 -0.23 56.00
C LYS F 319 -24.29 -0.48 57.19
N VAL F 320 -25.39 -1.16 56.93
CA VAL F 320 -26.18 -1.72 57.99
C VAL F 320 -26.09 -3.26 58.01
N ASN F 321 -26.21 -3.83 59.20
CA ASN F 321 -26.23 -5.28 59.44
C ASN F 321 -27.50 -5.74 60.18
N LEU F 322 -27.80 -7.03 60.12
CA LEU F 322 -28.99 -7.54 60.82
C LEU F 322 -28.81 -7.49 62.33
N ASP F 323 -29.88 -7.13 63.06
CA ASP F 323 -29.87 -7.24 64.52
C ASP F 323 -30.67 -8.47 64.98
N HIS F 324 -30.89 -8.62 66.28
CA HIS F 324 -31.49 -9.85 66.80
C HIS F 324 -32.96 -9.98 66.54
N GLU F 325 -33.61 -8.85 66.22
CA GLU F 325 -34.99 -8.87 65.73
C GLU F 325 -35.00 -8.94 64.20
N ASN F 326 -33.84 -9.28 63.64
CA ASN F 326 -33.65 -9.41 62.21
C ASN F 326 -34.05 -8.16 61.41
N ASN F 327 -33.79 -7.00 61.99
CA ASN F 327 -33.95 -5.75 61.28
C ASN F 327 -32.58 -5.18 60.92
N TRP F 328 -32.55 -4.25 59.99
CA TRP F 328 -31.28 -3.71 59.51
C TRP F 328 -30.88 -2.55 60.38
N ARG F 329 -29.67 -2.61 60.92
CA ARG F 329 -29.24 -1.65 61.93
C ARG F 329 -28.02 -0.81 61.57
N CYS F 330 -28.12 0.50 61.82
CA CYS F 330 -27.02 1.44 61.62
C CYS F 330 -26.47 1.89 62.96
N GLU F 331 -25.15 1.78 63.14
CA GLU F 331 -24.49 2.21 64.37
C GLU F 331 -24.54 3.72 64.48
N LYS F 332 -23.91 4.39 63.51
CA LYS F 332 -23.82 5.87 63.43
C LYS F 332 -25.16 6.52 63.80
N CYS F 333 -26.11 6.41 62.87
CA CYS F 333 -27.42 7.02 63.05
C CYS F 333 -28.36 5.98 63.65
N ASP F 334 -28.13 5.77 64.95
CA ASP F 334 -28.66 4.70 65.80
C ASP F 334 -30.15 4.33 65.56
N ARG F 335 -30.43 3.12 65.08
CA ARG F 335 -31.79 2.77 64.66
C ARG F 335 -31.77 1.52 63.79
N SER F 336 -32.97 1.02 63.43
CA SER F 336 -33.15 -0.18 62.59
C SER F 336 -34.25 -0.02 61.54
N TYR F 337 -34.13 -0.78 60.44
CA TYR F 337 -35.12 -0.77 59.34
C TYR F 337 -35.48 -2.17 58.88
N ALA F 338 -36.72 -2.33 58.41
CA ALA F 338 -37.15 -3.55 57.76
C ALA F 338 -36.47 -3.68 56.39
N THR F 339 -36.19 -2.52 55.79
CA THR F 339 -35.65 -2.42 54.44
C THR F 339 -34.30 -1.70 54.38
N PRO F 340 -33.31 -2.35 53.78
CA PRO F 340 -32.09 -1.65 53.47
C PRO F 340 -32.18 -0.99 52.10
N GLU F 341 -31.49 0.14 51.91
CA GLU F 341 -31.16 0.61 50.56
C GLU F 341 -30.00 -0.25 50.03
N TYR F 342 -29.78 -0.20 48.73
CA TYR F 342 -28.63 -0.86 48.16
C TYR F 342 -27.77 0.19 47.48
N ARG F 343 -26.47 0.15 47.74
CA ARG F 343 -25.53 1.14 47.23
C ARG F 343 -24.33 0.44 46.62
N TYR F 344 -23.83 0.94 45.50
CA TYR F 344 -22.74 0.29 44.79
C TYR F 344 -21.36 0.46 45.46
N ILE F 345 -20.60 -0.62 45.40
CA ILE F 345 -19.16 -0.60 45.68
C ILE F 345 -18.44 -1.30 44.51
N LEU F 346 -18.58 -0.71 43.34
CA LEU F 346 -18.15 -1.32 42.09
C LEU F 346 -16.64 -1.57 41.96
N SER F 347 -16.30 -2.83 41.67
CA SER F 347 -14.93 -3.16 41.37
C SER F 347 -14.85 -3.59 39.92
N THR F 348 -14.22 -2.76 39.08
CA THR F 348 -14.18 -3.02 37.63
C THR F 348 -12.78 -3.04 37.01
N ASN F 349 -12.51 -4.08 36.22
CA ASN F 349 -11.25 -4.20 35.50
C ASN F 349 -11.36 -3.58 34.10
N VAL F 350 -10.53 -2.57 33.82
CA VAL F 350 -10.56 -1.87 32.54
C VAL F 350 -9.25 -2.04 31.81
N ALA F 351 -9.31 -2.05 30.47
CA ALA F 351 -8.12 -2.29 29.66
C ALA F 351 -8.02 -1.30 28.53
N ASP F 352 -6.79 -1.09 28.08
CA ASP F 352 -6.53 -0.43 26.82
C ASP F 352 -5.42 -1.21 26.13
N ALA F 353 -4.72 -0.61 25.16
CA ALA F 353 -3.73 -1.34 24.39
C ALA F 353 -2.39 -1.43 25.13
N THR F 354 -2.28 -0.69 26.22
CA THR F 354 -1.03 -0.62 26.98
C THR F 354 -1.07 -1.44 28.24
N GLY F 355 -2.26 -1.91 28.60
CA GLY F 355 -2.44 -2.71 29.80
C GLY F 355 -3.85 -2.77 30.36
N GLN F 356 -3.95 -3.35 31.55
CA GLN F 356 -5.22 -3.59 32.22
C GLN F 356 -5.17 -3.07 33.66
N MET F 357 -6.26 -2.48 34.15
CA MET F 357 -6.23 -1.81 35.43
C MET F 357 -7.55 -1.85 36.18
N TRP F 358 -7.46 -2.00 37.50
CA TRP F 358 -8.64 -2.05 38.37
C TRP F 358 -9.09 -0.72 38.86
N LEU F 359 -10.38 -0.44 38.70
CA LEU F 359 -11.00 0.80 39.17
C LEU F 359 -12.15 0.51 40.10
N SER F 360 -12.32 1.34 41.12
CA SER F 360 -13.51 1.26 41.97
C SER F 360 -14.43 2.45 41.77
N GLY F 361 -15.72 2.17 41.81
CA GLY F 361 -16.76 3.16 41.54
C GLY F 361 -17.84 3.15 42.59
N PHE F 362 -18.42 4.31 42.83
CA PHE F 362 -19.49 4.45 43.80
C PHE F 362 -20.84 4.73 43.15
N ASN F 363 -21.86 4.88 44.00
CA ASN F 363 -23.27 4.81 43.60
C ASN F 363 -23.64 5.53 42.32
N GLU F 364 -23.18 6.78 42.17
CA GLU F 364 -23.54 7.60 41.00
C GLU F 364 -22.98 7.02 39.70
N ASP F 365 -21.65 6.93 39.66
CA ASP F 365 -20.90 6.50 38.48
C ASP F 365 -21.11 5.03 38.13
N ALA F 366 -21.24 4.19 39.14
CA ALA F 366 -21.51 2.78 38.91
C ALA F 366 -22.91 2.51 38.33
N THR F 367 -23.83 3.43 38.57
CA THR F 367 -25.19 3.27 38.04
C THR F 367 -25.24 3.37 36.51
N GLN F 368 -24.56 4.36 35.95
CA GLN F 368 -24.48 4.48 34.50
C GLN F 368 -23.65 3.36 33.89
N LEU F 369 -22.71 2.84 34.66
CA LEU F 369 -21.92 1.73 34.17
C LEU F 369 -22.74 0.46 34.04
N ILE F 370 -23.87 0.42 34.73
CA ILE F 370 -24.76 -0.76 34.72
C ILE F 370 -26.17 -0.42 34.19
N GLY F 371 -26.49 0.87 34.15
CA GLY F 371 -27.73 1.36 33.54
C GLY F 371 -28.87 1.10 34.47
N MET F 372 -28.59 1.12 35.76
CA MET F 372 -29.50 0.59 36.76
C MET F 372 -29.02 0.94 38.15
N SER F 373 -29.92 1.42 38.99
CA SER F 373 -29.60 1.60 40.40
C SER F 373 -29.29 0.25 41.06
N ALA F 374 -28.53 0.27 42.15
CA ALA F 374 -28.20 -0.95 42.87
C ALA F 374 -29.47 -1.68 43.35
N GLY F 375 -30.49 -0.91 43.75
CA GLY F 375 -31.78 -1.46 44.15
C GLY F 375 -32.41 -2.25 43.04
N GLU F 376 -32.41 -1.67 41.84
CA GLU F 376 -32.95 -2.31 40.62
C GLU F 376 -32.19 -3.59 40.29
N LEU F 377 -30.89 -3.57 40.46
CA LEU F 377 -30.05 -4.71 40.20
C LEU F 377 -30.39 -5.86 41.16
N HIS F 378 -30.54 -5.51 42.43
CA HIS F 378 -30.86 -6.45 43.51
C HIS F 378 -32.12 -7.23 43.26
N LYS F 379 -33.18 -6.52 42.90
CA LYS F 379 -34.46 -7.13 42.55
C LYS F 379 -34.30 -8.10 41.38
N LEU F 380 -33.53 -7.69 40.39
CA LEU F 380 -33.25 -8.49 39.20
C LEU F 380 -32.56 -9.80 39.52
N ARG F 381 -31.68 -9.76 40.53
CA ARG F 381 -31.00 -10.95 40.99
C ARG F 381 -31.99 -11.87 41.68
N GLU F 382 -33.00 -11.30 42.32
CA GLU F 382 -33.95 -12.09 43.08
C GLU F 382 -34.89 -12.91 42.21
N GLU F 383 -34.84 -12.68 40.89
CA GLU F 383 -35.71 -13.39 39.96
C GLU F 383 -34.96 -14.43 39.13
N SER F 384 -33.75 -14.09 38.71
CA SER F 384 -32.86 -15.09 38.16
C SER F 384 -31.45 -14.54 38.05
N GLU F 385 -30.49 -15.39 38.40
CA GLU F 385 -29.06 -15.09 38.33
C GLU F 385 -28.71 -14.77 36.88
N SER F 386 -29.36 -15.51 36.00
CA SER F 386 -29.17 -15.39 34.56
C SER F 386 -29.36 -13.97 34.06
N GLU F 387 -30.48 -13.34 34.43
CA GLU F 387 -30.78 -11.99 33.97
C GLU F 387 -29.92 -10.96 34.68
N PHE F 388 -29.47 -11.33 35.88
CA PHE F 388 -28.58 -10.50 36.68
C PHE F 388 -27.15 -10.50 36.11
N SER F 389 -26.68 -11.66 35.65
CA SER F 389 -25.35 -11.72 35.06
C SER F 389 -25.36 -11.16 33.62
N ALA F 390 -26.49 -11.28 32.93
CA ALA F 390 -26.67 -10.66 31.62
C ALA F 390 -26.49 -9.14 31.75
N ALA F 391 -27.06 -8.54 32.81
CA ALA F 391 -26.91 -7.10 33.05
C ALA F 391 -25.42 -6.71 33.20
N LEU F 392 -24.68 -7.55 33.90
CA LEU F 392 -23.26 -7.33 34.13
C LEU F 392 -22.43 -7.63 32.88
N HIS F 393 -22.78 -8.73 32.21
CA HIS F 393 -22.14 -9.14 30.98
C HIS F 393 -22.39 -8.10 29.93
N ARG F 394 -23.58 -7.49 29.96
CA ARG F 394 -23.95 -6.42 29.02
C ARG F 394 -23.20 -5.15 29.31
N ALA F 395 -22.82 -4.94 30.57
CA ALA F 395 -22.17 -3.71 31.02
C ALA F 395 -20.72 -3.62 30.56
N ALA F 396 -20.13 -4.77 30.25
CA ALA F 396 -18.77 -4.81 29.78
C ALA F 396 -18.75 -4.56 28.26
N ASN F 397 -17.56 -4.57 27.65
CA ASN F 397 -17.40 -4.28 26.23
C ASN F 397 -17.93 -2.89 25.87
N ARG F 398 -17.75 -1.95 26.79
CA ARG F 398 -18.16 -0.57 26.59
C ARG F 398 -17.01 0.35 26.97
N MET F 399 -16.93 1.50 26.29
CA MET F 399 -15.77 2.38 26.37
C MET F 399 -16.07 3.73 27.01
N TYR F 400 -15.17 4.19 27.87
CA TYR F 400 -15.44 5.39 28.66
C TYR F 400 -14.24 6.26 28.79
N MET F 401 -14.48 7.54 28.95
CA MET F 401 -13.47 8.43 29.52
C MET F 401 -13.62 8.36 31.02
N PHE F 402 -12.54 8.02 31.71
CA PHE F 402 -12.56 7.90 33.16
C PHE F 402 -11.73 8.99 33.80
N ASN F 403 -12.36 9.75 34.68
CA ASN F 403 -11.64 10.69 35.51
C ASN F 403 -11.38 10.07 36.88
N CYS F 404 -10.11 9.99 37.25
CA CYS F 404 -9.70 9.22 38.43
C CYS F 404 -8.73 9.93 39.36
N ARG F 405 -8.81 9.54 40.63
CA ARG F 405 -7.79 9.84 41.63
C ARG F 405 -7.06 8.53 41.97
N ALA F 406 -5.81 8.65 42.38
CA ALA F 406 -5.04 7.52 42.86
C ALA F 406 -4.42 7.87 44.21
N LYS F 407 -4.65 7.04 45.22
CA LYS F 407 -4.20 7.30 46.58
C LYS F 407 -3.68 6.04 47.26
N MET F 408 -3.02 6.24 48.40
CA MET F 408 -2.49 5.13 49.19
C MET F 408 -3.45 4.67 50.27
N ASP F 409 -3.59 3.36 50.40
CA ASP F 409 -4.52 2.77 51.36
C ASP F 409 -3.88 2.70 52.73
N THR F 410 -4.10 3.74 53.52
CA THR F 410 -3.77 3.75 54.94
C THR F 410 -5.06 3.42 55.68
N PHE F 411 -5.38 2.12 55.68
CA PHE F 411 -6.56 1.58 56.36
C PHE F 411 -6.13 1.00 57.71
N ASN F 412 -5.12 0.14 57.64
CA ASN F 412 -4.29 -0.28 58.76
C ASN F 412 -2.90 -0.48 58.17
N ASP F 413 -2.19 -1.52 58.60
CA ASP F 413 -0.85 -1.80 58.09
C ASP F 413 -0.84 -2.36 56.65
N THR F 414 0.33 -2.30 56.02
CA THR F 414 0.54 -2.67 54.61
C THR F 414 -0.13 -1.72 53.63
N ALA F 415 0.61 -1.34 52.59
CA ALA F 415 0.17 -0.35 51.63
C ALA F 415 -0.22 -0.97 50.29
N ARG F 416 -1.29 -0.45 49.70
CA ARG F 416 -1.74 -0.88 48.39
C ARG F 416 -2.56 0.23 47.75
N VAL F 417 -2.07 0.78 46.63
CA VAL F 417 -2.70 1.90 45.91
C VAL F 417 -4.09 1.55 45.39
N ARG F 418 -5.01 2.50 45.41
CA ARG F 418 -6.32 2.30 44.81
C ARG F 418 -6.70 3.39 43.81
N TYR F 419 -7.43 2.98 42.78
CA TYR F 419 -7.86 3.88 41.73
C TYR F 419 -9.37 4.09 41.83
N THR F 420 -9.77 5.33 42.04
CA THR F 420 -11.17 5.66 42.22
C THR F 420 -11.69 6.45 41.03
N ILE F 421 -12.89 6.09 40.59
CA ILE F 421 -13.56 6.82 39.53
C ILE F 421 -14.31 7.98 40.16
N SER F 422 -13.98 9.21 39.77
CA SER F 422 -14.75 10.38 40.18
C SER F 422 -15.82 10.76 39.16
N ARG F 423 -15.49 10.65 37.87
CA ARG F 423 -16.49 10.72 36.79
C ARG F 423 -16.16 9.74 35.69
N ALA F 424 -17.21 9.14 35.13
CA ALA F 424 -17.05 8.36 33.91
C ALA F 424 -18.00 8.91 32.86
N ALA F 425 -17.45 9.29 31.72
CA ALA F 425 -18.27 9.74 30.60
C ALA F 425 -18.13 8.74 29.46
N PRO F 426 -19.22 8.50 28.71
CA PRO F 426 -19.13 7.61 27.54
C PRO F 426 -18.37 8.30 26.42
N VAL F 427 -17.55 7.55 25.69
CA VAL F 427 -16.71 8.14 24.62
C VAL F 427 -17.53 8.83 23.51
N ASP F 428 -17.08 10.02 23.09
CA ASP F 428 -17.62 10.72 21.93
C ASP F 428 -16.79 10.35 20.70
N PHE F 429 -17.30 9.39 19.95
CA PHE F 429 -16.51 8.78 18.88
C PHE F 429 -15.93 9.73 17.86
N ALA F 430 -16.78 10.62 17.33
CA ALA F 430 -16.35 11.64 16.37
C ALA F 430 -15.15 12.42 16.85
N LYS F 431 -15.25 12.95 18.06
CA LYS F 431 -14.25 13.83 18.57
C LYS F 431 -13.02 13.06 19.05
N ALA F 432 -13.24 11.88 19.66
CA ALA F 432 -12.11 10.99 19.96
C ALA F 432 -11.39 10.63 18.65
N GLY F 433 -12.17 10.48 17.59
CA GLY F 433 -11.64 10.27 16.25
C GLY F 433 -10.68 11.35 15.77
N MET F 434 -11.11 12.62 15.82
CA MET F 434 -10.27 13.70 15.33
C MET F 434 -8.99 13.84 16.12
N GLU F 435 -9.05 13.51 17.41
CA GLU F 435 -7.86 13.47 18.27
C GLU F 435 -6.85 12.49 17.72
N LEU F 436 -7.33 11.28 17.41
CA LEU F 436 -6.50 10.23 16.86
C LEU F 436 -5.93 10.60 15.51
N VAL F 437 -6.71 11.33 14.70
CA VAL F 437 -6.19 11.80 13.41
C VAL F 437 -4.93 12.60 13.66
N ASP F 438 -5.05 13.60 14.55
CA ASP F 438 -3.94 14.49 14.87
C ASP F 438 -2.80 13.64 15.32
N ALA F 439 -3.10 12.61 16.09
CA ALA F 439 -2.05 11.84 16.74
C ALA F 439 -1.31 11.07 15.69
N ILE F 440 -2.06 10.49 14.75
CA ILE F 440 -1.52 9.72 13.65
C ILE F 440 -0.71 10.54 12.65
N ARG F 441 -1.23 11.70 12.24
CA ARG F 441 -0.56 12.54 11.25
C ARG F 441 0.87 12.88 11.69
N ALA F 442 1.10 12.89 13.00
CA ALA F 442 2.40 13.16 13.58
C ALA F 442 3.45 12.07 13.26
N TYR F 443 2.97 10.86 12.94
CA TYR F 443 3.80 9.75 12.47
C TYR F 443 3.87 9.68 10.94
N MET F 444 3.20 10.62 10.27
CA MET F 444 3.24 10.72 8.81
C MET F 444 3.53 12.16 8.42
#